data_9BKI
#
_entry.id   9BKI
#
_cell.length_a   159.270
_cell.length_b   77.380
_cell.length_c   150.400
_cell.angle_alpha   90.000
_cell.angle_beta   97.418
_cell.angle_gamma   90.000
#
_symmetry.space_group_name_H-M   'C 1 2 1'
#
loop_
_entity.id
_entity.type
_entity.pdbx_description
1 polymer 'Rid family protein ACIAD3089'
2 water water
#
_entity_poly.entity_id   1
_entity_poly.type   'polypeptide(L)'
_entity_poly.pdbx_seq_one_letter_code
;MNRDDAFLTVQARLGYDFSGDMKIGGKYTSLIEHAGLAYMSGQIPRVEDKVQVCGKVGFDVDLSQAQLAASISTMRALAI
LKQHYGTLQVVEKVLQMNVFIHSTADFTQQSEVADGASEILYEILGSDTGQHTRTSVSVCQLPKNASVEINFIVALKQNN
GQE
;
_entity_poly.pdbx_strand_id   A,B,C,D,E,F,G,H,I
#
# COMPACT_ATOMS: atom_id res chain seq x y z
N MET A 1 22.78 11.21 -6.37
CA MET A 1 22.97 10.63 -7.70
C MET A 1 22.93 11.68 -8.80
N ASN A 2 23.92 11.67 -9.70
CA ASN A 2 23.96 12.61 -10.81
C ASN A 2 23.41 11.93 -12.06
N ARG A 3 22.16 12.25 -12.39
CA ARG A 3 21.47 11.58 -13.48
C ARG A 3 22.06 11.94 -14.85
N ASP A 4 22.50 13.20 -15.04
CA ASP A 4 23.08 13.58 -16.34
C ASP A 4 24.30 12.73 -16.67
N ASP A 5 25.11 12.40 -15.68
CA ASP A 5 26.30 11.59 -15.95
C ASP A 5 25.92 10.14 -16.19
N ALA A 6 24.92 9.64 -15.44
CA ALA A 6 24.40 8.31 -15.73
C ALA A 6 23.86 8.24 -17.14
N PHE A 7 23.15 9.28 -17.57
CA PHE A 7 22.65 9.34 -18.93
C PHE A 7 23.77 9.23 -19.93
N LEU A 8 24.85 10.02 -19.74
CA LEU A 8 25.94 9.92 -20.71
C LEU A 8 26.55 8.53 -20.76
N THR A 9 26.79 7.93 -19.59
CA THR A 9 27.39 6.60 -19.56
C THR A 9 26.50 5.57 -20.26
N VAL A 10 25.18 5.65 -20.01
CA VAL A 10 24.27 4.69 -20.64
C VAL A 10 24.19 4.94 -22.14
N GLN A 11 24.19 6.20 -22.54
CA GLN A 11 24.26 6.52 -23.96
C GLN A 11 25.49 5.87 -24.61
N ALA A 12 26.64 5.92 -23.94
CA ALA A 12 27.83 5.29 -24.49
C ALA A 12 27.64 3.79 -24.58
N ARG A 13 27.04 3.17 -23.56
CA ARG A 13 26.86 1.72 -23.63
C ARG A 13 25.94 1.34 -24.77
N LEU A 14 24.89 2.13 -25.02
CA LEU A 14 23.94 1.78 -26.08
C LEU A 14 24.46 2.09 -27.48
N GLY A 15 25.44 2.99 -27.63
CA GLY A 15 26.01 3.26 -28.92
C GLY A 15 25.23 4.19 -29.82
N TYR A 16 24.38 5.04 -29.27
CA TYR A 16 23.66 6.03 -30.05
C TYR A 16 23.94 7.40 -29.49
N ASP A 17 23.66 8.43 -30.29
CA ASP A 17 23.97 9.81 -29.93
C ASP A 17 22.65 10.54 -29.72
N PHE A 18 22.20 10.57 -28.48
CA PHE A 18 20.93 11.24 -28.19
C PHE A 18 21.11 12.73 -27.99
N SER A 19 22.30 13.24 -28.28
CA SER A 19 22.67 14.62 -27.97
C SER A 19 22.88 15.47 -29.23
N THR A 29 4.57 19.67 -30.90
CA THR A 29 5.36 19.86 -29.69
C THR A 29 5.68 18.55 -28.97
N SER A 30 6.90 18.42 -28.49
CA SER A 30 7.33 17.21 -27.80
C SER A 30 6.91 17.18 -26.33
N LEU A 31 6.81 18.33 -25.68
CA LEU A 31 6.63 18.37 -24.23
C LEU A 31 5.78 19.55 -23.85
N ILE A 32 4.85 19.36 -22.92
CA ILE A 32 4.05 20.49 -22.39
C ILE A 32 3.92 20.31 -20.89
N GLU A 33 4.15 21.38 -20.15
CA GLU A 33 4.05 21.32 -18.69
C GLU A 33 2.78 22.02 -18.22
N HIS A 34 2.18 21.46 -17.19
CA HIS A 34 1.03 22.06 -16.53
C HIS A 34 0.96 21.52 -15.12
N ALA A 35 0.83 22.42 -14.14
CA ALA A 35 0.66 22.07 -12.73
C ALA A 35 1.73 21.09 -12.24
N GLY A 36 2.97 21.29 -12.70
CA GLY A 36 4.07 20.44 -12.30
C GLY A 36 4.21 19.11 -13.04
N LEU A 37 3.41 18.89 -14.08
CA LEU A 37 3.48 17.66 -14.86
C LEU A 37 3.97 17.99 -16.26
N ALA A 38 4.87 17.16 -16.76
CA ALA A 38 5.29 17.23 -18.14
C ALA A 38 4.61 16.08 -18.88
N TYR A 39 3.76 16.45 -19.83
CA TYR A 39 3.15 15.51 -20.75
C TYR A 39 4.09 15.43 -21.94
N MET A 40 4.40 14.21 -22.39
CA MET A 40 5.36 14.03 -23.47
C MET A 40 4.72 13.26 -24.62
N SER A 41 4.97 13.73 -25.84
CA SER A 41 4.53 13.05 -27.05
C SER A 41 5.14 11.65 -27.15
N GLY A 42 4.48 10.79 -27.91
CA GLY A 42 5.02 9.47 -28.16
C GLY A 42 6.37 9.55 -28.86
N GLN A 43 7.28 8.66 -28.46
CA GLN A 43 8.63 8.63 -29.02
C GLN A 43 8.88 7.30 -29.70
N ILE A 44 9.23 7.35 -30.99
CA ILE A 44 9.67 6.17 -31.73
C ILE A 44 11.20 6.12 -31.65
N PRO A 45 11.84 4.99 -31.96
CA PRO A 45 13.30 4.93 -31.71
C PRO A 45 14.11 5.70 -32.75
N ARG A 46 13.95 7.02 -32.71
CA ARG A 46 14.63 7.92 -33.62
C ARG A 46 15.76 8.63 -32.90
N VAL A 47 16.98 8.37 -33.34
CA VAL A 47 18.17 9.07 -32.89
C VAL A 47 18.92 9.52 -34.14
N GLU A 48 19.55 10.68 -34.05
CA GLU A 48 19.88 11.56 -35.17
C GLU A 48 18.53 11.80 -35.84
N ASP A 49 18.40 11.66 -37.15
CA ASP A 49 17.10 11.73 -37.82
C ASP A 49 16.69 10.43 -38.50
N LYS A 50 17.09 9.27 -37.95
CA LYS A 50 16.74 7.99 -38.57
C LYS A 50 16.06 7.15 -37.50
N VAL A 51 15.06 6.38 -37.92
CA VAL A 51 14.40 5.42 -37.04
C VAL A 51 15.25 4.16 -36.96
N GLN A 52 15.62 3.77 -35.74
CA GLN A 52 16.70 2.81 -35.62
C GLN A 52 16.25 1.36 -35.79
N VAL A 53 15.14 0.95 -35.18
CA VAL A 53 14.82 -0.47 -35.19
C VAL A 53 13.45 -0.68 -35.80
N CYS A 54 13.40 -0.72 -37.12
CA CYS A 54 12.13 -0.82 -37.82
C CYS A 54 11.73 -2.27 -38.06
N GLY A 55 10.43 -2.49 -38.13
CA GLY A 55 9.90 -3.80 -38.44
C GLY A 55 8.90 -4.24 -37.41
N LYS A 56 8.45 -5.47 -37.59
CA LYS A 56 7.38 -6.04 -36.79
C LYS A 56 7.97 -7.01 -35.77
N VAL A 57 7.82 -6.68 -34.48
CA VAL A 57 8.34 -7.55 -33.43
C VAL A 57 7.66 -8.90 -33.53
N GLY A 58 8.46 -9.96 -33.50
CA GLY A 58 7.96 -11.29 -33.75
C GLY A 58 8.00 -11.72 -35.20
N PHE A 59 8.46 -10.85 -36.09
CA PHE A 59 8.57 -11.17 -37.52
C PHE A 59 9.94 -10.75 -38.05
N ASP A 60 10.16 -9.43 -38.16
CA ASP A 60 11.42 -8.81 -38.58
C ASP A 60 12.34 -8.54 -37.42
N VAL A 61 11.79 -8.49 -36.21
CA VAL A 61 12.45 -7.92 -35.05
C VAL A 61 12.24 -8.89 -33.90
N ASP A 62 13.31 -9.28 -33.25
CA ASP A 62 13.23 -10.24 -32.17
C ASP A 62 13.17 -9.50 -30.83
N LEU A 63 13.06 -10.27 -29.75
CA LEU A 63 12.82 -9.70 -28.44
C LEU A 63 13.93 -8.74 -28.03
N SER A 64 15.19 -9.15 -28.25
CA SER A 64 16.34 -8.36 -27.83
C SER A 64 16.39 -7.01 -28.54
N GLN A 65 16.09 -7.01 -29.83
CA GLN A 65 16.02 -5.78 -30.61
C GLN A 65 14.82 -4.93 -30.21
N ALA A 66 13.70 -5.57 -29.85
CA ALA A 66 12.55 -4.82 -29.38
C ALA A 66 12.88 -4.10 -28.08
N GLN A 67 13.62 -4.76 -27.20
CA GLN A 67 14.06 -4.12 -25.97
C GLN A 67 15.02 -2.99 -26.24
N LEU A 68 15.91 -3.17 -27.21
CA LEU A 68 16.77 -2.06 -27.60
C LEU A 68 15.96 -0.88 -28.10
N ALA A 69 14.94 -1.13 -28.94
CA ALA A 69 14.09 -0.07 -29.46
C ALA A 69 13.37 0.67 -28.32
N ALA A 70 12.84 -0.08 -27.35
CA ALA A 70 12.19 0.55 -26.18
C ALA A 70 13.19 1.40 -25.40
N SER A 71 14.45 0.93 -25.31
CA SER A 71 15.50 1.71 -24.66
C SER A 71 15.77 3.01 -25.40
N ILE A 72 15.85 2.96 -26.74
CA ILE A 72 16.11 4.17 -27.52
C ILE A 72 14.99 5.18 -27.33
N SER A 73 13.73 4.72 -27.37
CA SER A 73 12.62 5.64 -27.16
C SER A 73 12.70 6.31 -25.79
N THR A 74 13.03 5.54 -24.75
CA THR A 74 13.11 6.13 -23.43
C THR A 74 14.24 7.13 -23.33
N MET A 75 15.40 6.78 -23.89
CA MET A 75 16.54 7.68 -23.91
C MET A 75 16.18 9.00 -24.59
N ARG A 76 15.44 8.92 -25.71
CA ARG A 76 14.98 10.12 -26.41
C ARG A 76 14.08 10.98 -25.51
N ALA A 77 13.15 10.37 -24.79
CA ALA A 77 12.33 11.17 -23.89
C ALA A 77 13.18 11.81 -22.79
N LEU A 78 14.12 11.07 -22.22
CA LEU A 78 14.98 11.66 -21.19
C LEU A 78 15.79 12.81 -21.75
N ALA A 79 16.30 12.69 -22.97
CA ALA A 79 17.04 13.77 -23.60
C ALA A 79 16.16 14.99 -23.79
N ILE A 80 14.90 14.78 -24.19
CA ILE A 80 13.99 15.92 -24.36
C ILE A 80 13.79 16.62 -23.03
N LEU A 81 13.61 15.85 -21.94
CA LEU A 81 13.50 16.42 -20.60
C LEU A 81 14.75 17.24 -20.25
N LYS A 82 15.94 16.67 -20.46
CA LYS A 82 17.17 17.34 -20.07
C LYS A 82 17.38 18.62 -20.87
N GLN A 83 17.14 18.57 -22.18
CA GLN A 83 17.32 19.78 -22.97
C GLN A 83 16.28 20.84 -22.63
N HIS A 84 15.07 20.44 -22.23
CA HIS A 84 14.05 21.43 -21.90
C HIS A 84 14.28 22.06 -20.52
N TYR A 85 14.85 21.32 -19.57
CA TYR A 85 15.03 21.83 -18.21
C TYR A 85 16.47 21.92 -17.77
N GLY A 86 17.42 21.57 -18.62
CA GLY A 86 18.84 21.70 -18.29
C GLY A 86 19.42 20.48 -17.59
N THR A 87 18.63 19.84 -16.72
CA THR A 87 19.12 18.70 -15.97
C THR A 87 17.98 17.74 -15.69
N LEU A 88 18.31 16.45 -15.62
CA LEU A 88 17.36 15.44 -15.20
C LEU A 88 17.08 15.46 -13.70
N GLN A 89 17.76 16.34 -12.95
CA GLN A 89 17.47 16.43 -11.52
C GLN A 89 16.07 16.97 -11.27
N VAL A 90 15.43 17.56 -12.28
CA VAL A 90 14.08 18.12 -12.15
C VAL A 90 13.00 17.03 -12.05
N VAL A 91 13.32 15.80 -12.44
CA VAL A 91 12.33 14.72 -12.42
C VAL A 91 12.08 14.28 -10.99
N GLU A 92 10.81 14.32 -10.57
CA GLU A 92 10.45 13.74 -9.28
C GLU A 92 9.95 12.30 -9.42
N LYS A 93 9.16 12.01 -10.45
CA LYS A 93 8.60 10.68 -10.63
C LYS A 93 8.09 10.55 -12.05
N VAL A 94 8.22 9.37 -12.62
CA VAL A 94 7.65 9.08 -13.93
C VAL A 94 6.28 8.48 -13.64
N LEU A 95 5.22 9.29 -13.72
CA LEU A 95 3.91 8.82 -13.30
C LEU A 95 3.40 7.72 -14.20
N GLN A 96 3.62 7.85 -15.50
CA GLN A 96 3.00 6.90 -16.40
C GLN A 96 3.83 6.73 -17.66
N MET A 97 3.97 5.48 -18.10
CA MET A 97 4.67 5.16 -19.35
C MET A 97 3.80 4.19 -20.13
N ASN A 98 3.40 4.59 -21.34
CA ASN A 98 2.57 3.75 -22.20
C ASN A 98 3.43 3.30 -23.38
N VAL A 99 3.51 1.98 -23.55
CA VAL A 99 4.38 1.31 -24.50
C VAL A 99 3.50 0.61 -25.53
N PHE A 100 3.65 1.00 -26.79
CA PHE A 100 2.93 0.41 -27.91
C PHE A 100 3.93 -0.35 -28.77
N ILE A 101 3.67 -1.63 -29.03
CA ILE A 101 4.65 -2.48 -29.69
C ILE A 101 4.06 -2.95 -31.01
N HIS A 102 4.72 -2.61 -32.10
CA HIS A 102 4.33 -3.06 -33.44
C HIS A 102 4.76 -4.52 -33.55
N SER A 103 3.80 -5.45 -33.47
CA SER A 103 4.11 -6.87 -33.38
C SER A 103 3.13 -7.70 -34.19
N THR A 104 3.45 -9.00 -34.32
CA THR A 104 2.57 -9.99 -34.90
C THR A 104 1.46 -10.36 -33.92
N ALA A 105 0.51 -11.18 -34.39
CA ALA A 105 -0.60 -11.66 -33.57
C ALA A 105 -0.23 -12.83 -32.68
N ASP A 106 1.02 -13.30 -32.73
CA ASP A 106 1.48 -14.39 -31.88
C ASP A 106 2.41 -13.93 -30.77
N PHE A 107 2.88 -12.69 -30.83
CA PHE A 107 3.83 -12.18 -29.86
C PHE A 107 3.12 -11.91 -28.52
N THR A 108 3.65 -12.48 -27.43
CA THR A 108 3.04 -12.34 -26.11
C THR A 108 4.02 -11.81 -25.07
N GLN A 109 5.18 -11.31 -25.49
CA GLN A 109 6.19 -10.86 -24.53
C GLN A 109 6.23 -9.34 -24.42
N GLN A 110 5.06 -8.70 -24.40
CA GLN A 110 5.03 -7.24 -24.29
C GLN A 110 5.72 -6.76 -23.02
N SER A 111 5.58 -7.49 -21.91
CA SER A 111 6.20 -7.06 -20.66
C SER A 111 7.71 -7.05 -20.80
N GLU A 112 8.25 -8.07 -21.46
CA GLU A 112 9.70 -8.13 -21.58
C GLU A 112 10.22 -7.01 -22.48
N VAL A 113 9.47 -6.62 -23.51
CA VAL A 113 9.88 -5.46 -24.30
C VAL A 113 9.85 -4.20 -23.42
N ALA A 114 8.75 -4.01 -22.69
CA ALA A 114 8.62 -2.82 -21.84
C ALA A 114 9.71 -2.74 -20.77
N ASP A 115 10.22 -3.90 -20.32
CA ASP A 115 11.35 -3.90 -19.39
C ASP A 115 12.55 -3.16 -19.97
N GLY A 116 12.70 -3.17 -21.30
CA GLY A 116 13.78 -2.40 -21.90
C GLY A 116 13.71 -0.92 -21.56
N ALA A 117 12.50 -0.36 -21.53
CA ALA A 117 12.35 1.04 -21.15
C ALA A 117 12.50 1.23 -19.65
N SER A 118 11.85 0.33 -18.88
CA SER A 118 11.88 0.43 -17.43
C SER A 118 13.30 0.43 -16.88
N GLU A 119 14.16 -0.43 -17.44
CA GLU A 119 15.52 -0.58 -16.94
C GLU A 119 16.37 0.67 -17.20
N ILE A 120 16.18 1.33 -18.35
CA ILE A 120 16.82 2.62 -18.59
C ILE A 120 16.41 3.62 -17.53
N LEU A 121 15.09 3.67 -17.24
CA LEU A 121 14.65 4.60 -16.21
C LEU A 121 15.34 4.31 -14.89
N TYR A 122 15.43 3.03 -14.51
CA TYR A 122 16.06 2.70 -13.23
C TYR A 122 17.53 3.07 -13.24
N GLU A 123 18.26 2.73 -14.31
CA GLU A 123 19.70 3.01 -14.36
C GLU A 123 19.99 4.50 -14.29
N ILE A 124 19.14 5.33 -14.90
CA ILE A 124 19.44 6.75 -14.96
C ILE A 124 18.82 7.53 -13.80
N LEU A 125 17.62 7.18 -13.35
CA LEU A 125 16.93 7.96 -12.32
C LEU A 125 16.99 7.34 -10.94
N GLY A 126 17.47 6.09 -10.81
CA GLY A 126 17.47 5.46 -9.51
C GLY A 126 16.22 4.64 -9.29
N SER A 127 16.32 3.76 -8.29
CA SER A 127 15.21 2.88 -7.95
C SER A 127 14.02 3.65 -7.38
N ASP A 128 14.22 4.88 -6.90
CA ASP A 128 13.11 5.65 -6.33
C ASP A 128 12.43 6.49 -7.40
N THR A 129 13.14 7.51 -7.91
CA THR A 129 12.58 8.41 -8.89
C THR A 129 12.21 7.69 -10.19
N GLY A 130 12.85 6.55 -10.49
CA GLY A 130 12.52 5.85 -11.70
C GLY A 130 11.30 4.96 -11.66
N GLN A 131 10.63 4.88 -10.51
CA GLN A 131 9.44 4.07 -10.41
C GLN A 131 8.34 4.70 -11.26
N HIS A 132 7.49 3.84 -11.84
CA HIS A 132 6.52 4.26 -12.81
C HIS A 132 5.42 3.22 -12.92
N THR A 133 4.21 3.69 -13.25
CA THR A 133 3.20 2.78 -13.74
C THR A 133 3.41 2.60 -15.25
N ARG A 134 2.82 1.53 -15.78
CA ARG A 134 3.15 1.12 -17.13
C ARG A 134 1.97 0.39 -17.74
N THR A 135 1.80 0.58 -19.05
CA THR A 135 0.87 -0.17 -19.86
C THR A 135 1.63 -0.57 -21.11
N SER A 136 1.39 -1.79 -21.60
CA SER A 136 2.18 -2.35 -22.69
C SER A 136 1.26 -3.18 -23.57
N VAL A 137 1.01 -2.75 -24.80
CA VAL A 137 0.09 -3.45 -25.69
C VAL A 137 0.71 -3.56 -27.07
N SER A 138 0.23 -4.53 -27.85
CA SER A 138 0.71 -4.69 -29.22
C SER A 138 -0.24 -3.95 -30.15
N VAL A 139 0.33 -3.20 -31.08
CA VAL A 139 -0.42 -2.47 -32.08
C VAL A 139 -0.06 -2.99 -33.45
N CYS A 140 -0.89 -2.60 -34.41
CA CYS A 140 -0.84 -3.13 -35.78
C CYS A 140 0.22 -2.43 -36.64
N GLN A 141 0.57 -1.19 -36.34
CA GLN A 141 1.60 -0.46 -37.06
C GLN A 141 1.88 0.82 -36.28
N LEU A 142 3.00 1.45 -36.62
CA LEU A 142 3.47 2.64 -35.92
C LEU A 142 4.06 3.60 -36.97
N PRO A 143 4.15 4.88 -36.63
CA PRO A 143 4.74 5.84 -37.59
C PRO A 143 6.05 5.36 -38.15
N LYS A 144 6.18 5.45 -39.47
CA LYS A 144 7.43 5.16 -40.16
C LYS A 144 7.88 3.73 -39.91
N ASN A 145 6.93 2.81 -39.73
CA ASN A 145 7.21 1.37 -39.56
C ASN A 145 8.08 1.09 -38.34
N ALA A 146 8.02 1.96 -37.33
CA ALA A 146 8.76 1.74 -36.11
C ALA A 146 8.27 0.49 -35.39
N SER A 147 9.14 -0.07 -34.54
CA SER A 147 8.78 -1.27 -33.81
C SER A 147 8.20 -0.99 -32.44
N VAL A 148 8.51 0.15 -31.83
CA VAL A 148 8.02 0.51 -30.48
C VAL A 148 7.77 2.00 -30.47
N GLU A 149 6.73 2.43 -29.74
CA GLU A 149 6.48 3.84 -29.48
C GLU A 149 6.03 4.02 -28.03
N ILE A 150 6.55 5.05 -27.36
CA ILE A 150 6.34 5.18 -25.93
C ILE A 150 6.02 6.62 -25.59
N ASN A 151 4.95 6.86 -24.81
CA ASN A 151 4.73 8.18 -24.26
C ASN A 151 4.78 8.16 -22.73
N PHE A 152 4.90 9.35 -22.15
CA PHE A 152 5.20 9.54 -20.73
C PHE A 152 4.38 10.68 -20.15
N ILE A 153 4.05 10.51 -18.88
CA ILE A 153 3.68 11.62 -17.98
C ILE A 153 4.65 11.62 -16.81
N VAL A 154 5.29 12.76 -16.60
CA VAL A 154 6.40 12.89 -15.66
C VAL A 154 6.08 14.00 -14.68
N ALA A 155 6.19 13.71 -13.37
CA ALA A 155 6.07 14.76 -12.38
C ALA A 155 7.41 15.45 -12.17
N LEU A 156 7.37 16.77 -11.98
CA LEU A 156 8.57 17.57 -11.79
C LEU A 156 8.69 18.06 -10.36
N LYS A 157 9.91 18.23 -9.88
CA LYS A 157 10.10 19.04 -8.69
C LYS A 157 10.18 20.49 -9.14
N GLN A 158 9.59 21.39 -8.37
CA GLN A 158 9.73 22.81 -8.72
C GLN A 158 9.35 23.65 -7.50
N ASN B 2 -11.65 35.43 -31.90
CA ASN B 2 -12.85 34.72 -31.43
C ASN B 2 -12.82 33.26 -31.87
N ARG B 3 -12.51 32.37 -30.93
CA ARG B 3 -12.34 30.97 -31.27
C ARG B 3 -13.66 30.34 -31.72
N ASP B 4 -14.78 30.72 -31.10
CA ASP B 4 -16.07 30.17 -31.52
C ASP B 4 -16.37 30.47 -32.99
N ASP B 5 -15.94 31.63 -33.49
CA ASP B 5 -16.22 31.98 -34.87
C ASP B 5 -15.29 31.23 -35.81
N ALA B 6 -14.03 31.05 -35.42
CA ALA B 6 -13.15 30.16 -36.18
C ALA B 6 -13.73 28.74 -36.23
N PHE B 7 -14.32 28.29 -35.13
CA PHE B 7 -14.99 27.00 -35.10
C PHE B 7 -16.06 26.92 -36.18
N LEU B 8 -16.95 27.90 -36.23
CA LEU B 8 -18.01 27.91 -37.23
C LEU B 8 -17.43 27.94 -38.65
N THR B 9 -16.39 28.74 -38.86
CA THR B 9 -15.76 28.84 -40.17
C THR B 9 -15.20 27.50 -40.63
N VAL B 10 -14.44 26.83 -39.77
CA VAL B 10 -13.80 25.58 -40.14
C VAL B 10 -14.83 24.47 -40.33
N GLN B 11 -15.85 24.41 -39.48
CA GLN B 11 -16.88 23.41 -39.71
C GLN B 11 -17.49 23.60 -41.10
N ALA B 12 -17.72 24.85 -41.50
CA ALA B 12 -18.19 25.08 -42.86
C ALA B 12 -17.18 24.61 -43.89
N ARG B 13 -15.89 24.86 -43.63
CA ARG B 13 -14.89 24.41 -44.58
C ARG B 13 -14.95 22.89 -44.76
N LEU B 14 -15.27 22.16 -43.70
CA LEU B 14 -15.38 20.71 -43.80
C LEU B 14 -16.69 20.26 -44.42
N GLY B 15 -17.73 21.09 -44.36
CA GLY B 15 -19.00 20.66 -44.91
C GLY B 15 -19.80 19.80 -43.97
N TYR B 16 -19.53 19.88 -42.68
CA TYR B 16 -20.28 19.15 -41.66
C TYR B 16 -20.78 20.18 -40.66
N ASP B 17 -21.82 19.82 -39.90
CA ASP B 17 -22.42 20.77 -38.96
C ASP B 17 -22.56 20.12 -37.59
N PHE B 18 -21.61 20.42 -36.70
CA PHE B 18 -21.60 19.82 -35.37
C PHE B 18 -22.52 20.60 -34.45
N SER B 19 -23.59 19.96 -33.97
CA SER B 19 -24.55 20.62 -33.08
C SER B 19 -25.52 19.62 -32.42
N THR B 29 -19.82 8.67 -19.71
CA THR B 29 -19.79 10.12 -19.80
C THR B 29 -18.70 10.61 -20.76
N SER B 30 -18.98 11.66 -21.55
CA SER B 30 -18.02 12.17 -22.52
C SER B 30 -16.95 13.07 -21.92
N LEU B 31 -17.21 13.73 -20.78
CA LEU B 31 -16.26 14.69 -20.24
C LEU B 31 -16.36 14.71 -18.72
N ILE B 32 -15.21 14.75 -18.05
CA ILE B 32 -15.15 14.91 -16.60
C ILE B 32 -14.05 15.91 -16.25
N GLU B 33 -14.36 16.87 -15.38
CA GLU B 33 -13.37 17.85 -14.98
C GLU B 33 -12.82 17.57 -13.58
N HIS B 34 -11.52 17.80 -13.40
CA HIS B 34 -10.92 17.70 -12.08
C HIS B 34 -9.67 18.56 -12.04
N ALA B 35 -9.59 19.42 -11.02
CA ALA B 35 -8.42 20.27 -10.75
C ALA B 35 -8.00 21.06 -11.98
N GLY B 36 -8.98 21.58 -12.72
CA GLY B 36 -8.69 22.40 -13.88
C GLY B 36 -8.38 21.64 -15.15
N LEU B 37 -8.50 20.32 -15.16
CA LEU B 37 -8.29 19.53 -16.36
C LEU B 37 -9.58 18.84 -16.78
N ALA B 38 -9.86 18.85 -18.07
CA ALA B 38 -10.97 18.11 -18.65
C ALA B 38 -10.42 16.85 -19.29
N TYR B 39 -10.85 15.69 -18.79
CA TYR B 39 -10.57 14.40 -19.40
C TYR B 39 -11.73 14.11 -20.34
N MET B 40 -11.43 13.70 -21.58
CA MET B 40 -12.47 13.48 -22.57
C MET B 40 -12.41 12.06 -23.10
N SER B 41 -13.57 11.40 -23.19
CA SER B 41 -13.66 10.09 -23.78
C SER B 41 -13.21 10.11 -25.24
N GLY B 42 -12.78 8.96 -25.74
CA GLY B 42 -12.42 8.86 -27.14
C GLY B 42 -13.60 9.20 -28.03
N GLN B 43 -13.31 9.89 -29.14
CA GLN B 43 -14.34 10.37 -30.06
C GLN B 43 -14.11 9.77 -31.44
N ILE B 44 -15.11 9.08 -31.97
CA ILE B 44 -15.06 8.61 -33.34
C ILE B 44 -15.72 9.66 -34.23
N PRO B 45 -15.54 9.62 -35.59
CA PRO B 45 -16.05 10.70 -36.44
C PRO B 45 -17.55 10.70 -36.66
N ARG B 46 -18.28 11.04 -35.61
CA ARG B 46 -19.73 11.07 -35.62
C ARG B 46 -20.21 12.52 -35.72
N VAL B 47 -21.20 12.74 -36.58
CA VAL B 47 -21.79 14.08 -36.71
C VAL B 47 -23.28 14.04 -36.42
N GLU B 48 -23.63 13.63 -35.19
CA GLU B 48 -24.97 13.24 -34.74
C GLU B 48 -25.91 12.74 -35.84
N ASP B 49 -25.29 12.38 -36.97
CA ASP B 49 -25.94 11.71 -38.08
C ASP B 49 -25.43 10.29 -37.86
N LYS B 50 -24.25 9.98 -38.38
CA LYS B 50 -23.58 8.77 -37.91
C LYS B 50 -22.06 8.96 -38.09
N VAL B 51 -21.34 7.85 -38.03
CA VAL B 51 -19.89 7.85 -38.18
C VAL B 51 -19.55 8.10 -39.63
N GLN B 52 -18.75 9.13 -39.87
CA GLN B 52 -18.63 9.69 -41.22
C GLN B 52 -17.63 8.93 -42.08
N VAL B 53 -16.47 8.55 -41.54
CA VAL B 53 -15.49 7.94 -42.42
C VAL B 53 -15.12 6.58 -41.88
N CYS B 54 -15.95 5.58 -42.16
CA CYS B 54 -15.74 4.25 -41.59
C CYS B 54 -14.86 3.44 -42.52
N GLY B 55 -14.09 2.52 -41.93
CA GLY B 55 -13.27 1.60 -42.67
C GLY B 55 -11.84 1.58 -42.16
N LYS B 56 -11.01 0.80 -42.87
CA LYS B 56 -9.63 0.54 -42.50
C LYS B 56 -8.71 1.40 -43.38
N VAL B 57 -8.00 2.34 -42.75
CA VAL B 57 -7.10 3.23 -43.49
C VAL B 57 -6.03 2.42 -44.21
N GLY B 58 -5.84 2.70 -45.48
CA GLY B 58 -4.96 1.91 -46.32
C GLY B 58 -5.65 0.76 -47.04
N PHE B 59 -6.96 0.59 -46.85
CA PHE B 59 -7.75 -0.46 -47.49
C PHE B 59 -8.98 0.21 -48.10
N ASP B 60 -9.89 0.62 -47.22
CA ASP B 60 -11.16 1.32 -47.46
C ASP B 60 -11.06 2.83 -47.50
N VAL B 61 -10.03 3.38 -46.89
CA VAL B 61 -9.97 4.79 -46.56
C VAL B 61 -8.57 5.26 -46.91
N ASP B 62 -8.47 6.33 -47.69
CA ASP B 62 -7.15 6.78 -48.09
C ASP B 62 -6.69 7.86 -47.11
N LEU B 63 -5.47 8.36 -47.32
CA LEU B 63 -4.88 9.29 -46.36
C LEU B 63 -5.78 10.51 -46.17
N SER B 64 -6.30 11.06 -47.27
CA SER B 64 -7.11 12.27 -47.24
C SER B 64 -8.40 12.08 -46.45
N GLN B 65 -9.06 10.94 -46.65
CA GLN B 65 -10.27 10.65 -45.89
C GLN B 65 -9.97 10.42 -44.41
N ALA B 66 -8.84 9.79 -44.10
CA ALA B 66 -8.45 9.61 -42.70
C ALA B 66 -8.14 10.94 -42.01
N GLN B 67 -7.46 11.87 -42.72
CA GLN B 67 -7.23 13.21 -42.18
C GLN B 67 -8.54 13.93 -41.95
N LEU B 68 -9.49 13.76 -42.87
CA LEU B 68 -10.82 14.31 -42.62
C LEU B 68 -11.46 13.69 -41.39
N ALA B 69 -11.35 12.38 -41.23
CA ALA B 69 -11.94 11.71 -40.06
C ALA B 69 -11.35 12.23 -38.76
N ALA B 70 -10.03 12.38 -38.72
CA ALA B 70 -9.39 12.94 -37.53
C ALA B 70 -9.87 14.37 -37.28
N SER B 71 -10.08 15.14 -38.35
CA SER B 71 -10.62 16.49 -38.20
C SER B 71 -12.01 16.45 -37.60
N ILE B 72 -12.85 15.53 -38.06
CA ILE B 72 -14.21 15.45 -37.52
C ILE B 72 -14.17 15.04 -36.05
N SER B 73 -13.32 14.07 -35.69
CA SER B 73 -13.23 13.68 -34.28
C SER B 73 -12.83 14.85 -33.40
N THR B 74 -11.84 15.63 -33.85
CA THR B 74 -11.40 16.79 -33.07
C THR B 74 -12.50 17.83 -32.97
N MET B 75 -13.16 18.13 -34.09
CA MET B 75 -14.24 19.10 -34.09
C MET B 75 -15.33 18.69 -33.12
N ARG B 76 -15.66 17.40 -33.10
CA ARG B 76 -16.64 16.88 -32.14
C ARG B 76 -16.18 17.13 -30.70
N ALA B 77 -14.90 16.89 -30.41
CA ALA B 77 -14.42 17.14 -29.06
C ALA B 77 -14.56 18.62 -28.69
N LEU B 78 -14.18 19.50 -29.61
CA LEU B 78 -14.31 20.93 -29.38
C LEU B 78 -15.78 21.32 -29.14
N ALA B 79 -16.69 20.74 -29.92
CA ALA B 79 -18.10 21.04 -29.74
C ALA B 79 -18.60 20.59 -28.38
N ILE B 80 -18.15 19.43 -27.92
CA ILE B 80 -18.56 18.96 -26.60
C ILE B 80 -18.05 19.93 -25.53
N LEU B 81 -16.80 20.39 -25.66
CA LEU B 81 -16.24 21.37 -24.74
C LEU B 81 -17.07 22.65 -24.71
N LYS B 82 -17.40 23.18 -25.90
CA LYS B 82 -18.15 24.42 -26.02
C LYS B 82 -19.51 24.29 -25.39
N GLN B 83 -20.19 23.17 -25.66
CA GLN B 83 -21.52 22.98 -25.11
C GLN B 83 -21.46 22.89 -23.59
N HIS B 84 -20.39 22.32 -23.04
CA HIS B 84 -20.30 22.18 -21.61
C HIS B 84 -19.89 23.49 -20.91
N TYR B 85 -19.10 24.34 -21.57
CA TYR B 85 -18.60 25.54 -20.93
C TYR B 85 -19.06 26.84 -21.57
N GLY B 86 -19.88 26.78 -22.61
CA GLY B 86 -20.43 27.96 -23.24
C GLY B 86 -19.56 28.56 -24.31
N THR B 87 -18.25 28.52 -24.12
CA THR B 87 -17.34 29.11 -25.09
C THR B 87 -16.03 28.33 -25.11
N LEU B 88 -15.39 28.30 -26.27
CA LEU B 88 -14.05 27.74 -26.36
C LEU B 88 -13.00 28.64 -25.74
N GLN B 89 -13.38 29.79 -25.19
CA GLN B 89 -12.38 30.62 -24.53
C GLN B 89 -11.86 29.99 -23.25
N VAL B 90 -12.58 28.99 -22.70
CA VAL B 90 -12.15 28.32 -21.48
C VAL B 90 -10.91 27.45 -21.70
N VAL B 91 -10.57 27.12 -22.95
CA VAL B 91 -9.45 26.23 -23.20
C VAL B 91 -8.14 26.98 -22.95
N GLU B 92 -7.33 26.47 -22.03
CA GLU B 92 -6.01 27.01 -21.76
C GLU B 92 -4.91 26.32 -22.58
N LYS B 93 -4.96 25.00 -22.72
CA LYS B 93 -3.96 24.23 -23.46
C LYS B 93 -4.59 22.87 -23.71
N VAL B 94 -4.31 22.27 -24.86
CA VAL B 94 -4.68 20.87 -25.08
C VAL B 94 -3.43 20.10 -24.68
N LEU B 95 -3.43 19.59 -23.44
CA LEU B 95 -2.21 18.98 -22.90
C LEU B 95 -1.85 17.71 -23.67
N GLN B 96 -2.85 16.89 -24.02
CA GLN B 96 -2.53 15.60 -24.62
C GLN B 96 -3.63 15.19 -25.59
N MET B 97 -3.24 14.66 -26.74
CA MET B 97 -4.17 14.14 -27.73
C MET B 97 -3.67 12.79 -28.21
N ASN B 98 -4.48 11.74 -27.99
CA ASN B 98 -4.10 10.39 -28.41
C ASN B 98 -4.94 9.99 -29.60
N VAL B 99 -4.26 9.62 -30.69
CA VAL B 99 -4.85 9.32 -31.98
C VAL B 99 -4.66 7.84 -32.26
N PHE B 100 -5.77 7.12 -32.37
CA PHE B 100 -5.82 5.70 -32.70
C PHE B 100 -6.41 5.58 -34.10
N ILE B 101 -5.68 4.93 -35.00
CA ILE B 101 -6.03 4.89 -36.41
C ILE B 101 -6.29 3.45 -36.82
N HIS B 102 -7.49 3.18 -37.34
CA HIS B 102 -7.87 1.85 -37.82
C HIS B 102 -7.22 1.65 -39.19
N SER B 103 -6.15 0.86 -39.26
CA SER B 103 -5.40 0.79 -40.53
C SER B 103 -4.92 -0.62 -40.81
N THR B 104 -4.43 -0.81 -42.03
CA THR B 104 -3.80 -2.06 -42.43
C THR B 104 -2.42 -2.15 -41.80
N ALA B 105 -1.79 -3.31 -41.99
CA ALA B 105 -0.45 -3.54 -41.46
C ALA B 105 0.67 -2.94 -42.31
N ASP B 106 0.35 -2.27 -43.42
CA ASP B 106 1.35 -1.57 -44.25
C ASP B 106 1.31 -0.05 -44.11
N PHE B 107 0.32 0.51 -43.43
CA PHE B 107 0.18 1.95 -43.31
C PHE B 107 1.20 2.52 -42.33
N THR B 108 1.95 3.54 -42.78
CA THR B 108 3.01 4.13 -41.96
C THR B 108 2.87 5.64 -41.81
N GLN B 109 1.74 6.19 -42.21
CA GLN B 109 1.53 7.62 -42.25
C GLN B 109 0.61 8.06 -41.11
N GLN B 110 0.78 7.46 -39.94
CA GLN B 110 -0.02 7.85 -38.78
C GLN B 110 0.19 9.33 -38.45
N SER B 111 1.41 9.84 -38.67
CA SER B 111 1.66 11.24 -38.36
C SER B 111 0.82 12.17 -39.24
N GLU B 112 0.66 11.84 -40.53
CA GLU B 112 -0.13 12.69 -41.41
C GLU B 112 -1.62 12.63 -41.05
N VAL B 113 -2.11 11.46 -40.67
CA VAL B 113 -3.49 11.38 -40.20
C VAL B 113 -3.66 12.27 -38.99
N ALA B 114 -2.71 12.19 -38.04
CA ALA B 114 -2.78 13.02 -36.86
C ALA B 114 -2.66 14.51 -37.19
N ASP B 115 -1.89 14.87 -38.23
CA ASP B 115 -1.84 16.28 -38.64
C ASP B 115 -3.22 16.77 -39.00
N GLY B 116 -4.06 15.87 -39.50
CA GLY B 116 -5.43 16.25 -39.75
C GLY B 116 -6.13 16.83 -38.52
N ALA B 117 -5.84 16.28 -37.34
CA ALA B 117 -6.42 16.80 -36.10
C ALA B 117 -5.67 18.01 -35.55
N SER B 118 -4.34 17.93 -35.58
CA SER B 118 -3.51 19.02 -35.07
C SER B 118 -3.81 20.33 -35.76
N GLU B 119 -3.98 20.30 -37.08
CA GLU B 119 -4.23 21.55 -37.79
C GLU B 119 -5.59 22.14 -37.43
N ILE B 120 -6.56 21.30 -37.11
CA ILE B 120 -7.81 21.82 -36.53
C ILE B 120 -7.53 22.54 -35.22
N LEU B 121 -6.68 21.95 -34.37
CA LEU B 121 -6.36 22.64 -33.10
C LEU B 121 -5.75 24.01 -33.38
N TYR B 122 -4.81 24.07 -34.31
CA TYR B 122 -4.13 25.33 -34.61
C TYR B 122 -5.11 26.36 -35.16
N GLU B 123 -5.92 25.96 -36.15
CA GLU B 123 -6.86 26.88 -36.78
C GLU B 123 -7.90 27.41 -35.80
N ILE B 124 -8.30 26.65 -34.80
CA ILE B 124 -9.32 27.18 -33.89
C ILE B 124 -8.73 27.86 -32.65
N LEU B 125 -7.59 27.40 -32.14
CA LEU B 125 -7.02 27.89 -30.89
C LEU B 125 -5.83 28.83 -31.04
N GLY B 126 -5.26 28.98 -32.23
CA GLY B 126 -4.09 29.79 -32.40
C GLY B 126 -2.79 28.99 -32.32
N SER B 127 -1.73 29.59 -32.84
CA SER B 127 -0.43 28.95 -32.83
C SER B 127 0.14 28.82 -31.41
N ASP B 128 -0.40 29.57 -30.45
CA ASP B 128 0.08 29.45 -29.07
C ASP B 128 -0.72 28.40 -28.32
N THR B 129 -2.00 28.69 -28.08
CA THR B 129 -2.87 27.78 -27.33
C THR B 129 -3.08 26.43 -28.02
N GLY B 130 -2.85 26.35 -29.32
CA GLY B 130 -3.07 25.10 -30.02
C GLY B 130 -1.96 24.10 -29.91
N GLN B 131 -0.89 24.42 -29.17
CA GLN B 131 0.18 23.46 -28.96
C GLN B 131 -0.32 22.31 -28.09
N HIS B 132 0.17 21.11 -28.37
CA HIS B 132 -0.33 19.90 -27.73
C HIS B 132 0.70 18.80 -27.91
N THR B 133 0.76 17.89 -26.94
CA THR B 133 1.46 16.64 -27.20
C THR B 133 0.51 15.66 -27.87
N ARG B 134 1.10 14.65 -28.51
CA ARG B 134 0.26 13.71 -29.24
C ARG B 134 0.98 12.38 -29.39
N THR B 135 0.18 11.34 -29.48
CA THR B 135 0.62 9.99 -29.79
C THR B 135 -0.29 9.49 -30.90
N SER B 136 0.29 8.76 -31.84
CA SER B 136 -0.42 8.35 -33.03
C SER B 136 -0.05 6.91 -33.33
N VAL B 137 -1.01 5.99 -33.19
CA VAL B 137 -0.72 4.58 -33.40
C VAL B 137 -1.83 3.97 -34.25
N SER B 138 -1.51 2.85 -34.87
CA SER B 138 -2.47 2.07 -35.63
C SER B 138 -3.06 0.97 -34.75
N VAL B 139 -4.38 0.83 -34.78
CA VAL B 139 -5.05 -0.26 -34.09
C VAL B 139 -5.74 -1.11 -35.15
N CYS B 140 -6.14 -2.32 -34.77
CA CYS B 140 -6.71 -3.20 -35.77
C CYS B 140 -8.22 -3.04 -35.93
N GLN B 141 -8.91 -2.41 -34.98
CA GLN B 141 -10.34 -2.12 -35.17
C GLN B 141 -10.79 -1.07 -34.16
N LEU B 142 -11.97 -0.50 -34.44
CA LEU B 142 -12.53 0.58 -33.65
C LEU B 142 -14.03 0.36 -33.53
N PRO B 143 -14.68 0.98 -32.55
CA PRO B 143 -16.14 0.90 -32.44
C PRO B 143 -16.79 1.26 -33.76
N LYS B 144 -17.77 0.44 -34.16
CA LYS B 144 -18.60 0.74 -35.31
C LYS B 144 -17.78 0.86 -36.58
N ASN B 145 -16.65 0.14 -36.65
CA ASN B 145 -15.80 0.09 -37.83
C ASN B 145 -15.20 1.46 -38.19
N ALA B 146 -15.11 2.37 -37.21
CA ALA B 146 -14.58 3.70 -37.46
C ALA B 146 -13.12 3.63 -37.91
N SER B 147 -12.69 4.70 -38.58
CA SER B 147 -11.32 4.76 -39.05
C SER B 147 -10.39 5.45 -38.07
N VAL B 148 -10.91 6.32 -37.20
CA VAL B 148 -10.07 7.09 -36.28
C VAL B 148 -10.81 7.25 -34.95
N GLU B 149 -10.06 7.20 -33.85
CA GLU B 149 -10.62 7.54 -32.55
C GLU B 149 -9.58 8.37 -31.79
N ILE B 150 -10.03 9.42 -31.12
CA ILE B 150 -9.11 10.39 -30.52
C ILE B 150 -9.63 10.76 -29.15
N ASN B 151 -8.75 10.72 -28.14
CA ASN B 151 -9.12 11.31 -26.86
C ASN B 151 -8.17 12.45 -26.48
N PHE B 152 -8.57 13.23 -25.48
CA PHE B 152 -7.92 14.47 -25.13
C PHE B 152 -7.86 14.65 -23.62
N ILE B 153 -6.80 15.31 -23.20
CA ILE B 153 -6.74 15.96 -21.89
C ILE B 153 -6.49 17.44 -22.15
N VAL B 154 -7.38 18.28 -21.63
CA VAL B 154 -7.41 19.70 -21.93
C VAL B 154 -7.33 20.50 -20.64
N ALA B 155 -6.38 21.43 -20.57
CA ALA B 155 -6.29 22.32 -19.42
C ALA B 155 -7.31 23.45 -19.58
N LEU B 156 -7.99 23.78 -18.49
CA LEU B 156 -9.01 24.82 -18.49
C LEU B 156 -8.57 26.05 -17.69
N LYS B 157 -9.05 27.22 -18.11
CA LYS B 157 -8.88 28.44 -17.32
C LYS B 157 -9.91 28.46 -16.20
N GLN B 158 -9.54 28.97 -15.03
CA GLN B 158 -10.56 29.03 -13.96
C GLN B 158 -11.19 30.41 -13.85
N MET C 1 -22.64 4.38 0.01
CA MET C 1 -22.52 3.56 1.20
C MET C 1 -21.43 2.46 1.05
N ASN C 2 -21.81 1.18 1.13
CA ASN C 2 -20.84 0.13 1.46
C ASN C 2 -20.18 -0.41 0.18
N ARG C 3 -19.20 0.33 -0.32
CA ARG C 3 -18.54 -0.07 -1.55
C ARG C 3 -17.72 -1.35 -1.33
N ASP C 4 -17.08 -1.46 -0.18
CA ASP C 4 -16.26 -2.63 0.11
C ASP C 4 -17.06 -3.93 0.05
N ASP C 5 -18.31 -3.92 0.53
CA ASP C 5 -19.10 -5.15 0.51
C ASP C 5 -19.68 -5.41 -0.89
N ALA C 6 -20.03 -4.37 -1.64
CA ALA C 6 -20.38 -4.56 -3.05
C ALA C 6 -19.22 -5.20 -3.82
N PHE C 7 -18.00 -4.76 -3.52
CA PHE C 7 -16.82 -5.42 -4.07
C PHE C 7 -16.78 -6.89 -3.70
N LEU C 8 -16.97 -7.20 -2.40
CA LEU C 8 -16.93 -8.58 -1.94
C LEU C 8 -17.95 -9.42 -2.69
N THR C 9 -19.11 -8.83 -2.97
CA THR C 9 -20.14 -9.48 -3.77
C THR C 9 -19.65 -9.84 -5.17
N VAL C 10 -18.98 -8.89 -5.84
CA VAL C 10 -18.55 -9.17 -7.21
C VAL C 10 -17.43 -10.20 -7.21
N GLN C 11 -16.51 -10.08 -6.26
CA GLN C 11 -15.47 -11.08 -6.12
C GLN C 11 -16.08 -12.46 -5.90
N ALA C 12 -17.09 -12.55 -5.03
CA ALA C 12 -17.72 -13.84 -4.75
C ALA C 12 -18.42 -14.39 -5.98
N ARG C 13 -19.12 -13.53 -6.72
CA ARG C 13 -19.84 -14.02 -7.89
C ARG C 13 -18.87 -14.51 -8.96
N LEU C 14 -17.72 -13.86 -9.11
CA LEU C 14 -16.74 -14.32 -10.08
C LEU C 14 -15.98 -15.56 -9.61
N GLY C 15 -15.92 -15.80 -8.30
CA GLY C 15 -15.24 -16.98 -7.80
C GLY C 15 -13.74 -16.89 -7.75
N TYR C 16 -13.18 -15.69 -7.71
CA TYR C 16 -11.74 -15.50 -7.66
C TYR C 16 -11.40 -14.69 -6.42
N ASP C 17 -10.13 -14.72 -6.03
CA ASP C 17 -9.66 -14.02 -4.84
C ASP C 17 -8.73 -12.87 -5.20
N PHE C 18 -9.27 -11.66 -5.26
CA PHE C 18 -8.49 -10.48 -5.60
C PHE C 18 -7.83 -9.93 -4.33
N TYR C 28 7.97 -2.85 -12.46
CA TYR C 28 7.23 -1.60 -12.42
C TYR C 28 6.19 -1.61 -11.27
N THR C 29 5.59 -0.46 -11.02
CA THR C 29 4.67 -0.28 -9.90
C THR C 29 3.24 -0.32 -10.40
N SER C 30 2.34 -0.90 -9.60
CA SER C 30 0.96 -1.01 -10.04
C SER C 30 0.22 0.32 -9.91
N LEU C 31 0.59 1.13 -8.91
CA LEU C 31 -0.15 2.34 -8.58
C LEU C 31 0.82 3.39 -8.07
N ILE C 32 0.65 4.62 -8.54
CA ILE C 32 1.42 5.75 -8.04
C ILE C 32 0.47 6.92 -7.85
N GLU C 33 0.56 7.59 -6.70
CA GLU C 33 -0.28 8.74 -6.40
C GLU C 33 0.50 10.04 -6.57
N HIS C 34 -0.17 11.04 -7.11
CA HIS C 34 0.42 12.36 -7.21
C HIS C 34 -0.69 13.40 -7.26
N ALA C 35 -0.60 14.40 -6.39
CA ALA C 35 -1.56 15.51 -6.34
C ALA C 35 -2.99 15.00 -6.27
N GLY C 36 -3.22 13.94 -5.50
CA GLY C 36 -4.57 13.43 -5.30
C GLY C 36 -5.10 12.53 -6.39
N LEU C 37 -4.27 12.14 -7.36
CA LEU C 37 -4.65 11.21 -8.42
C LEU C 37 -3.84 9.93 -8.29
N ALA C 38 -4.51 8.80 -8.45
CA ALA C 38 -3.85 7.51 -8.51
C ALA C 38 -3.78 7.05 -9.97
N TYR C 39 -2.56 6.90 -10.48
CA TYR C 39 -2.30 6.32 -11.79
C TYR C 39 -2.09 4.82 -11.61
N MET C 40 -2.79 4.03 -12.42
CA MET C 40 -2.73 2.59 -12.26
C MET C 40 -2.23 1.94 -13.55
N SER C 41 -1.29 1.00 -13.39
CA SER C 41 -0.77 0.23 -14.51
C SER C 41 -1.88 -0.58 -15.18
N GLY C 42 -1.65 -0.94 -16.43
CA GLY C 42 -2.61 -1.78 -17.13
C GLY C 42 -2.80 -3.11 -16.42
N GLN C 43 -4.03 -3.59 -16.38
CA GLN C 43 -4.36 -4.84 -15.71
C GLN C 43 -4.94 -5.81 -16.73
N ILE C 44 -4.31 -6.97 -16.87
CA ILE C 44 -4.83 -8.05 -17.70
C ILE C 44 -5.63 -8.93 -16.75
N PRO C 45 -6.54 -9.81 -17.24
CA PRO C 45 -7.42 -10.55 -16.29
C PRO C 45 -6.72 -11.68 -15.55
N ARG C 46 -5.78 -11.34 -14.70
CA ARG C 46 -5.00 -12.32 -13.97
C ARG C 46 -5.38 -12.36 -12.49
N VAL C 47 -5.79 -13.54 -12.03
CA VAL C 47 -6.04 -13.81 -10.62
C VAL C 47 -5.25 -15.07 -10.30
N GLU C 48 -4.96 -15.26 -9.01
CA GLU C 48 -3.91 -16.19 -8.62
C GLU C 48 -2.67 -15.73 -9.37
N ASP C 49 -2.01 -16.59 -10.13
CA ASP C 49 -0.92 -16.22 -11.03
C ASP C 49 -1.31 -16.37 -12.50
N LYS C 50 -2.46 -16.97 -12.79
CA LYS C 50 -2.83 -17.37 -14.13
C LYS C 50 -3.72 -16.31 -14.78
N VAL C 51 -3.59 -16.18 -16.10
CA VAL C 51 -4.44 -15.28 -16.87
C VAL C 51 -5.77 -15.97 -17.16
N GLN C 52 -6.88 -15.32 -16.80
CA GLN C 52 -8.14 -16.04 -16.70
C GLN C 52 -8.85 -16.21 -18.04
N VAL C 53 -8.87 -15.18 -18.89
CA VAL C 53 -9.67 -15.32 -20.11
C VAL C 53 -8.78 -14.99 -21.30
N CYS C 54 -8.02 -15.98 -21.78
CA CYS C 54 -7.06 -15.75 -22.86
C CYS C 54 -7.68 -15.99 -24.23
N GLY C 55 -7.14 -15.28 -25.21
CA GLY C 55 -7.51 -15.47 -26.60
C GLY C 55 -7.91 -14.18 -27.26
N LYS C 56 -8.31 -14.31 -28.50
CA LYS C 56 -8.64 -13.20 -29.37
C LYS C 56 -10.15 -13.07 -29.45
N VAL C 57 -10.68 -11.94 -28.97
CA VAL C 57 -12.11 -11.68 -29.01
C VAL C 57 -12.58 -11.70 -30.46
N GLY C 58 -13.68 -12.40 -30.71
CA GLY C 58 -14.15 -12.61 -32.07
C GLY C 58 -13.61 -13.86 -32.73
N PHE C 59 -12.76 -14.63 -32.04
CA PHE C 59 -12.16 -15.88 -32.50
C PHE C 59 -12.28 -16.96 -31.44
N ASP C 60 -11.48 -16.84 -30.39
CA ASP C 60 -11.39 -17.71 -29.22
C ASP C 60 -12.30 -17.29 -28.07
N VAL C 61 -12.75 -16.04 -28.07
CA VAL C 61 -13.40 -15.42 -26.93
C VAL C 61 -14.59 -14.68 -27.48
N ASP C 62 -15.77 -14.98 -26.96
CA ASP C 62 -16.98 -14.34 -27.45
C ASP C 62 -17.27 -13.12 -26.58
N LEU C 63 -18.34 -12.39 -26.92
CA LEU C 63 -18.63 -11.13 -26.25
C LEU C 63 -18.79 -11.30 -24.73
N SER C 64 -19.51 -12.35 -24.29
CA SER C 64 -19.73 -12.55 -22.85
C SER C 64 -18.42 -12.79 -22.11
N GLN C 65 -17.54 -13.61 -22.69
CA GLN C 65 -16.26 -13.86 -22.07
C GLN C 65 -15.39 -12.61 -22.05
N ALA C 66 -15.46 -11.80 -23.11
CA ALA C 66 -14.71 -10.54 -23.11
C ALA C 66 -15.22 -9.57 -22.05
N GLN C 67 -16.55 -9.50 -21.87
CA GLN C 67 -17.10 -8.66 -20.80
C GLN C 67 -16.65 -9.17 -19.44
N LEU C 68 -16.62 -10.49 -19.27
CA LEU C 68 -16.08 -11.04 -18.03
C LEU C 68 -14.62 -10.63 -17.83
N ALA C 69 -13.82 -10.70 -18.90
CA ALA C 69 -12.41 -10.30 -18.80
C ALA C 69 -12.28 -8.85 -18.36
N ALA C 70 -13.07 -7.96 -18.97
CA ALA C 70 -13.04 -6.55 -18.59
C ALA C 70 -13.40 -6.40 -17.13
N SER C 71 -14.34 -7.20 -16.65
CA SER C 71 -14.70 -7.18 -15.23
C SER C 71 -13.55 -7.61 -14.35
N ILE C 72 -12.85 -8.67 -14.74
CA ILE C 72 -11.75 -9.16 -13.90
C ILE C 72 -10.66 -8.11 -13.80
N SER C 73 -10.33 -7.46 -14.92
CA SER C 73 -9.34 -6.40 -14.91
C SER C 73 -9.77 -5.24 -14.01
N THR C 74 -11.05 -4.84 -14.10
CA THR C 74 -11.54 -3.77 -13.23
C THR C 74 -11.44 -4.19 -11.77
N MET C 75 -11.80 -5.44 -11.48
CA MET C 75 -11.74 -5.95 -10.12
C MET C 75 -10.31 -5.91 -9.60
N ARG C 76 -9.34 -6.24 -10.46
CA ARG C 76 -7.93 -6.18 -10.07
C ARG C 76 -7.55 -4.77 -9.65
N ALA C 77 -7.93 -3.78 -10.46
CA ALA C 77 -7.62 -2.38 -10.12
C ALA C 77 -8.31 -1.96 -8.82
N LEU C 78 -9.58 -2.33 -8.65
CA LEU C 78 -10.24 -1.98 -7.40
C LEU C 78 -9.53 -2.64 -6.22
N ALA C 79 -9.10 -3.89 -6.38
CA ALA C 79 -8.41 -4.57 -5.29
C ALA C 79 -7.11 -3.87 -4.96
N ILE C 80 -6.40 -3.39 -5.97
CA ILE C 80 -5.17 -2.67 -5.69
C ILE C 80 -5.46 -1.39 -4.92
N LEU C 81 -6.50 -0.66 -5.33
CA LEU C 81 -6.90 0.52 -4.56
C LEU C 81 -7.23 0.15 -3.13
N LYS C 82 -8.04 -0.89 -2.94
CA LYS C 82 -8.49 -1.28 -1.61
C LYS C 82 -7.32 -1.71 -0.75
N GLN C 83 -6.36 -2.45 -1.33
CA GLN C 83 -5.17 -2.87 -0.60
C GLN C 83 -4.32 -1.68 -0.19
N HIS C 84 -4.24 -0.66 -1.05
CA HIS C 84 -3.37 0.45 -0.74
C HIS C 84 -3.99 1.45 0.23
N TYR C 85 -5.31 1.57 0.22
CA TYR C 85 -5.95 2.59 1.02
C TYR C 85 -6.92 2.04 2.07
N GLY C 86 -7.07 0.73 2.16
CA GLY C 86 -7.92 0.13 3.16
C GLY C 86 -9.36 0.01 2.74
N THR C 87 -9.87 1.02 2.03
CA THR C 87 -11.28 1.03 1.66
C THR C 87 -11.48 1.71 0.31
N LEU C 88 -12.50 1.26 -0.42
CA LEU C 88 -12.88 1.95 -1.64
C LEU C 88 -13.54 3.31 -1.36
N GLN C 89 -13.66 3.70 -0.10
CA GLN C 89 -14.20 5.01 0.21
C GLN C 89 -13.25 6.13 -0.25
N VAL C 90 -11.98 5.83 -0.51
CA VAL C 90 -11.07 6.87 -0.96
C VAL C 90 -11.38 7.30 -2.39
N VAL C 91 -12.14 6.51 -3.14
CA VAL C 91 -12.38 6.83 -4.55
C VAL C 91 -13.37 7.99 -4.65
N GLU C 92 -12.93 9.09 -5.26
CA GLU C 92 -13.79 10.22 -5.55
C GLU C 92 -14.37 10.13 -6.96
N LYS C 93 -13.56 9.73 -7.95
CA LYS C 93 -14.00 9.63 -9.33
C LYS C 93 -12.98 8.81 -10.10
N VAL C 94 -13.47 8.00 -11.04
CA VAL C 94 -12.61 7.32 -11.99
C VAL C 94 -12.53 8.25 -13.19
N LEU C 95 -11.48 9.06 -13.28
CA LEU C 95 -11.42 10.07 -14.32
C LEU C 95 -11.31 9.42 -15.69
N GLN C 96 -10.51 8.37 -15.81
CA GLN C 96 -10.24 7.82 -17.13
C GLN C 96 -10.02 6.32 -17.04
N MET C 97 -10.60 5.59 -17.99
CA MET C 97 -10.45 4.15 -18.11
C MET C 97 -10.12 3.85 -19.56
N ASN C 98 -8.95 3.26 -19.81
CA ASN C 98 -8.58 2.92 -21.17
C ASN C 98 -8.66 1.41 -21.29
N VAL C 99 -9.45 0.96 -22.27
CA VAL C 99 -9.77 -0.43 -22.51
C VAL C 99 -9.14 -0.85 -23.84
N PHE C 100 -8.20 -1.80 -23.79
CA PHE C 100 -7.55 -2.33 -24.98
C PHE C 100 -8.00 -3.77 -25.14
N ILE C 101 -8.56 -4.10 -26.29
CA ILE C 101 -9.22 -5.38 -26.50
C ILE C 101 -8.47 -6.14 -27.59
N HIS C 102 -7.95 -7.29 -27.23
CA HIS C 102 -7.28 -8.19 -28.17
C HIS C 102 -8.34 -8.90 -29.01
N SER C 103 -8.52 -8.47 -30.25
CA SER C 103 -9.64 -8.94 -31.07
C SER C 103 -9.21 -9.13 -32.52
N THR C 104 -10.13 -9.69 -33.31
CA THR C 104 -9.96 -9.82 -34.75
C THR C 104 -10.13 -8.47 -35.44
N ALA C 105 -9.88 -8.47 -36.76
CA ALA C 105 -10.08 -7.28 -37.58
C ALA C 105 -11.53 -7.06 -37.98
N ASP C 106 -12.45 -7.93 -37.53
CA ASP C 106 -13.89 -7.78 -37.76
C ASP C 106 -14.67 -7.37 -36.53
N PHE C 107 -14.06 -7.42 -35.35
CA PHE C 107 -14.79 -7.11 -34.13
C PHE C 107 -15.03 -5.61 -34.02
N THR C 108 -16.29 -5.22 -33.84
CA THR C 108 -16.71 -3.82 -33.78
C THR C 108 -17.50 -3.51 -32.51
N GLN C 109 -17.51 -4.40 -31.53
CA GLN C 109 -18.30 -4.25 -30.32
C GLN C 109 -17.45 -3.90 -29.09
N GLN C 110 -16.44 -3.04 -29.30
CA GLN C 110 -15.56 -2.62 -28.21
C GLN C 110 -16.34 -1.94 -27.09
N SER C 111 -17.38 -1.19 -27.46
CA SER C 111 -18.17 -0.50 -26.44
C SER C 111 -18.89 -1.49 -25.53
N GLU C 112 -19.42 -2.58 -26.10
CA GLU C 112 -20.08 -3.59 -25.29
C GLU C 112 -19.08 -4.31 -24.39
N VAL C 113 -17.84 -4.51 -24.86
CA VAL C 113 -16.81 -5.10 -24.01
C VAL C 113 -16.49 -4.18 -22.84
N ALA C 114 -16.28 -2.90 -23.11
CA ALA C 114 -15.97 -1.96 -22.02
C ALA C 114 -17.12 -1.87 -21.02
N ASP C 115 -18.36 -2.09 -21.47
CA ASP C 115 -19.48 -2.10 -20.53
C ASP C 115 -19.29 -3.12 -19.43
N GLY C 116 -18.56 -4.21 -19.70
CA GLY C 116 -18.26 -5.17 -18.65
C GLY C 116 -17.52 -4.55 -17.49
N ALA C 117 -16.64 -3.59 -17.77
CA ALA C 117 -15.92 -2.87 -16.73
C ALA C 117 -16.79 -1.78 -16.11
N SER C 118 -17.45 -0.99 -16.99
CA SER C 118 -18.25 0.15 -16.54
C SER C 118 -19.36 -0.27 -15.59
N GLU C 119 -20.05 -1.37 -15.90
CA GLU C 119 -21.20 -1.78 -15.10
C GLU C 119 -20.74 -2.17 -13.69
N ILE C 120 -19.58 -2.79 -13.59
CA ILE C 120 -18.99 -3.07 -12.29
C ILE C 120 -18.72 -1.78 -11.54
N LEU C 121 -18.17 -0.79 -12.22
CA LEU C 121 -17.90 0.48 -11.55
C LEU C 121 -19.18 1.10 -10.99
N TYR C 122 -20.25 1.10 -11.80
CA TYR C 122 -21.51 1.71 -11.38
C TYR C 122 -22.09 0.96 -10.21
N GLU C 123 -22.11 -0.38 -10.29
CA GLU C 123 -22.68 -1.18 -9.22
C GLU C 123 -21.92 -1.01 -7.91
N ILE C 124 -20.60 -0.87 -7.97
CA ILE C 124 -19.85 -0.82 -6.72
C ILE C 124 -19.77 0.57 -6.14
N LEU C 125 -19.63 1.60 -6.97
CA LEU C 125 -19.37 2.94 -6.46
C LEU C 125 -20.59 3.85 -6.51
N GLY C 126 -21.65 3.45 -7.21
CA GLY C 126 -22.78 4.32 -7.45
C GLY C 126 -22.63 5.07 -8.76
N SER C 127 -23.75 5.59 -9.24
CA SER C 127 -23.81 6.31 -10.51
C SER C 127 -23.07 7.65 -10.48
N ASP C 128 -22.74 8.17 -9.33
CA ASP C 128 -22.04 9.46 -9.28
C ASP C 128 -20.52 9.27 -9.27
N THR C 129 -19.99 8.64 -8.22
CA THR C 129 -18.56 8.35 -8.15
C THR C 129 -18.12 7.38 -9.25
N GLY C 130 -19.04 6.56 -9.79
CA GLY C 130 -18.72 5.62 -10.84
C GLY C 130 -18.66 6.19 -12.24
N GLN C 131 -18.88 7.49 -12.39
CA GLN C 131 -18.77 8.13 -13.69
C GLN C 131 -17.33 8.14 -14.15
N HIS C 132 -17.14 7.98 -15.45
CA HIS C 132 -15.80 7.88 -15.98
C HIS C 132 -15.83 8.22 -17.46
N THR C 133 -14.77 8.86 -17.93
CA THR C 133 -14.56 8.89 -19.35
C THR C 133 -13.84 7.61 -19.76
N ARG C 134 -13.92 7.25 -21.04
CA ARG C 134 -13.35 5.96 -21.40
C ARG C 134 -12.99 5.95 -22.88
N THR C 135 -12.00 5.14 -23.20
CA THR C 135 -11.61 4.85 -24.57
C THR C 135 -11.49 3.33 -24.68
N SER C 136 -11.96 2.80 -25.80
CA SER C 136 -12.09 1.35 -25.97
C SER C 136 -11.71 1.06 -27.42
N VAL C 137 -10.58 0.40 -27.63
CA VAL C 137 -10.06 0.14 -28.97
C VAL C 137 -9.58 -1.30 -29.06
N SER C 138 -9.50 -1.81 -30.28
CA SER C 138 -9.01 -3.16 -30.50
C SER C 138 -7.52 -3.13 -30.80
N VAL C 139 -6.77 -4.01 -30.14
CA VAL C 139 -5.35 -4.13 -30.35
C VAL C 139 -5.02 -5.52 -30.90
N CYS C 140 -3.79 -5.64 -31.36
CA CYS C 140 -3.36 -6.82 -32.09
C CYS C 140 -2.93 -7.96 -31.18
N GLN C 141 -2.47 -7.65 -29.96
CA GLN C 141 -2.07 -8.69 -29.01
C GLN C 141 -1.87 -8.02 -27.66
N LEU C 142 -1.77 -8.85 -26.63
CA LEU C 142 -1.66 -8.38 -25.26
C LEU C 142 -0.71 -9.27 -24.50
N PRO C 143 -0.16 -8.79 -23.38
CA PRO C 143 0.74 -9.64 -22.57
C PRO C 143 0.09 -10.97 -22.27
N LYS C 144 0.87 -12.05 -22.42
CA LYS C 144 0.48 -13.41 -22.06
C LYS C 144 -0.79 -13.84 -22.81
N ASN C 145 -0.99 -13.30 -24.01
CA ASN C 145 -2.15 -13.66 -24.84
C ASN C 145 -3.48 -13.30 -24.18
N ALA C 146 -3.51 -12.30 -23.28
CA ALA C 146 -4.75 -11.88 -22.63
C ALA C 146 -5.72 -11.32 -23.64
N SER C 147 -6.99 -11.32 -23.25
CA SER C 147 -8.04 -10.80 -24.14
C SER C 147 -8.36 -9.34 -23.93
N VAL C 148 -8.13 -8.79 -22.73
CA VAL C 148 -8.46 -7.41 -22.41
C VAL C 148 -7.37 -6.87 -21.48
N GLU C 149 -7.03 -5.59 -21.64
CA GLU C 149 -6.15 -4.90 -20.70
C GLU C 149 -6.70 -3.49 -20.45
N ILE C 150 -6.74 -3.07 -19.19
CA ILE C 150 -7.41 -1.84 -18.78
C ILE C 150 -6.51 -1.06 -17.84
N ASN C 151 -6.33 0.22 -18.10
CA ASN C 151 -5.66 1.06 -17.10
C ASN C 151 -6.59 2.19 -16.69
N PHE C 152 -6.23 2.86 -15.58
CA PHE C 152 -7.11 3.84 -14.93
C PHE C 152 -6.34 5.05 -14.43
N ILE C 153 -7.01 6.19 -14.46
CA ILE C 153 -6.64 7.34 -13.63
C ILE C 153 -7.84 7.63 -12.74
N VAL C 154 -7.58 7.64 -11.44
CA VAL C 154 -8.61 7.66 -10.41
C VAL C 154 -8.35 8.85 -9.50
N ALA C 155 -9.36 9.71 -9.32
CA ALA C 155 -9.21 10.80 -8.35
C ALA C 155 -9.55 10.30 -6.95
N LEU C 156 -8.76 10.72 -5.97
CA LEU C 156 -8.91 10.27 -4.59
C LEU C 156 -9.46 11.36 -3.68
N LYS C 157 -10.20 10.95 -2.65
CA LYS C 157 -10.58 11.85 -1.57
C LYS C 157 -9.42 12.03 -0.60
N GLN C 158 -9.30 13.23 -0.05
CA GLN C 158 -8.22 13.46 0.90
C GLN C 158 -8.75 13.27 2.32
N MET D 1 25.78 -4.24 -25.32
CA MET D 1 26.44 -3.32 -26.23
C MET D 1 27.79 -2.83 -25.62
N ASN D 2 28.11 -1.54 -25.69
CA ASN D 2 29.53 -1.12 -25.63
C ASN D 2 29.93 -0.78 -24.19
N ARG D 3 30.22 -1.83 -23.42
CA ARG D 3 30.60 -1.63 -22.02
C ARG D 3 31.93 -0.90 -21.91
N ASP D 4 32.90 -1.22 -22.77
CA ASP D 4 34.20 -0.57 -22.73
C ASP D 4 34.08 0.93 -22.92
N ASP D 5 33.19 1.38 -23.80
CA ASP D 5 33.09 2.81 -23.96
C ASP D 5 32.33 3.47 -22.80
N ALA D 6 31.35 2.78 -22.20
CA ALA D 6 30.73 3.30 -20.97
C ALA D 6 31.77 3.47 -19.87
N PHE D 7 32.69 2.49 -19.75
CA PHE D 7 33.81 2.62 -18.83
C PHE D 7 34.60 3.88 -19.11
N LEU D 8 34.96 4.08 -20.39
CA LEU D 8 35.73 5.26 -20.79
C LEU D 8 35.00 6.53 -20.39
N THR D 9 33.68 6.54 -20.53
CA THR D 9 32.89 7.69 -20.12
C THR D 9 33.03 7.97 -18.63
N VAL D 10 32.95 6.93 -17.81
CA VAL D 10 33.07 7.18 -16.37
C VAL D 10 34.48 7.66 -16.02
N GLN D 11 35.49 7.06 -16.63
CA GLN D 11 36.87 7.48 -16.43
C GLN D 11 37.07 8.95 -16.80
N ALA D 12 36.53 9.36 -17.95
CA ALA D 12 36.64 10.74 -18.40
C ALA D 12 35.86 11.69 -17.49
N ARG D 13 34.69 11.29 -17.03
CA ARG D 13 33.91 12.15 -16.15
C ARG D 13 34.64 12.36 -14.84
N LEU D 14 35.31 11.32 -14.32
CA LEU D 14 36.05 11.43 -13.06
C LEU D 14 37.37 12.14 -13.22
N GLY D 15 37.93 12.18 -14.43
CA GLY D 15 39.17 12.89 -14.61
C GLY D 15 40.39 12.14 -14.15
N TYR D 16 40.30 10.82 -14.06
CA TYR D 16 41.41 9.98 -13.63
C TYR D 16 41.71 9.02 -14.76
N ASP D 17 42.89 8.42 -14.73
CA ASP D 17 43.27 7.48 -15.78
C ASP D 17 43.52 6.14 -15.09
N PHE D 18 42.51 5.26 -15.14
CA PHE D 18 42.57 3.95 -14.48
C PHE D 18 43.31 2.98 -15.41
N SER D 19 44.62 3.13 -15.44
CA SER D 19 45.45 2.24 -16.26
C SER D 19 45.69 0.92 -15.53
N TYR D 28 47.99 -9.73 -2.63
CA TYR D 28 49.21 -9.64 -3.44
C TYR D 28 48.95 -9.67 -4.95
N THR D 29 48.36 -10.75 -5.43
CA THR D 29 47.84 -10.73 -6.78
C THR D 29 46.47 -10.05 -6.81
N SER D 30 46.22 -9.29 -7.86
CA SER D 30 44.97 -8.55 -7.95
C SER D 30 43.80 -9.43 -8.33
N LEU D 31 44.03 -10.43 -9.17
CA LEU D 31 42.95 -11.22 -9.77
C LEU D 31 43.46 -12.62 -10.01
N ILE D 32 42.61 -13.59 -9.70
CA ILE D 32 42.93 -14.99 -9.99
C ILE D 32 41.66 -15.61 -10.55
N GLU D 33 41.81 -16.33 -11.66
CA GLU D 33 40.68 -17.00 -12.28
C GLU D 33 40.74 -18.48 -11.95
N HIS D 34 39.57 -19.05 -11.65
CA HIS D 34 39.46 -20.49 -11.43
C HIS D 34 38.01 -20.90 -11.69
N ALA D 35 37.85 -21.94 -12.51
CA ALA D 35 36.53 -22.50 -12.85
C ALA D 35 35.57 -21.44 -13.34
N GLY D 36 36.07 -20.50 -14.12
CA GLY D 36 35.23 -19.46 -14.68
C GLY D 36 34.91 -18.31 -13.76
N LEU D 37 35.49 -18.26 -12.56
CA LEU D 37 35.27 -17.15 -11.64
C LEU D 37 36.57 -16.38 -11.46
N ALA D 38 36.48 -15.06 -11.49
CA ALA D 38 37.59 -14.18 -11.17
C ALA D 38 37.40 -13.63 -9.76
N TYR D 39 38.33 -13.97 -8.87
CA TYR D 39 38.41 -13.43 -7.53
C TYR D 39 39.32 -12.21 -7.58
N MET D 40 38.88 -11.10 -6.99
CA MET D 40 39.62 -9.85 -7.04
C MET D 40 39.93 -9.36 -5.62
N SER D 41 41.17 -8.95 -5.41
CA SER D 41 41.55 -8.39 -4.13
C SER D 41 40.76 -7.11 -3.84
N GLY D 42 40.68 -6.76 -2.56
CA GLY D 42 40.05 -5.51 -2.19
C GLY D 42 40.75 -4.31 -2.82
N GLN D 43 39.95 -3.33 -3.24
CA GLN D 43 40.45 -2.12 -3.90
C GLN D 43 40.09 -0.90 -3.06
N ILE D 44 41.10 -0.11 -2.70
CA ILE D 44 40.88 1.18 -2.06
C ILE D 44 40.88 2.23 -3.17
N PRO D 45 40.39 3.48 -2.93
CA PRO D 45 40.30 4.46 -4.04
C PRO D 45 41.64 5.04 -4.45
N ARG D 46 42.46 4.19 -5.06
CA ARG D 46 43.83 4.51 -5.46
C ARG D 46 43.86 4.84 -6.95
N VAL D 47 44.34 6.03 -7.28
CA VAL D 47 44.68 6.41 -8.65
C VAL D 47 46.08 7.01 -8.56
N GLU D 48 46.84 6.90 -9.65
CA GLU D 48 48.30 6.99 -9.56
C GLU D 48 48.78 6.31 -8.28
N ASP D 49 49.55 6.99 -7.43
CA ASP D 49 49.88 6.40 -6.15
C ASP D 49 49.16 7.09 -5.00
N LYS D 50 48.18 7.92 -5.30
CA LYS D 50 47.47 8.68 -4.29
C LYS D 50 46.15 7.99 -3.98
N VAL D 51 45.88 7.78 -2.69
CA VAL D 51 44.56 7.33 -2.26
C VAL D 51 43.65 8.55 -2.34
N GLN D 52 42.56 8.42 -3.11
CA GLN D 52 41.83 9.62 -3.56
C GLN D 52 40.91 10.18 -2.48
N VAL D 53 40.20 9.35 -1.73
CA VAL D 53 39.22 9.82 -0.75
C VAL D 53 39.55 9.20 0.59
N CYS D 54 40.44 9.84 1.35
CA CYS D 54 40.88 9.37 2.65
C CYS D 54 40.09 9.98 3.78
N GLY D 55 39.92 9.21 4.85
CA GLY D 55 39.32 9.70 6.07
C GLY D 55 38.18 8.82 6.53
N LYS D 56 37.54 9.27 7.61
CA LYS D 56 36.51 8.52 8.32
C LYS D 56 35.16 9.06 7.87
N VAL D 57 34.39 8.23 7.17
CA VAL D 57 33.04 8.61 6.72
C VAL D 57 32.15 8.89 7.93
N GLY D 58 31.45 10.03 7.89
CA GLY D 58 30.69 10.52 9.02
C GLY D 58 31.44 11.46 9.93
N PHE D 59 32.70 11.76 9.63
CA PHE D 59 33.56 12.66 10.41
C PHE D 59 34.31 13.62 9.49
N ASP D 60 35.28 13.05 8.74
CA ASP D 60 36.13 13.69 7.74
C ASP D 60 35.57 13.65 6.33
N VAL D 61 34.66 12.72 6.05
CA VAL D 61 34.26 12.37 4.69
C VAL D 61 32.75 12.26 4.71
N ASP D 62 32.08 12.96 3.79
CA ASP D 62 30.63 12.94 3.81
C ASP D 62 30.11 11.89 2.84
N LEU D 63 28.78 11.75 2.78
CA LEU D 63 28.16 10.68 2.01
C LEU D 63 28.54 10.75 0.52
N SER D 64 28.52 11.96 -0.05
CA SER D 64 28.82 12.13 -1.47
C SER D 64 30.27 11.74 -1.78
N GLN D 65 31.20 12.12 -0.91
CA GLN D 65 32.60 11.73 -1.11
C GLN D 65 32.81 10.24 -0.92
N ALA D 66 32.11 9.63 0.04
CA ALA D 66 32.21 8.19 0.22
C ALA D 66 31.63 7.45 -0.99
N GLN D 67 30.54 7.95 -1.57
CA GLN D 67 30.06 7.33 -2.80
C GLN D 67 31.07 7.48 -3.94
N LEU D 68 31.73 8.63 -4.03
CA LEU D 68 32.79 8.78 -5.02
C LEU D 68 33.88 7.76 -4.79
N ALA D 69 34.27 7.57 -3.52
CA ALA D 69 35.28 6.59 -3.19
C ALA D 69 34.86 5.18 -3.62
N ALA D 70 33.60 4.83 -3.37
CA ALA D 70 33.11 3.52 -3.76
C ALA D 70 33.15 3.35 -5.28
N SER D 71 32.77 4.41 -6.00
CA SER D 71 32.82 4.36 -7.46
C SER D 71 34.25 4.19 -7.97
N ILE D 72 35.21 4.87 -7.34
CA ILE D 72 36.60 4.75 -7.78
C ILE D 72 37.12 3.33 -7.55
N SER D 73 36.82 2.75 -6.38
CA SER D 73 37.24 1.37 -6.14
C SER D 73 36.65 0.43 -7.19
N THR D 74 35.38 0.67 -7.55
CA THR D 74 34.74 -0.16 -8.58
C THR D 74 35.42 0.00 -9.93
N MET D 75 35.70 1.24 -10.33
CA MET D 75 36.40 1.51 -11.59
C MET D 75 37.76 0.81 -11.62
N ARG D 76 38.46 0.80 -10.49
CA ARG D 76 39.74 0.07 -10.41
C ARG D 76 39.55 -1.41 -10.72
N ALA D 77 38.55 -2.04 -10.09
CA ALA D 77 38.34 -3.46 -10.35
C ALA D 77 37.97 -3.70 -11.81
N LEU D 78 37.07 -2.88 -12.34
CA LEU D 78 36.71 -3.01 -13.75
C LEU D 78 37.94 -2.84 -14.65
N ALA D 79 38.82 -1.89 -14.33
CA ALA D 79 40.03 -1.66 -15.14
C ALA D 79 40.96 -2.86 -15.10
N ILE D 80 41.12 -3.47 -13.93
CA ILE D 80 41.93 -4.67 -13.83
C ILE D 80 41.36 -5.77 -14.71
N LEU D 81 40.03 -5.96 -14.65
CA LEU D 81 39.39 -6.95 -15.51
C LEU D 81 39.65 -6.63 -16.97
N LYS D 82 39.43 -5.38 -17.37
CA LYS D 82 39.58 -4.99 -18.77
C LYS D 82 41.00 -5.23 -19.25
N GLN D 83 41.99 -4.88 -18.42
CA GLN D 83 43.35 -5.07 -18.86
C GLN D 83 43.74 -6.55 -18.89
N HIS D 84 43.16 -7.36 -17.99
CA HIS D 84 43.52 -8.77 -17.91
C HIS D 84 42.90 -9.56 -19.06
N TYR D 85 41.71 -9.15 -19.54
CA TYR D 85 40.97 -9.89 -20.55
C TYR D 85 40.71 -9.10 -21.83
N GLY D 86 41.17 -7.86 -21.92
CA GLY D 86 41.00 -7.06 -23.12
C GLY D 86 39.70 -6.25 -23.18
N THR D 87 38.60 -6.83 -22.70
CA THR D 87 37.31 -6.15 -22.79
C THR D 87 36.43 -6.55 -21.61
N LEU D 88 35.54 -5.63 -21.23
CA LEU D 88 34.52 -5.94 -20.25
C LEU D 88 33.44 -6.87 -20.81
N GLN D 89 33.54 -7.29 -22.07
CA GLN D 89 32.59 -8.25 -22.60
C GLN D 89 32.73 -9.61 -21.96
N VAL D 90 33.86 -9.86 -21.31
CA VAL D 90 34.09 -11.14 -20.65
C VAL D 90 33.23 -11.30 -19.40
N VAL D 91 32.68 -10.22 -18.86
CA VAL D 91 31.93 -10.29 -17.61
C VAL D 91 30.57 -10.94 -17.87
N GLU D 92 30.29 -12.04 -17.18
CA GLU D 92 28.97 -12.64 -17.25
C GLU D 92 28.07 -12.14 -16.13
N LYS D 93 28.59 -12.04 -14.91
CA LYS D 93 27.84 -11.63 -13.74
C LYS D 93 28.80 -11.20 -12.65
N VAL D 94 28.40 -10.19 -11.87
CA VAL D 94 29.15 -9.84 -10.66
C VAL D 94 28.46 -10.61 -9.53
N LEU D 95 29.01 -11.76 -9.17
CA LEU D 95 28.33 -12.60 -8.20
C LEU D 95 28.29 -11.94 -6.84
N GLN D 96 29.40 -11.31 -6.45
CA GLN D 96 29.47 -10.82 -5.09
C GLN D 96 30.35 -9.57 -5.05
N MET D 97 29.90 -8.59 -4.28
CA MET D 97 30.62 -7.35 -4.02
C MET D 97 30.57 -7.08 -2.52
N ASN D 98 31.72 -7.02 -1.87
CA ASN D 98 31.79 -6.73 -0.44
C ASN D 98 32.39 -5.35 -0.23
N VAL D 99 31.65 -4.49 0.47
CA VAL D 99 31.96 -3.08 0.66
C VAL D 99 32.26 -2.87 2.12
N PHE D 100 33.48 -2.45 2.43
CA PHE D 100 33.93 -2.15 3.79
C PHE D 100 34.13 -0.66 3.87
N ILE D 101 33.45 -0.02 4.80
CA ILE D 101 33.38 1.44 4.87
C ILE D 101 34.04 1.89 6.16
N HIS D 102 35.09 2.68 6.04
CA HIS D 102 35.77 3.26 7.20
C HIS D 102 34.92 4.41 7.74
N SER D 103 34.25 4.19 8.88
CA SER D 103 33.27 5.17 9.35
C SER D 103 33.30 5.31 10.87
N THR D 104 32.56 6.30 11.37
CA THR D 104 32.34 6.47 12.80
C THR D 104 31.34 5.43 13.29
N ALA D 105 31.16 5.40 14.61
CA ALA D 105 30.19 4.51 15.23
C ALA D 105 28.75 5.01 15.11
N ASP D 106 28.51 6.14 14.45
CA ASP D 106 27.16 6.66 14.26
C ASP D 106 26.66 6.54 12.84
N PHE D 107 27.53 6.20 11.89
CA PHE D 107 27.16 6.16 10.48
C PHE D 107 26.31 4.93 10.21
N THR D 108 25.14 5.13 9.59
CA THR D 108 24.21 4.03 9.32
C THR D 108 23.84 3.97 7.85
N GLN D 109 24.53 4.71 6.99
CA GLN D 109 24.18 4.79 5.57
C GLN D 109 25.16 3.97 4.70
N GLN D 110 25.53 2.78 5.16
CA GLN D 110 26.40 1.92 4.38
C GLN D 110 25.79 1.61 3.02
N SER D 111 24.47 1.45 2.99
CA SER D 111 23.78 1.07 1.75
C SER D 111 23.89 2.18 0.71
N GLU D 112 23.74 3.44 1.12
CA GLU D 112 23.88 4.54 0.16
C GLU D 112 25.33 4.67 -0.33
N VAL D 113 26.31 4.36 0.51
CA VAL D 113 27.70 4.38 0.05
C VAL D 113 27.92 3.30 -1.02
N ALA D 114 27.47 2.08 -0.74
CA ALA D 114 27.66 1.01 -1.72
C ALA D 114 26.95 1.31 -3.02
N ASP D 115 25.85 2.09 -2.95
CA ASP D 115 25.16 2.51 -4.17
C ASP D 115 26.09 3.23 -5.15
N GLY D 116 27.12 3.93 -4.65
CA GLY D 116 28.10 4.51 -5.56
C GLY D 116 28.74 3.47 -6.46
N ALA D 117 29.01 2.29 -5.91
CA ALA D 117 29.60 1.22 -6.71
C ALA D 117 28.55 0.55 -7.60
N SER D 118 27.39 0.26 -7.02
CA SER D 118 26.33 -0.46 -7.73
C SER D 118 25.86 0.30 -8.96
N GLU D 119 25.73 1.62 -8.84
CA GLU D 119 25.22 2.41 -9.96
C GLU D 119 26.20 2.38 -11.13
N ILE D 120 27.50 2.41 -10.84
CA ILE D 120 28.53 2.25 -11.87
C ILE D 120 28.39 0.91 -12.56
N LEU D 121 28.20 -0.15 -11.77
CA LEU D 121 28.03 -1.47 -12.37
C LEU D 121 26.83 -1.50 -13.30
N TYR D 122 25.70 -0.92 -12.88
CA TYR D 122 24.49 -0.92 -13.70
C TYR D 122 24.69 -0.12 -14.97
N GLU D 123 25.25 1.09 -14.85
CA GLU D 123 25.45 1.92 -16.04
C GLU D 123 26.41 1.29 -17.03
N ILE D 124 27.42 0.57 -16.57
CA ILE D 124 28.40 0.09 -17.54
C ILE D 124 28.01 -1.28 -18.10
N LEU D 125 27.40 -2.14 -17.29
CA LEU D 125 27.13 -3.50 -17.72
C LEU D 125 25.67 -3.76 -18.06
N GLY D 126 24.76 -2.84 -17.80
CA GLY D 126 23.37 -3.13 -18.05
C GLY D 126 22.70 -3.71 -16.81
N SER D 127 21.38 -3.67 -16.84
CA SER D 127 20.57 -4.14 -15.72
C SER D 127 20.63 -5.66 -15.54
N ASP D 128 21.07 -6.41 -16.54
CA ASP D 128 21.17 -7.87 -16.42
C ASP D 128 22.53 -8.27 -15.85
N THR D 129 23.59 -8.04 -16.62
CA THR D 129 24.92 -8.41 -16.19
C THR D 129 25.36 -7.66 -14.94
N GLY D 130 24.79 -6.48 -14.69
CA GLY D 130 25.23 -5.73 -13.54
C GLY D 130 24.62 -6.07 -12.21
N GLN D 131 23.67 -7.00 -12.17
CA GLN D 131 23.11 -7.35 -10.88
C GLN D 131 24.11 -8.18 -10.07
N HIS D 132 24.05 -8.02 -8.75
CA HIS D 132 25.07 -8.55 -7.87
C HIS D 132 24.50 -8.70 -6.47
N THR D 133 25.01 -9.69 -5.73
CA THR D 133 24.78 -9.66 -4.30
C THR D 133 25.79 -8.72 -3.65
N ARG D 134 25.48 -8.31 -2.42
CA ARG D 134 26.19 -7.19 -1.80
C ARG D 134 26.17 -7.32 -0.29
N THR D 135 27.26 -6.91 0.35
CA THR D 135 27.34 -6.74 1.78
C THR D 135 28.09 -5.44 2.05
N SER D 136 27.63 -4.67 3.03
CA SER D 136 28.19 -3.35 3.35
C SER D 136 28.25 -3.21 4.85
N VAL D 137 29.45 -3.09 5.39
CA VAL D 137 29.62 -2.97 6.82
C VAL D 137 30.57 -1.82 7.08
N SER D 138 30.53 -1.30 8.31
CA SER D 138 31.46 -0.27 8.74
C SER D 138 32.64 -0.91 9.45
N VAL D 139 33.84 -0.47 9.10
CA VAL D 139 35.03 -0.95 9.76
C VAL D 139 35.71 0.23 10.42
N CYS D 140 36.66 -0.09 11.29
CA CYS D 140 37.27 0.93 12.10
C CYS D 140 38.47 1.60 11.43
N GLN D 141 39.08 0.95 10.43
CA GLN D 141 40.16 1.56 9.66
C GLN D 141 40.41 0.72 8.42
N LEU D 142 41.17 1.29 7.49
CA LEU D 142 41.46 0.70 6.20
C LEU D 142 42.89 1.05 5.81
N PRO D 143 43.50 0.29 4.89
CA PRO D 143 44.86 0.60 4.43
C PRO D 143 45.00 2.05 4.01
N LYS D 144 46.08 2.69 4.46
CA LYS D 144 46.43 4.05 4.06
C LYS D 144 45.31 5.03 4.39
N ASN D 145 44.55 4.75 5.45
CA ASN D 145 43.47 5.61 5.91
C ASN D 145 42.39 5.81 4.85
N ALA D 146 42.24 4.85 3.94
CA ALA D 146 41.20 4.95 2.91
C ALA D 146 39.81 4.97 3.55
N SER D 147 38.84 5.50 2.81
CA SER D 147 37.48 5.59 3.31
C SER D 147 36.62 4.40 2.92
N VAL D 148 36.95 3.70 1.82
CA VAL D 148 36.17 2.57 1.34
C VAL D 148 37.10 1.52 0.76
N GLU D 149 36.75 0.26 0.91
CA GLU D 149 37.47 -0.82 0.26
C GLU D 149 36.46 -1.85 -0.24
N ILE D 150 36.67 -2.35 -1.45
CA ILE D 150 35.68 -3.22 -2.09
C ILE D 150 36.39 -4.40 -2.74
N ASN D 151 35.87 -5.61 -2.50
CA ASN D 151 36.35 -6.76 -3.27
C ASN D 151 35.20 -7.40 -4.03
N PHE D 152 35.56 -8.26 -4.99
CA PHE D 152 34.62 -8.78 -5.95
C PHE D 152 34.89 -10.24 -6.21
N ILE D 153 33.82 -10.96 -6.50
CA ILE D 153 33.88 -12.23 -7.18
C ILE D 153 32.98 -12.09 -8.42
N VAL D 154 33.56 -12.36 -9.59
CA VAL D 154 32.97 -12.07 -10.90
C VAL D 154 32.90 -13.35 -11.71
N ALA D 155 31.73 -13.66 -12.26
CA ALA D 155 31.62 -14.78 -13.19
C ALA D 155 32.03 -14.35 -14.58
N LEU D 156 32.73 -15.24 -15.29
CA LEU D 156 33.23 -14.92 -16.63
C LEU D 156 32.47 -15.69 -17.71
N LYS D 157 32.34 -15.09 -18.89
CA LYS D 157 31.86 -15.85 -20.04
C LYS D 157 32.97 -16.71 -20.59
N GLN D 158 32.61 -17.90 -21.05
CA GLN D 158 33.54 -18.79 -21.74
C GLN D 158 33.27 -18.78 -23.25
N MET E 1 -26.74 -8.55 -19.93
CA MET E 1 -26.08 -8.52 -18.63
C MET E 1 -26.86 -9.36 -17.61
N ASN E 2 -26.22 -9.74 -16.49
CA ASN E 2 -26.86 -10.58 -15.48
C ASN E 2 -27.52 -9.68 -14.45
N ARG E 3 -28.83 -9.50 -14.59
CA ARG E 3 -29.53 -8.52 -13.76
C ARG E 3 -29.53 -8.94 -12.29
N ASP E 4 -29.72 -10.23 -12.02
CA ASP E 4 -29.76 -10.73 -10.63
C ASP E 4 -28.46 -10.47 -9.89
N ASP E 5 -27.32 -10.57 -10.56
CA ASP E 5 -26.05 -10.35 -9.89
C ASP E 5 -25.81 -8.88 -9.60
N ALA E 6 -26.19 -8.02 -10.54
CA ALA E 6 -26.17 -6.58 -10.31
C ALA E 6 -27.08 -6.19 -9.15
N PHE E 7 -28.27 -6.79 -9.08
CA PHE E 7 -29.15 -6.57 -7.94
C PHE E 7 -28.43 -6.91 -6.64
N LEU E 8 -27.78 -8.07 -6.57
CA LEU E 8 -27.05 -8.42 -5.34
C LEU E 8 -25.97 -7.40 -5.01
N THR E 9 -25.22 -6.95 -6.02
CA THR E 9 -24.15 -5.99 -5.76
C THR E 9 -24.70 -4.67 -5.26
N VAL E 10 -25.77 -4.17 -5.87
CA VAL E 10 -26.38 -2.90 -5.44
C VAL E 10 -26.99 -3.05 -4.05
N GLN E 11 -27.66 -4.16 -3.79
CA GLN E 11 -28.15 -4.42 -2.45
C GLN E 11 -27.02 -4.36 -1.42
N ALA E 12 -25.87 -4.95 -1.75
CA ALA E 12 -24.76 -4.88 -0.81
C ALA E 12 -24.29 -3.45 -0.60
N ARG E 13 -24.22 -2.67 -1.69
CA ARG E 13 -23.75 -1.29 -1.53
C ARG E 13 -24.75 -0.47 -0.72
N LEU E 14 -26.05 -0.71 -0.91
CA LEU E 14 -27.07 0.03 -0.18
C LEU E 14 -27.22 -0.44 1.26
N GLY E 15 -26.77 -1.65 1.59
CA GLY E 15 -26.81 -2.08 2.96
C GLY E 15 -28.15 -2.54 3.47
N TYR E 16 -29.06 -2.97 2.59
CA TYR E 16 -30.33 -3.50 3.06
C TYR E 16 -30.59 -4.87 2.44
N ASP E 17 -31.49 -5.63 3.05
CA ASP E 17 -31.82 -6.99 2.63
C ASP E 17 -33.27 -7.00 2.15
N PHE E 18 -33.44 -7.03 0.83
CA PHE E 18 -34.77 -6.88 0.28
C PHE E 18 -35.59 -8.17 0.16
N SER E 19 -34.99 -9.29 -0.22
CA SER E 19 -35.78 -10.53 -0.34
C SER E 19 -36.35 -10.94 1.01
N TYR E 28 -54.58 -5.48 0.19
CA TYR E 28 -54.28 -5.51 -1.25
C TYR E 28 -53.10 -6.42 -1.61
N THR E 29 -52.68 -6.35 -2.88
CA THR E 29 -51.67 -7.19 -3.49
C THR E 29 -50.49 -6.35 -3.98
N SER E 30 -49.28 -6.90 -3.94
CA SER E 30 -48.14 -6.10 -4.39
C SER E 30 -48.08 -6.00 -5.92
N LEU E 31 -48.46 -7.06 -6.64
CA LEU E 31 -48.20 -7.11 -8.07
C LEU E 31 -49.30 -7.89 -8.76
N ILE E 32 -49.75 -7.40 -9.92
CA ILE E 32 -50.73 -8.11 -10.73
C ILE E 32 -50.32 -8.03 -12.20
N GLU E 33 -50.34 -9.18 -12.89
CA GLU E 33 -49.98 -9.24 -14.31
C GLU E 33 -51.22 -9.35 -15.18
N HIS E 34 -51.19 -8.67 -16.33
CA HIS E 34 -52.25 -8.76 -17.32
C HIS E 34 -51.69 -8.35 -18.67
N ALA E 35 -51.94 -9.18 -19.68
CA ALA E 35 -51.53 -8.92 -21.06
C ALA E 35 -50.05 -8.57 -21.17
N GLY E 36 -49.22 -9.24 -20.37
CA GLY E 36 -47.80 -9.01 -20.43
C GLY E 36 -47.29 -7.81 -19.67
N LEU E 37 -48.14 -7.12 -18.92
CA LEU E 37 -47.74 -5.99 -18.09
C LEU E 37 -47.92 -6.36 -16.62
N ALA E 38 -46.94 -5.99 -15.80
CA ALA E 38 -47.02 -6.12 -14.36
C ALA E 38 -47.31 -4.75 -13.74
N TYR E 39 -48.44 -4.64 -13.06
CA TYR E 39 -48.76 -3.44 -12.29
C TYR E 39 -48.30 -3.67 -10.86
N MET E 40 -47.60 -2.68 -10.29
CA MET E 40 -47.05 -2.83 -8.96
C MET E 40 -47.55 -1.73 -8.03
N SER E 41 -47.91 -2.12 -6.81
CA SER E 41 -48.37 -1.20 -5.78
C SER E 41 -47.28 -0.23 -5.37
N GLY E 42 -47.72 0.90 -4.81
CA GLY E 42 -46.76 1.88 -4.31
C GLY E 42 -45.86 1.27 -3.25
N GLN E 43 -44.58 1.65 -3.29
CA GLN E 43 -43.57 1.11 -2.40
C GLN E 43 -42.94 2.24 -1.60
N ILE E 44 -43.03 2.14 -0.28
CA ILE E 44 -42.35 3.05 0.63
C ILE E 44 -41.04 2.40 1.05
N PRO E 45 -40.08 3.13 1.59
CA PRO E 45 -38.78 2.51 1.91
C PRO E 45 -38.83 1.64 3.16
N ARG E 46 -39.52 0.50 3.10
CA ARG E 46 -39.59 -0.40 4.24
C ARG E 46 -38.63 -1.58 4.03
N VAL E 47 -37.75 -1.79 4.99
CA VAL E 47 -36.76 -2.86 5.01
C VAL E 47 -36.93 -3.64 6.30
N GLU E 48 -37.27 -4.93 6.17
CA GLU E 48 -37.85 -5.72 7.25
C GLU E 48 -39.17 -5.02 7.58
N ASP E 49 -39.40 -4.52 8.79
CA ASP E 49 -40.62 -3.77 9.04
C ASP E 49 -40.40 -2.28 9.20
N LYS E 50 -39.16 -1.84 9.39
CA LYS E 50 -38.92 -0.44 9.67
C LYS E 50 -38.97 0.35 8.37
N VAL E 51 -39.65 1.49 8.42
CA VAL E 51 -39.59 2.45 7.33
C VAL E 51 -38.31 3.24 7.50
N GLN E 52 -37.47 3.24 6.46
CA GLN E 52 -36.07 3.59 6.63
C GLN E 52 -35.85 5.10 6.65
N VAL E 53 -36.52 5.85 5.79
CA VAL E 53 -36.28 7.29 5.67
C VAL E 53 -37.62 7.98 5.84
N CYS E 54 -38.00 8.25 7.09
CA CYS E 54 -39.26 8.91 7.41
C CYS E 54 -39.04 10.41 7.55
N GLY E 55 -40.06 11.19 7.21
CA GLY E 55 -39.97 12.62 7.40
C GLY E 55 -40.27 13.38 6.13
N LYS E 56 -40.11 14.70 6.24
CA LYS E 56 -40.48 15.66 5.20
C LYS E 56 -39.23 16.11 4.47
N VAL E 57 -39.14 15.80 3.18
CA VAL E 57 -37.97 16.23 2.42
C VAL E 57 -37.92 17.75 2.40
N GLY E 58 -36.75 18.30 2.70
CA GLY E 58 -36.60 19.73 2.88
C GLY E 58 -36.79 20.24 4.30
N PHE E 59 -37.08 19.35 5.26
CA PHE E 59 -37.23 19.72 6.66
C PHE E 59 -36.51 18.71 7.54
N ASP E 60 -37.01 17.49 7.61
CA ASP E 60 -36.40 16.38 8.34
C ASP E 60 -35.41 15.58 7.53
N VAL E 61 -35.54 15.63 6.20
CA VAL E 61 -34.87 14.72 5.29
C VAL E 61 -34.26 15.55 4.18
N ASP E 62 -32.96 15.38 3.94
CA ASP E 62 -32.28 16.16 2.94
C ASP E 62 -32.24 15.39 1.62
N LEU E 63 -31.66 16.03 0.60
CA LEU E 63 -31.71 15.47 -0.75
C LEU E 63 -31.10 14.08 -0.82
N SER E 64 -29.93 13.89 -0.23
CA SER E 64 -29.26 12.59 -0.29
C SER E 64 -30.09 11.53 0.42
N GLN E 65 -30.67 11.86 1.57
CA GLN E 65 -31.52 10.89 2.23
C GLN E 65 -32.77 10.58 1.40
N ALA E 66 -33.31 11.58 0.71
CA ALA E 66 -34.46 11.36 -0.17
C ALA E 66 -34.10 10.44 -1.33
N GLN E 67 -32.91 10.62 -1.90
CA GLN E 67 -32.45 9.72 -2.96
C GLN E 67 -32.26 8.30 -2.46
N LEU E 68 -31.75 8.14 -1.24
CA LEU E 68 -31.67 6.79 -0.67
C LEU E 68 -33.07 6.19 -0.53
N ALA E 69 -34.03 6.98 -0.06
CA ALA E 69 -35.39 6.46 0.08
C ALA E 69 -35.94 6.00 -1.27
N ALA E 70 -35.73 6.81 -2.30
CA ALA E 70 -36.17 6.41 -3.64
C ALA E 70 -35.47 5.12 -4.08
N SER E 71 -34.18 4.98 -3.76
CA SER E 71 -33.48 3.74 -4.11
C SER E 71 -34.10 2.54 -3.41
N ILE E 72 -34.44 2.69 -2.13
CA ILE E 72 -35.00 1.56 -1.37
C ILE E 72 -36.34 1.14 -1.94
N SER E 73 -37.19 2.11 -2.27
CA SER E 73 -38.47 1.77 -2.86
C SER E 73 -38.29 1.01 -4.17
N THR E 74 -37.37 1.47 -5.01
CA THR E 74 -37.13 0.80 -6.29
C THR E 74 -36.61 -0.62 -6.07
N MET E 75 -35.68 -0.76 -5.12
CA MET E 75 -35.10 -2.07 -4.82
C MET E 75 -36.19 -3.03 -4.35
N ARG E 76 -37.13 -2.54 -3.54
CA ARG E 76 -38.25 -3.37 -3.10
C ARG E 76 -39.07 -3.83 -4.29
N ALA E 77 -39.38 -2.92 -5.21
CA ALA E 77 -40.14 -3.33 -6.39
C ALA E 77 -39.38 -4.39 -7.21
N LEU E 78 -38.07 -4.19 -7.38
CA LEU E 78 -37.27 -5.20 -8.07
C LEU E 78 -37.29 -6.53 -7.34
N ALA E 79 -37.22 -6.50 -5.99
CA ALA E 79 -37.24 -7.75 -5.20
C ALA E 79 -38.58 -8.46 -5.34
N ILE E 80 -39.67 -7.71 -5.35
CA ILE E 80 -40.98 -8.33 -5.55
C ILE E 80 -41.06 -8.98 -6.93
N LEU E 81 -40.57 -8.28 -7.97
CA LEU E 81 -40.51 -8.90 -9.31
C LEU E 81 -39.67 -10.19 -9.27
N LYS E 82 -38.51 -10.12 -8.63
CA LYS E 82 -37.58 -11.24 -8.63
C LYS E 82 -38.20 -12.46 -7.93
N GLN E 83 -38.83 -12.26 -6.78
CA GLN E 83 -39.47 -13.39 -6.11
C GLN E 83 -40.69 -13.88 -6.87
N HIS E 84 -41.38 -13.01 -7.60
CA HIS E 84 -42.57 -13.46 -8.32
C HIS E 84 -42.23 -14.21 -9.62
N TYR E 85 -41.13 -13.86 -10.30
CA TYR E 85 -40.81 -14.48 -11.57
C TYR E 85 -39.49 -15.22 -11.55
N GLY E 86 -38.81 -15.27 -10.42
CA GLY E 86 -37.57 -16.02 -10.31
C GLY E 86 -36.35 -15.24 -10.72
N THR E 87 -36.48 -14.42 -11.76
CA THR E 87 -35.33 -13.67 -12.25
C THR E 87 -35.79 -12.33 -12.81
N LEU E 88 -34.91 -11.34 -12.70
CA LEU E 88 -35.18 -10.05 -13.34
C LEU E 88 -35.03 -10.10 -14.85
N GLN E 89 -34.67 -11.25 -15.42
CA GLN E 89 -34.58 -11.35 -16.88
C GLN E 89 -35.95 -11.24 -17.54
N VAL E 90 -37.05 -11.39 -16.79
CA VAL E 90 -38.37 -11.26 -17.40
C VAL E 90 -38.69 -9.82 -17.76
N VAL E 91 -37.98 -8.84 -17.19
CA VAL E 91 -38.32 -7.45 -17.41
C VAL E 91 -37.94 -7.05 -18.83
N GLU E 92 -38.91 -6.60 -19.61
CA GLU E 92 -38.59 -6.05 -20.92
C GLU E 92 -38.42 -4.53 -20.89
N LYS E 93 -39.25 -3.81 -20.14
CA LYS E 93 -39.18 -2.35 -20.07
C LYS E 93 -39.93 -1.93 -18.82
N VAL E 94 -39.44 -0.89 -18.14
CA VAL E 94 -40.20 -0.28 -17.07
C VAL E 94 -40.98 0.84 -17.75
N LEU E 95 -42.25 0.57 -18.05
CA LEU E 95 -43.03 1.53 -18.82
C LEU E 95 -43.23 2.83 -18.07
N GLN E 96 -43.52 2.76 -16.77
CA GLN E 96 -43.89 3.97 -16.06
C GLN E 96 -43.50 3.86 -14.60
N MET E 97 -42.96 4.94 -14.06
CA MET E 97 -42.57 5.01 -12.66
C MET E 97 -43.10 6.34 -12.13
N ASN E 98 -43.97 6.29 -11.11
CA ASN E 98 -44.55 7.50 -10.52
C ASN E 98 -43.97 7.68 -9.14
N VAL E 99 -43.33 8.84 -8.92
CA VAL E 99 -42.58 9.15 -7.71
C VAL E 99 -43.30 10.25 -6.95
N PHE E 100 -43.73 9.94 -5.72
CA PHE E 100 -44.44 10.85 -4.84
C PHE E 100 -43.54 11.17 -3.66
N ILE E 101 -43.30 12.46 -3.42
CA ILE E 101 -42.31 12.91 -2.44
C ILE E 101 -43.00 13.71 -1.34
N HIS E 102 -42.82 13.26 -0.10
CA HIS E 102 -43.31 13.94 1.09
C HIS E 102 -42.37 15.10 1.40
N SER E 103 -42.77 16.33 1.08
CA SER E 103 -41.83 17.43 1.17
C SER E 103 -42.50 18.72 1.65
N THR E 104 -41.66 19.71 1.91
CA THR E 104 -42.15 21.04 2.23
C THR E 104 -42.69 21.73 0.97
N ALA E 105 -43.29 22.91 1.19
CA ALA E 105 -43.79 23.73 0.09
C ALA E 105 -42.70 24.57 -0.57
N ASP E 106 -41.45 24.45 -0.14
CA ASP E 106 -40.35 25.14 -0.80
C ASP E 106 -39.43 24.21 -1.58
N PHE E 107 -39.58 22.90 -1.45
CA PHE E 107 -38.68 21.95 -2.10
C PHE E 107 -38.95 21.89 -3.60
N THR E 108 -37.91 22.05 -4.42
CA THR E 108 -38.09 22.10 -5.88
C THR E 108 -37.23 21.10 -6.63
N GLN E 109 -36.59 20.16 -5.93
CA GLN E 109 -35.66 19.20 -6.48
C GLN E 109 -36.26 17.79 -6.57
N GLN E 110 -37.53 17.69 -6.96
CA GLN E 110 -38.19 16.40 -7.13
C GLN E 110 -37.45 15.56 -8.18
N SER E 111 -36.92 16.20 -9.21
CA SER E 111 -36.23 15.47 -10.26
C SER E 111 -34.97 14.79 -9.70
N GLU E 112 -34.26 15.48 -8.82
CA GLU E 112 -33.05 14.90 -8.23
C GLU E 112 -33.39 13.76 -7.27
N VAL E 113 -34.53 13.83 -6.57
CA VAL E 113 -34.98 12.70 -5.76
C VAL E 113 -35.30 11.51 -6.66
N ALA E 114 -36.07 11.75 -7.73
CA ALA E 114 -36.47 10.67 -8.63
C ALA E 114 -35.27 10.00 -9.33
N ASP E 115 -34.18 10.74 -9.53
CA ASP E 115 -32.95 10.15 -10.04
C ASP E 115 -32.45 9.04 -9.13
N GLY E 116 -32.72 9.11 -7.82
CA GLY E 116 -32.36 8.01 -6.94
C GLY E 116 -32.98 6.69 -7.35
N ALA E 117 -34.23 6.73 -7.83
CA ALA E 117 -34.88 5.53 -8.33
C ALA E 117 -34.38 5.16 -9.72
N SER E 118 -34.26 6.18 -10.59
CA SER E 118 -33.87 5.94 -11.97
C SER E 118 -32.50 5.29 -12.06
N GLU E 119 -31.56 5.71 -11.21
CA GLU E 119 -30.21 5.19 -11.26
C GLU E 119 -30.16 3.72 -10.85
N ILE E 120 -30.96 3.33 -9.86
CA ILE E 120 -31.09 1.91 -9.53
C ILE E 120 -31.57 1.13 -10.75
N LEU E 121 -32.56 1.67 -11.45
CA LEU E 121 -33.03 0.98 -12.65
C LEU E 121 -31.89 0.81 -13.65
N TYR E 122 -31.10 1.86 -13.89
CA TYR E 122 -30.01 1.75 -14.86
C TYR E 122 -28.94 0.75 -14.40
N GLU E 123 -28.52 0.83 -13.14
CA GLU E 123 -27.46 -0.03 -12.66
C GLU E 123 -27.85 -1.50 -12.69
N ILE E 124 -29.12 -1.81 -12.44
CA ILE E 124 -29.49 -3.23 -12.40
C ILE E 124 -30.04 -3.74 -13.73
N LEU E 125 -30.75 -2.93 -14.50
CA LEU E 125 -31.36 -3.42 -15.72
C LEU E 125 -30.62 -3.00 -16.99
N GLY E 126 -29.65 -2.07 -16.89
CA GLY E 126 -28.95 -1.58 -18.05
C GLY E 126 -29.60 -0.34 -18.63
N SER E 127 -28.83 0.38 -19.45
CA SER E 127 -29.27 1.61 -20.09
C SER E 127 -30.38 1.38 -21.10
N ASP E 128 -30.63 0.15 -21.53
CA ASP E 128 -31.75 -0.14 -22.44
C ASP E 128 -33.02 -0.56 -21.71
N THR E 129 -33.00 -1.74 -21.10
CA THR E 129 -34.17 -2.28 -20.41
C THR E 129 -34.61 -1.41 -19.25
N GLY E 130 -33.70 -0.64 -18.68
CA GLY E 130 -34.05 0.24 -17.57
C GLY E 130 -34.67 1.55 -17.97
N GLN E 131 -34.89 1.78 -19.27
CA GLN E 131 -35.53 3.02 -19.69
C GLN E 131 -36.98 3.05 -19.23
N HIS E 132 -37.44 4.26 -18.89
CA HIS E 132 -38.75 4.38 -18.25
C HIS E 132 -39.26 5.79 -18.44
N THR E 133 -40.58 5.94 -18.53
CA THR E 133 -41.17 7.26 -18.35
C THR E 133 -41.35 7.49 -16.84
N ARG E 134 -41.55 8.75 -16.48
CA ARG E 134 -41.42 9.13 -15.08
C ARG E 134 -42.28 10.35 -14.78
N THR E 135 -42.86 10.37 -13.58
CA THR E 135 -43.52 11.56 -13.07
C THR E 135 -43.10 11.68 -11.62
N SER E 136 -42.85 12.91 -11.18
CA SER E 136 -42.27 13.15 -9.86
C SER E 136 -42.92 14.40 -9.28
N VAL E 137 -43.68 14.23 -8.19
CA VAL E 137 -44.42 15.31 -7.58
C VAL E 137 -44.21 15.29 -6.06
N SER E 138 -44.48 16.45 -5.44
CA SER E 138 -44.48 16.56 -3.99
C SER E 138 -45.90 16.39 -3.48
N VAL E 139 -46.05 15.56 -2.46
CA VAL E 139 -47.32 15.35 -1.79
C VAL E 139 -47.13 15.84 -0.36
N CYS E 140 -48.25 16.06 0.34
CA CYS E 140 -48.12 16.62 1.68
C CYS E 140 -47.89 15.55 2.74
N GLN E 141 -48.20 14.29 2.46
CA GLN E 141 -47.89 13.23 3.42
C GLN E 141 -48.03 11.87 2.76
N LEU E 142 -47.46 10.87 3.41
CA LEU E 142 -47.36 9.49 2.90
C LEU E 142 -47.59 8.50 4.04
N PRO E 143 -47.97 7.26 3.72
CA PRO E 143 -48.15 6.23 4.75
C PRO E 143 -46.96 6.11 5.68
N LYS E 144 -47.27 6.03 6.99
CA LYS E 144 -46.28 5.78 8.01
C LYS E 144 -45.21 6.87 8.01
N ASN E 145 -45.60 8.08 7.60
CA ASN E 145 -44.72 9.26 7.56
C ASN E 145 -43.51 9.02 6.64
N ALA E 146 -43.65 8.17 5.64
CA ALA E 146 -42.57 7.92 4.70
C ALA E 146 -42.21 9.20 3.95
N SER E 147 -40.99 9.24 3.44
CA SER E 147 -40.54 10.40 2.70
C SER E 147 -40.75 10.27 1.20
N VAL E 148 -40.81 9.03 0.67
CA VAL E 148 -40.95 8.78 -0.77
C VAL E 148 -41.83 7.55 -0.95
N GLU E 149 -42.64 7.54 -2.00
CA GLU E 149 -43.43 6.37 -2.39
C GLU E 149 -43.48 6.28 -3.91
N ILE E 150 -43.31 5.09 -4.47
CA ILE E 150 -43.13 4.92 -5.93
C ILE E 150 -43.92 3.73 -6.43
N ASN E 151 -44.65 3.89 -7.53
CA ASN E 151 -45.28 2.73 -8.16
C ASN E 151 -44.81 2.59 -9.61
N PHE E 152 -45.09 1.42 -10.19
CA PHE E 152 -44.53 1.03 -11.48
C PHE E 152 -45.55 0.30 -12.33
N ILE E 153 -45.44 0.51 -13.64
CA ILE E 153 -45.99 -0.39 -14.65
C ILE E 153 -44.81 -0.91 -15.45
N VAL E 154 -44.66 -2.23 -15.51
CA VAL E 154 -43.47 -2.90 -16.05
C VAL E 154 -43.89 -3.85 -17.17
N ALA E 155 -43.27 -3.74 -18.32
CA ALA E 155 -43.54 -4.71 -19.38
C ALA E 155 -42.67 -5.96 -19.15
N LEU E 156 -43.27 -7.13 -19.37
CA LEU E 156 -42.61 -8.41 -19.16
C LEU E 156 -42.30 -9.04 -20.51
N LYS E 157 -41.21 -9.79 -20.59
CA LYS E 157 -40.91 -10.48 -21.84
C LYS E 157 -41.90 -11.62 -22.05
N GLN E 158 -42.22 -11.84 -23.33
CA GLN E 158 -43.20 -12.83 -23.72
C GLN E 158 -42.52 -14.15 -24.07
N ASN F 2 10.51 -32.72 6.95
CA ASN F 2 11.13 -32.42 5.69
C ASN F 2 11.61 -30.95 5.73
N ARG F 3 12.68 -30.69 6.51
CA ARG F 3 13.22 -29.35 6.81
C ARG F 3 12.22 -28.21 6.91
N ASP F 4 11.23 -28.16 6.01
CA ASP F 4 10.25 -27.10 6.04
C ASP F 4 9.51 -27.06 7.39
N ASP F 5 9.26 -28.24 7.97
CA ASP F 5 8.54 -28.29 9.23
C ASP F 5 9.45 -27.89 10.38
N ALA F 6 10.74 -28.25 10.31
CA ALA F 6 11.70 -27.71 11.28
C ALA F 6 11.73 -26.20 11.21
N PHE F 7 11.67 -25.66 9.99
CA PHE F 7 11.63 -24.21 9.82
C PHE F 7 10.42 -23.62 10.55
N LEU F 8 9.21 -24.14 10.27
CA LEU F 8 8.03 -23.62 10.96
C LEU F 8 8.09 -23.84 12.47
N THR F 9 8.58 -25.00 12.91
CA THR F 9 8.70 -25.26 14.34
C THR F 9 9.57 -24.23 15.03
N VAL F 10 10.74 -23.94 14.46
CA VAL F 10 11.63 -22.94 15.06
C VAL F 10 11.05 -21.55 14.93
N GLN F 11 10.46 -21.23 13.78
CA GLN F 11 9.83 -19.93 13.60
C GLN F 11 8.78 -19.68 14.69
N ALA F 12 7.99 -20.71 15.02
CA ALA F 12 7.03 -20.58 16.11
C ALA F 12 7.72 -20.37 17.44
N ARG F 13 8.80 -21.12 17.70
CA ARG F 13 9.48 -20.97 18.98
C ARG F 13 10.12 -19.58 19.13
N LEU F 14 10.58 -18.98 18.04
CA LEU F 14 11.11 -17.62 18.11
C LEU F 14 10.01 -16.56 18.17
N GLY F 15 8.82 -16.87 17.66
CA GLY F 15 7.72 -15.92 17.75
C GLY F 15 7.71 -14.84 16.69
N TYR F 16 8.34 -15.07 15.56
CA TYR F 16 8.34 -14.11 14.45
C TYR F 16 7.72 -14.74 13.23
N ASP F 17 7.32 -13.88 12.30
CA ASP F 17 6.58 -14.28 11.13
C ASP F 17 7.39 -13.97 9.89
N PHE F 18 8.11 -14.97 9.40
CA PHE F 18 8.93 -14.84 8.21
C PHE F 18 8.10 -15.10 6.95
N THR F 29 20.37 -7.27 -5.64
CA THR F 29 19.72 -8.58 -5.67
C THR F 29 20.04 -9.33 -4.39
N SER F 30 19.06 -10.07 -3.85
CA SER F 30 19.28 -10.82 -2.61
C SER F 30 20.04 -12.11 -2.83
N LEU F 31 19.91 -12.73 -3.99
CA LEU F 31 20.44 -14.06 -4.22
C LEU F 31 20.84 -14.16 -5.67
N ILE F 32 21.99 -14.78 -5.93
CA ILE F 32 22.35 -15.09 -7.30
C ILE F 32 22.89 -16.51 -7.34
N GLU F 33 22.41 -17.29 -8.30
CA GLU F 33 22.89 -18.65 -8.43
C GLU F 33 23.87 -18.71 -9.59
N HIS F 34 24.93 -19.49 -9.41
CA HIS F 34 25.88 -19.72 -10.48
C HIS F 34 26.59 -21.05 -10.24
N ALA F 35 26.60 -21.92 -11.24
CA ALA F 35 27.31 -23.21 -11.18
C ALA F 35 26.92 -24.00 -9.93
N GLY F 36 25.64 -23.95 -9.58
CA GLY F 36 25.14 -24.70 -8.45
C GLY F 36 25.36 -24.05 -7.10
N LEU F 37 25.87 -22.83 -7.04
CA LEU F 37 26.07 -22.12 -5.79
C LEU F 37 25.14 -20.92 -5.71
N ALA F 38 24.53 -20.71 -4.55
CA ALA F 38 23.75 -19.52 -4.30
C ALA F 38 24.55 -18.60 -3.41
N TYR F 39 24.89 -17.43 -3.94
CA TYR F 39 25.51 -16.34 -3.19
C TYR F 39 24.40 -15.45 -2.65
N MET F 40 24.43 -15.13 -1.37
CA MET F 40 23.35 -14.34 -0.79
C MET F 40 23.90 -13.06 -0.17
N SER F 41 23.23 -11.94 -0.46
CA SER F 41 23.58 -10.65 0.11
C SER F 41 23.52 -10.70 1.63
N GLY F 42 24.20 -9.75 2.26
CA GLY F 42 24.13 -9.65 3.71
C GLY F 42 22.70 -9.43 4.18
N GLN F 43 22.36 -10.05 5.30
CA GLN F 43 21.02 -9.96 5.88
C GLN F 43 21.11 -9.40 7.29
N ILE F 44 20.40 -8.31 7.54
CA ILE F 44 20.23 -7.78 8.89
C ILE F 44 18.93 -8.36 9.45
N PRO F 45 18.68 -8.32 10.79
CA PRO F 45 17.52 -9.01 11.40
C PRO F 45 16.19 -8.30 11.17
N ARG F 46 15.69 -8.37 9.94
CA ARG F 46 14.46 -7.70 9.55
C ARG F 46 13.32 -8.72 9.53
N VAL F 47 12.25 -8.46 10.27
CA VAL F 47 11.09 -9.36 10.29
C VAL F 47 9.79 -8.66 9.94
N GLU F 48 9.63 -7.36 10.18
CA GLU F 48 8.38 -6.67 9.91
C GLU F 48 8.68 -5.95 8.63
N ASP F 49 8.96 -4.65 8.65
CA ASP F 49 10.20 -4.18 8.08
C ASP F 49 11.18 -3.85 9.19
N LYS F 50 10.68 -3.78 10.42
CA LYS F 50 11.50 -3.41 11.56
C LYS F 50 12.74 -4.29 11.65
N VAL F 51 13.88 -3.65 11.87
CA VAL F 51 15.08 -4.36 12.26
C VAL F 51 14.94 -4.67 13.74
N GLN F 52 15.07 -5.95 14.08
CA GLN F 52 14.54 -6.41 15.35
C GLN F 52 15.43 -6.07 16.53
N VAL F 53 16.73 -6.24 16.40
CA VAL F 53 17.65 -6.05 17.52
C VAL F 53 18.67 -5.04 17.02
N CYS F 54 18.35 -3.76 17.16
CA CYS F 54 19.24 -2.70 16.75
C CYS F 54 20.07 -2.31 17.94
N GLY F 55 21.30 -1.86 17.69
CA GLY F 55 22.13 -1.36 18.76
C GLY F 55 23.47 -2.05 18.79
N LYS F 56 24.27 -1.69 19.78
CA LYS F 56 25.66 -2.09 19.89
C LYS F 56 25.79 -3.24 20.88
N VAL F 57 26.15 -4.42 20.36
CA VAL F 57 26.29 -5.59 21.23
C VAL F 57 27.37 -5.29 22.27
N GLY F 58 27.05 -5.58 23.53
CA GLY F 58 27.89 -5.20 24.65
C GLY F 58 27.54 -3.84 25.26
N PHE F 59 26.55 -3.13 24.72
CA PHE F 59 26.15 -1.81 25.23
C PHE F 59 24.63 -1.77 25.33
N ASP F 60 23.97 -1.74 24.17
CA ASP F 60 22.53 -1.75 24.00
C ASP F 60 21.94 -3.15 23.93
N VAL F 61 22.75 -4.13 23.58
CA VAL F 61 22.29 -5.44 23.18
C VAL F 61 23.14 -6.44 23.93
N ASP F 62 22.50 -7.38 24.62
CA ASP F 62 23.25 -8.35 25.41
C ASP F 62 23.46 -9.61 24.57
N LEU F 63 24.16 -10.58 25.15
CA LEU F 63 24.55 -11.78 24.41
C LEU F 63 23.32 -12.51 23.85
N SER F 64 22.28 -12.70 24.69
CA SER F 64 21.09 -13.44 24.26
C SER F 64 20.33 -12.71 23.16
N GLN F 65 20.20 -11.39 23.27
CA GLN F 65 19.54 -10.67 22.19
C GLN F 65 20.37 -10.70 20.92
N ALA F 66 21.70 -10.68 21.05
CA ALA F 66 22.54 -10.76 19.85
C ALA F 66 22.39 -12.13 19.18
N GLN F 67 22.32 -13.20 19.97
CA GLN F 67 22.07 -14.53 19.41
C GLN F 67 20.72 -14.61 18.74
N LEU F 68 19.71 -13.95 19.32
CA LEU F 68 18.41 -13.92 18.66
C LEU F 68 18.49 -13.17 17.33
N ALA F 69 19.19 -12.03 17.31
CA ALA F 69 19.37 -11.29 16.05
C ALA F 69 20.05 -12.17 15.00
N ALA F 70 21.10 -12.89 15.39
CA ALA F 70 21.76 -13.80 14.47
C ALA F 70 20.80 -14.84 13.96
N SER F 71 19.93 -15.36 14.85
CA SER F 71 18.92 -16.32 14.43
C SER F 71 17.99 -15.72 13.39
N ILE F 72 17.60 -14.47 13.60
CA ILE F 72 16.65 -13.84 12.68
C ILE F 72 17.27 -13.66 11.30
N SER F 73 18.52 -13.19 11.26
CA SER F 73 19.21 -13.06 9.98
C SER F 73 19.31 -14.41 9.28
N THR F 74 19.65 -15.46 10.05
CA THR F 74 19.76 -16.79 9.44
C THR F 74 18.42 -17.26 8.91
N MET F 75 17.35 -17.10 9.72
CA MET F 75 16.01 -17.51 9.33
C MET F 75 15.53 -16.75 8.09
N ARG F 76 15.77 -15.45 8.05
CA ARG F 76 15.48 -14.66 6.87
C ARG F 76 16.22 -15.21 5.66
N ALA F 77 17.47 -15.62 5.86
CA ALA F 77 18.23 -16.21 4.78
C ALA F 77 17.57 -17.50 4.28
N LEU F 78 17.19 -18.35 5.23
CA LEU F 78 16.49 -19.59 4.88
C LEU F 78 15.20 -19.30 4.14
N ALA F 79 14.46 -18.28 4.58
CA ALA F 79 13.19 -17.91 3.94
C ALA F 79 13.39 -17.44 2.51
N ILE F 80 14.46 -16.67 2.25
CA ILE F 80 14.73 -16.24 0.87
C ILE F 80 15.02 -17.46 -0.01
N LEU F 81 15.83 -18.42 0.49
CA LEU F 81 16.04 -19.64 -0.30
C LEU F 81 14.71 -20.33 -0.58
N LYS F 82 13.86 -20.45 0.45
CA LYS F 82 12.61 -21.17 0.33
C LYS F 82 11.74 -20.51 -0.74
N GLN F 83 11.72 -19.17 -0.78
CA GLN F 83 10.94 -18.48 -1.81
C GLN F 83 11.52 -18.68 -3.21
N HIS F 84 12.86 -18.69 -3.33
CA HIS F 84 13.46 -18.75 -4.67
C HIS F 84 13.38 -20.15 -5.27
N TYR F 85 13.41 -21.19 -4.45
CA TYR F 85 13.47 -22.54 -4.98
C TYR F 85 12.27 -23.40 -4.61
N GLY F 86 11.27 -22.85 -3.92
CA GLY F 86 10.05 -23.57 -3.61
C GLY F 86 10.16 -24.39 -2.36
N THR F 87 11.32 -24.98 -2.13
CA THR F 87 11.51 -25.84 -0.97
C THR F 87 12.94 -25.69 -0.48
N LEU F 88 13.10 -25.86 0.83
CA LEU F 88 14.40 -25.91 1.47
C LEU F 88 15.15 -27.20 1.16
N GLN F 89 14.55 -28.12 0.40
CA GLN F 89 15.20 -29.36 0.04
C GLN F 89 16.33 -29.15 -0.96
N VAL F 90 16.40 -28.00 -1.61
CA VAL F 90 17.45 -27.74 -2.60
C VAL F 90 18.82 -27.57 -1.96
N VAL F 91 18.88 -27.33 -0.65
CA VAL F 91 20.15 -27.06 0.04
C VAL F 91 20.94 -28.34 0.18
N GLU F 92 22.15 -28.35 -0.38
CA GLU F 92 23.09 -29.43 -0.15
C GLU F 92 24.02 -29.13 1.03
N LYS F 93 24.51 -27.89 1.12
CA LYS F 93 25.38 -27.46 2.20
C LYS F 93 25.47 -25.94 2.20
N VAL F 94 25.58 -25.38 3.40
CA VAL F 94 25.87 -23.96 3.58
C VAL F 94 27.39 -23.91 3.63
N LEU F 95 28.01 -23.58 2.49
CA LEU F 95 29.47 -23.67 2.44
C LEU F 95 30.10 -22.66 3.36
N GLN F 96 29.53 -21.44 3.41
CA GLN F 96 30.20 -20.38 4.13
C GLN F 96 29.17 -19.40 4.69
N MET F 97 29.39 -18.99 5.93
CA MET F 97 28.56 -18.02 6.61
C MET F 97 29.46 -17.00 7.26
N ASN F 98 29.30 -15.73 6.89
CA ASN F 98 30.09 -14.63 7.47
C ASN F 98 29.20 -13.78 8.37
N VAL F 99 29.61 -13.65 9.63
CA VAL F 99 28.85 -12.99 10.67
C VAL F 99 29.60 -11.74 11.10
N PHE F 100 28.98 -10.57 10.89
CA PHE F 100 29.53 -9.28 11.30
C PHE F 100 28.68 -8.73 12.45
N ILE F 101 29.33 -8.41 13.56
CA ILE F 101 28.62 -8.06 14.78
C ILE F 101 28.96 -6.63 15.16
N HIS F 102 27.93 -5.79 15.24
CA HIS F 102 28.06 -4.41 15.69
C HIS F 102 28.24 -4.43 17.20
N SER F 103 29.46 -4.17 17.69
CA SER F 103 29.74 -4.35 19.10
C SER F 103 30.71 -3.30 19.61
N THR F 104 30.91 -3.31 20.92
CA THR F 104 31.90 -2.47 21.55
C THR F 104 33.31 -3.01 21.29
N ALA F 105 34.29 -2.23 21.74
CA ALA F 105 35.68 -2.66 21.67
C ALA F 105 36.07 -3.61 22.78
N ASP F 106 35.12 -4.00 23.66
CA ASP F 106 35.37 -4.97 24.73
C ASP F 106 34.65 -6.28 24.54
N PHE F 107 33.72 -6.37 23.61
CA PHE F 107 32.94 -7.59 23.45
C PHE F 107 33.84 -8.68 22.88
N THR F 108 33.84 -9.84 23.51
CA THR F 108 34.78 -10.90 23.17
C THR F 108 34.08 -12.20 22.81
N GLN F 109 32.76 -12.17 22.73
CA GLN F 109 31.97 -13.38 22.53
C GLN F 109 31.36 -13.47 21.13
N GLN F 110 32.13 -13.10 20.10
CA GLN F 110 31.63 -13.20 18.73
C GLN F 110 31.19 -14.62 18.40
N SER F 111 31.91 -15.61 18.94
CA SER F 111 31.60 -17.00 18.65
C SER F 111 30.24 -17.41 19.19
N GLU F 112 29.93 -16.98 20.41
CA GLU F 112 28.67 -17.34 21.05
C GLU F 112 27.51 -16.66 20.33
N VAL F 113 27.74 -15.46 19.80
CA VAL F 113 26.74 -14.81 18.96
C VAL F 113 26.49 -15.61 17.70
N ALA F 114 27.58 -16.01 17.02
CA ALA F 114 27.47 -16.77 15.78
C ALA F 114 26.80 -18.13 16.01
N ASP F 115 26.97 -18.69 17.21
CA ASP F 115 26.25 -19.92 17.55
C ASP F 115 24.73 -19.74 17.42
N GLY F 116 24.23 -18.54 17.66
CA GLY F 116 22.82 -18.28 17.44
C GLY F 116 22.39 -18.57 16.00
N ALA F 117 23.27 -18.29 15.04
CA ALA F 117 22.98 -18.63 13.65
C ALA F 117 23.23 -20.11 13.36
N SER F 118 24.36 -20.60 13.87
CA SER F 118 24.73 -22.00 13.65
C SER F 118 23.66 -22.95 14.14
N GLU F 119 23.03 -22.66 15.27
CA GLU F 119 22.02 -23.56 15.82
C GLU F 119 20.76 -23.58 14.96
N ILE F 120 20.37 -22.45 14.38
CA ILE F 120 19.29 -22.49 13.41
C ILE F 120 19.66 -23.40 12.26
N LEU F 121 20.91 -23.29 11.77
CA LEU F 121 21.33 -24.15 10.66
C LEU F 121 21.20 -25.62 11.04
N TYR F 122 21.69 -25.97 12.23
CA TYR F 122 21.66 -27.37 12.65
C TYR F 122 20.24 -27.88 12.81
N GLU F 123 19.40 -27.10 13.51
CA GLU F 123 18.01 -27.49 13.75
C GLU F 123 17.20 -27.64 12.47
N ILE F 124 17.43 -26.79 11.47
CA ILE F 124 16.57 -26.89 10.30
C ILE F 124 17.14 -27.85 9.25
N LEU F 125 18.47 -27.95 9.14
CA LEU F 125 19.05 -28.77 8.09
C LEU F 125 19.63 -30.08 8.61
N GLY F 126 19.75 -30.25 9.92
CA GLY F 126 20.34 -31.45 10.48
C GLY F 126 21.83 -31.30 10.75
N SER F 127 22.36 -32.23 11.56
CA SER F 127 23.78 -32.18 11.90
C SER F 127 24.70 -32.46 10.71
N ASP F 128 24.19 -33.05 9.61
CA ASP F 128 25.04 -33.30 8.44
C ASP F 128 24.97 -32.11 7.50
N THR F 129 23.80 -31.90 6.88
CA THR F 129 23.62 -30.78 5.97
C THR F 129 23.78 -29.42 6.66
N GLY F 130 23.60 -29.35 7.97
CA GLY F 130 23.76 -28.09 8.67
C GLY F 130 25.19 -27.68 8.93
N GLN F 131 26.15 -28.47 8.45
CA GLN F 131 27.56 -28.17 8.60
C GLN F 131 27.92 -26.98 7.73
N HIS F 132 28.83 -26.14 8.23
CA HIS F 132 29.14 -24.89 7.55
C HIS F 132 30.49 -24.37 8.07
N THR F 133 31.23 -23.69 7.20
CA THR F 133 32.32 -22.87 7.73
C THR F 133 31.77 -21.50 8.14
N ARG F 134 32.55 -20.80 8.95
CA ARG F 134 32.06 -19.60 9.62
C ARG F 134 33.19 -18.64 9.91
N THR F 135 32.88 -17.35 9.81
CA THR F 135 33.76 -16.30 10.28
C THR F 135 32.90 -15.32 11.06
N SER F 136 33.42 -14.82 12.18
CA SER F 136 32.64 -13.98 13.08
C SER F 136 33.49 -12.83 13.60
N VAL F 137 33.16 -11.60 13.21
CA VAL F 137 33.97 -10.46 13.62
C VAL F 137 33.07 -9.32 14.12
N SER F 138 33.67 -8.43 14.90
CA SER F 138 32.98 -7.23 15.36
C SER F 138 33.30 -6.06 14.43
N VAL F 139 32.27 -5.33 14.02
CA VAL F 139 32.44 -4.16 13.18
C VAL F 139 31.98 -2.91 13.93
N CYS F 140 32.26 -1.76 13.30
CA CYS F 140 32.03 -0.45 13.91
C CYS F 140 30.54 -0.05 13.81
N GLN F 141 29.85 -0.49 12.76
CA GLN F 141 28.45 -0.15 12.55
C GLN F 141 27.88 -1.01 11.43
N LEU F 142 26.57 -0.98 11.29
CA LEU F 142 25.85 -1.77 10.32
C LEU F 142 24.69 -0.95 9.77
N PRO F 143 24.16 -1.33 8.60
CA PRO F 143 22.98 -0.64 8.07
C PRO F 143 21.87 -0.51 9.11
N LYS F 144 21.24 0.66 9.15
CA LYS F 144 20.06 0.92 10.00
C LYS F 144 20.34 0.58 11.46
N ASN F 145 21.59 0.77 11.88
CA ASN F 145 22.00 0.55 13.27
C ASN F 145 21.81 -0.90 13.70
N ALA F 146 21.83 -1.85 12.75
CA ALA F 146 21.64 -3.27 13.08
C ALA F 146 22.77 -3.78 13.97
N SER F 147 22.45 -4.86 14.69
CA SER F 147 23.41 -5.45 15.61
C SER F 147 24.20 -6.59 15.00
N VAL F 148 23.64 -7.25 13.98
CA VAL F 148 24.25 -8.41 13.35
C VAL F 148 23.94 -8.35 11.86
N GLU F 149 24.91 -8.73 11.03
CA GLU F 149 24.64 -8.91 9.60
C GLU F 149 25.36 -10.16 9.14
N ILE F 150 24.70 -10.95 8.30
CA ILE F 150 25.18 -12.28 7.95
C ILE F 150 25.00 -12.50 6.46
N ASN F 151 26.06 -12.97 5.79
CA ASN F 151 25.91 -13.41 4.41
C ASN F 151 26.30 -14.87 4.25
N PHE F 152 25.91 -15.46 3.11
CA PHE F 152 26.01 -16.89 2.91
C PHE F 152 26.45 -17.24 1.51
N ILE F 153 27.18 -18.35 1.42
CA ILE F 153 27.32 -19.10 0.18
C ILE F 153 26.79 -20.50 0.45
N VAL F 154 25.82 -20.94 -0.35
CA VAL F 154 25.09 -22.17 -0.12
C VAL F 154 25.22 -23.05 -1.35
N ALA F 155 25.56 -24.31 -1.15
CA ALA F 155 25.56 -25.25 -2.26
C ALA F 155 24.15 -25.78 -2.48
N LEU F 156 23.77 -25.90 -3.76
CA LEU F 156 22.45 -26.35 -4.16
C LEU F 156 22.52 -27.76 -4.72
N LYS F 157 21.44 -28.53 -4.54
CA LYS F 157 21.39 -29.83 -5.20
C LYS F 157 21.11 -29.67 -6.69
N GLN F 158 21.71 -30.56 -7.48
CA GLN F 158 21.61 -30.53 -8.94
C GLN F 158 20.52 -31.47 -9.46
N ASN G 2 3.35 -35.58 13.57
CA ASN G 2 3.53 -35.15 14.95
C ASN G 2 2.35 -34.33 15.52
N ARG G 3 1.40 -33.99 14.66
CA ARG G 3 0.28 -33.10 15.00
C ARG G 3 0.77 -31.75 15.49
N ASP G 4 1.44 -31.73 16.64
CA ASP G 4 2.03 -30.51 17.19
C ASP G 4 3.09 -29.90 16.26
N ASP G 5 3.08 -30.28 14.99
CA ASP G 5 3.96 -29.81 13.92
C ASP G 5 3.16 -29.74 12.63
N ALA G 6 2.26 -30.70 12.41
CA ALA G 6 1.29 -30.57 11.33
C ALA G 6 0.41 -29.34 11.55
N PHE G 7 0.01 -29.11 12.80
CA PHE G 7 -0.74 -27.91 13.16
C PHE G 7 0.04 -26.66 12.75
N LEU G 8 1.33 -26.60 13.13
CA LEU G 8 2.16 -25.44 12.80
C LEU G 8 2.26 -25.24 11.29
N THR G 9 2.40 -26.35 10.56
CA THR G 9 2.50 -26.27 9.11
C THR G 9 1.24 -25.69 8.48
N VAL G 10 0.06 -26.24 8.83
CA VAL G 10 -1.17 -25.77 8.22
C VAL G 10 -1.45 -24.34 8.66
N GLN G 11 -1.16 -24.03 9.92
CA GLN G 11 -1.25 -22.66 10.40
C GLN G 11 -0.45 -21.72 9.55
N ALA G 12 0.77 -22.13 9.19
CA ALA G 12 1.60 -21.29 8.30
C ALA G 12 0.98 -21.18 6.92
N ARG G 13 0.45 -22.29 6.40
CA ARG G 13 -0.10 -22.22 5.04
C ARG G 13 -1.30 -21.29 4.98
N LEU G 14 -2.11 -21.27 6.04
CA LEU G 14 -3.28 -20.39 6.09
C LEU G 14 -2.90 -18.94 6.38
N GLY G 15 -1.72 -18.69 6.96
CA GLY G 15 -1.28 -17.34 7.21
C GLY G 15 -1.84 -16.69 8.45
N TYR G 16 -2.32 -17.45 9.42
CA TYR G 16 -2.79 -16.91 10.68
C TYR G 16 -2.03 -17.57 11.82
N ASP G 17 -2.00 -16.89 12.97
CA ASP G 17 -1.27 -17.38 14.15
C ASP G 17 -2.28 -17.54 15.27
N PHE G 18 -2.66 -18.80 15.55
CA PHE G 18 -3.63 -19.12 16.59
C PHE G 18 -2.89 -19.13 17.93
N SER G 19 -2.87 -17.97 18.58
CA SER G 19 -2.09 -17.77 19.80
C SER G 19 -3.00 -17.36 20.96
N TYR G 28 -20.85 -18.16 28.76
CA TYR G 28 -20.61 -19.60 28.54
C TYR G 28 -19.12 -19.92 28.51
N THR G 29 -18.84 -21.23 28.49
CA THR G 29 -17.50 -21.80 28.51
C THR G 29 -17.16 -22.42 27.16
N SER G 30 -15.87 -22.35 26.81
CA SER G 30 -15.47 -22.87 25.50
C SER G 30 -15.45 -24.38 25.47
N LEU G 31 -15.11 -25.04 26.58
CA LEU G 31 -14.87 -26.48 26.63
C LEU G 31 -15.28 -27.01 27.98
N ILE G 32 -15.95 -28.16 27.99
CA ILE G 32 -16.26 -28.84 29.24
C ILE G 32 -15.95 -30.31 29.04
N GLU G 33 -15.25 -30.92 29.99
CA GLU G 33 -14.90 -32.33 29.88
C GLU G 33 -15.76 -33.16 30.82
N HIS G 34 -16.18 -34.33 30.35
CA HIS G 34 -16.92 -35.24 31.21
C HIS G 34 -16.80 -36.67 30.67
N ALA G 35 -16.40 -37.59 31.55
CA ALA G 35 -16.25 -39.00 31.22
C ALA G 35 -15.37 -39.20 29.99
N GLY G 36 -14.32 -38.40 29.89
CA GLY G 36 -13.42 -38.55 28.77
C GLY G 36 -13.84 -37.89 27.49
N LEU G 37 -14.94 -37.13 27.49
CA LEU G 37 -15.35 -36.38 26.31
C LEU G 37 -15.20 -34.89 26.55
N ALA G 38 -14.66 -34.19 25.56
CA ALA G 38 -14.60 -32.74 25.58
C ALA G 38 -15.70 -32.22 24.66
N TYR G 39 -16.66 -31.50 25.25
CA TYR G 39 -17.70 -30.80 24.50
C TYR G 39 -17.22 -29.38 24.27
N MET G 40 -17.32 -28.91 23.03
CA MET G 40 -16.80 -27.60 22.68
C MET G 40 -17.92 -26.70 22.14
N SER G 41 -17.98 -25.48 22.65
CA SER G 41 -18.92 -24.50 22.13
C SER G 41 -18.67 -24.23 20.66
N GLY G 42 -19.71 -23.73 19.98
CA GLY G 42 -19.56 -23.37 18.58
C GLY G 42 -18.45 -22.35 18.39
N GLN G 43 -17.70 -22.52 17.30
CA GLN G 43 -16.56 -21.66 17.02
C GLN G 43 -16.79 -20.95 15.70
N ILE G 44 -16.77 -19.62 15.75
CA ILE G 44 -16.80 -18.81 14.54
C ILE G 44 -15.35 -18.56 14.18
N PRO G 45 -15.02 -18.12 12.95
CA PRO G 45 -13.60 -18.02 12.57
C PRO G 45 -12.87 -16.85 13.21
N ARG G 46 -12.62 -16.89 14.51
CA ARG G 46 -11.94 -15.80 15.19
C ARG G 46 -10.50 -16.22 15.44
N VAL G 47 -9.58 -15.59 14.70
CA VAL G 47 -8.14 -15.69 14.91
C VAL G 47 -7.66 -14.26 14.93
N GLU G 48 -6.63 -13.99 15.74
CA GLU G 48 -6.27 -12.66 16.27
C GLU G 48 -7.51 -12.20 17.05
N ASP G 49 -8.04 -11.02 16.81
CA ASP G 49 -9.29 -10.58 17.42
C ASP G 49 -10.43 -10.54 16.44
N LYS G 50 -10.11 -10.67 15.17
CA LYS G 50 -11.02 -10.39 14.09
C LYS G 50 -11.75 -11.65 13.68
N VAL G 51 -13.03 -11.51 13.34
CA VAL G 51 -13.74 -12.62 12.70
C VAL G 51 -13.35 -12.56 11.24
N GLN G 52 -12.79 -13.67 10.73
CA GLN G 52 -12.00 -13.53 9.51
C GLN G 52 -12.85 -13.46 8.25
N VAL G 53 -13.81 -14.35 8.08
CA VAL G 53 -14.45 -14.39 6.76
C VAL G 53 -15.96 -14.20 6.95
N CYS G 54 -16.38 -12.96 7.16
CA CYS G 54 -17.76 -12.67 7.50
C CYS G 54 -18.59 -12.54 6.23
N GLY G 55 -19.88 -12.85 6.36
CA GLY G 55 -20.81 -12.65 5.28
C GLY G 55 -21.64 -13.86 5.04
N LYS G 56 -22.42 -13.79 3.98
CA LYS G 56 -23.40 -14.80 3.60
C LYS G 56 -22.84 -15.60 2.43
N VAL G 57 -22.56 -16.88 2.67
CA VAL G 57 -22.00 -17.72 1.62
C VAL G 57 -22.97 -17.77 0.46
N GLY G 58 -22.45 -17.53 -0.76
CA GLY G 58 -23.27 -17.36 -1.93
C GLY G 58 -23.66 -15.93 -2.23
N PHE G 59 -23.21 -14.97 -1.40
CA PHE G 59 -23.50 -13.55 -1.56
C PHE G 59 -22.21 -12.74 -1.46
N ASP G 60 -21.68 -12.65 -0.23
CA ASP G 60 -20.43 -12.00 0.13
C ASP G 60 -19.25 -12.93 0.06
N VAL G 61 -19.50 -14.22 0.12
CA VAL G 61 -18.49 -15.22 0.43
C VAL G 61 -18.69 -16.36 -0.54
N ASP G 62 -17.63 -16.75 -1.25
CA ASP G 62 -17.77 -17.84 -2.20
C ASP G 62 -17.32 -19.16 -1.55
N LEU G 63 -17.41 -20.26 -2.31
CA LEU G 63 -17.14 -21.58 -1.75
C LEU G 63 -15.73 -21.66 -1.18
N SER G 64 -14.76 -21.12 -1.90
CA SER G 64 -13.38 -21.18 -1.46
C SER G 64 -13.16 -20.43 -0.14
N GLN G 65 -13.73 -19.23 -0.02
CA GLN G 65 -13.61 -18.50 1.23
C GLN G 65 -14.38 -19.20 2.34
N ALA G 66 -15.51 -19.82 2.01
CA ALA G 66 -16.25 -20.59 3.03
C ALA G 66 -15.41 -21.75 3.56
N GLN G 67 -14.69 -22.45 2.67
CA GLN G 67 -13.81 -23.52 3.12
C GLN G 67 -12.69 -23.00 4.00
N LEU G 68 -12.13 -21.85 3.65
CA LEU G 68 -11.16 -21.24 4.54
C LEU G 68 -11.78 -20.91 5.90
N ALA G 69 -12.99 -20.35 5.93
CA ALA G 69 -13.62 -20.03 7.21
C ALA G 69 -13.81 -21.29 8.06
N ALA G 70 -14.25 -22.39 7.43
CA ALA G 70 -14.38 -23.66 8.13
C ALA G 70 -13.04 -24.15 8.67
N SER G 71 -11.98 -23.97 7.88
CA SER G 71 -10.64 -24.34 8.34
C SER G 71 -10.24 -23.53 9.55
N ILE G 72 -10.54 -22.23 9.54
CA ILE G 72 -10.15 -21.37 10.66
C ILE G 72 -10.90 -21.76 11.93
N SER G 73 -12.22 -22.01 11.82
CA SER G 73 -12.96 -22.45 13.01
C SER G 73 -12.39 -23.74 13.56
N THR G 74 -12.07 -24.71 12.68
CA THR G 74 -11.52 -25.97 13.18
C THR G 74 -10.17 -25.78 13.85
N MET G 75 -9.28 -24.98 13.22
CA MET G 75 -7.98 -24.66 13.79
C MET G 75 -8.12 -24.02 15.16
N ARG G 76 -9.08 -23.10 15.30
CA ARG G 76 -9.35 -22.50 16.61
C ARG G 76 -9.74 -23.54 17.64
N ALA G 77 -10.63 -24.46 17.25
CA ALA G 77 -11.03 -25.49 18.20
C ALA G 77 -9.84 -26.34 18.64
N LEU G 78 -9.00 -26.73 17.67
CA LEU G 78 -7.78 -27.47 17.98
C LEU G 78 -6.88 -26.67 18.92
N ALA G 79 -6.75 -25.38 18.68
CA ALA G 79 -5.92 -24.53 19.54
C ALA G 79 -6.46 -24.48 20.97
N ILE G 80 -7.79 -24.42 21.11
CA ILE G 80 -8.38 -24.40 22.45
C ILE G 80 -8.06 -25.68 23.20
N LEU G 81 -8.25 -26.83 22.53
CA LEU G 81 -7.89 -28.10 23.13
C LEU G 81 -6.42 -28.13 23.51
N LYS G 82 -5.56 -27.76 22.58
CA LYS G 82 -4.12 -27.84 22.84
C LYS G 82 -3.74 -26.96 24.02
N GLN G 83 -4.37 -25.79 24.15
CA GLN G 83 -4.11 -24.97 25.32
C GLN G 83 -4.61 -25.63 26.58
N HIS G 84 -5.72 -26.35 26.50
CA HIS G 84 -6.29 -26.89 27.73
C HIS G 84 -5.52 -28.10 28.23
N TYR G 85 -4.94 -28.88 27.32
CA TYR G 85 -4.30 -30.16 27.66
C TYR G 85 -2.82 -30.21 27.29
N GLY G 86 -2.26 -29.12 26.79
CA GLY G 86 -0.84 -29.06 26.51
C GLY G 86 -0.41 -29.57 25.15
N THR G 87 -1.04 -30.64 24.67
CA THR G 87 -0.67 -31.22 23.39
C THR G 87 -1.90 -31.78 22.71
N LEU G 88 -1.89 -31.73 21.37
CA LEU G 88 -2.96 -32.37 20.64
C LEU G 88 -2.88 -33.88 20.72
N GLN G 89 -1.86 -34.44 21.38
CA GLN G 89 -1.81 -35.89 21.54
C GLN G 89 -2.91 -36.40 22.44
N VAL G 90 -3.54 -35.51 23.23
CA VAL G 90 -4.62 -35.93 24.09
C VAL G 90 -5.87 -36.30 23.27
N VAL G 91 -5.94 -35.88 22.01
CA VAL G 91 -7.10 -36.18 21.20
C VAL G 91 -7.05 -37.64 20.77
N GLU G 92 -8.04 -38.41 21.17
CA GLU G 92 -8.17 -39.77 20.67
C GLU G 92 -9.12 -39.79 19.47
N LYS G 93 -10.16 -38.96 19.51
CA LYS G 93 -11.17 -39.01 18.47
C LYS G 93 -11.98 -37.72 18.47
N VAL G 94 -12.29 -37.21 17.29
CA VAL G 94 -13.33 -36.19 17.20
C VAL G 94 -14.58 -36.94 16.76
N LEU G 95 -15.46 -37.21 17.73
CA LEU G 95 -16.65 -38.02 17.50
C LEU G 95 -17.63 -37.31 16.60
N GLN G 96 -17.78 -35.99 16.78
CA GLN G 96 -18.85 -35.31 16.06
C GLN G 96 -18.43 -33.88 15.78
N MET G 97 -18.74 -33.42 14.56
CA MET G 97 -18.49 -32.05 14.11
C MET G 97 -19.75 -31.54 13.44
N ASN G 98 -20.35 -30.47 13.98
CA ASN G 98 -21.56 -29.90 13.38
C ASN G 98 -21.22 -28.55 12.76
N VAL G 99 -21.52 -28.41 11.47
CA VAL G 99 -21.13 -27.27 10.67
C VAL G 99 -22.39 -26.50 10.27
N PHE G 100 -22.46 -25.24 10.68
CA PHE G 100 -23.57 -24.36 10.32
C PHE G 100 -23.02 -23.28 9.40
N ILE G 101 -23.61 -23.14 8.22
CA ILE G 101 -23.10 -22.26 7.19
C ILE G 101 -24.11 -21.14 6.97
N HIS G 102 -23.68 -19.93 7.17
CA HIS G 102 -24.49 -18.74 6.92
C HIS G 102 -24.53 -18.53 5.41
N SER G 103 -25.64 -18.87 4.77
CA SER G 103 -25.67 -18.87 3.31
C SER G 103 -26.99 -18.34 2.76
N THR G 104 -27.01 -18.14 1.43
CA THR G 104 -28.23 -17.78 0.72
C THR G 104 -29.16 -18.99 0.60
N ALA G 105 -30.34 -18.74 0.04
CA ALA G 105 -31.31 -19.79 -0.18
C ALA G 105 -31.03 -20.62 -1.43
N ASP G 106 -29.96 -20.34 -2.17
CA ASP G 106 -29.57 -21.14 -3.32
C ASP G 106 -28.33 -21.98 -3.05
N PHE G 107 -27.64 -21.76 -1.95
CA PHE G 107 -26.38 -22.44 -1.75
C PHE G 107 -26.62 -23.92 -1.49
N THR G 108 -25.93 -24.77 -2.24
CA THR G 108 -26.13 -26.21 -2.26
C THR G 108 -24.86 -27.01 -1.99
N GLN G 109 -23.75 -26.37 -1.69
CA GLN G 109 -22.47 -27.04 -1.55
C GLN G 109 -22.01 -27.09 -0.10
N GLN G 110 -22.93 -27.40 0.81
CA GLN G 110 -22.59 -27.49 2.23
C GLN G 110 -21.50 -28.54 2.47
N SER G 111 -21.53 -29.63 1.71
CA SER G 111 -20.53 -30.66 1.90
C SER G 111 -19.13 -30.13 1.57
N GLU G 112 -19.01 -29.35 0.49
CA GLU G 112 -17.70 -28.82 0.13
C GLU G 112 -17.20 -27.80 1.15
N VAL G 113 -18.09 -27.01 1.75
CA VAL G 113 -17.66 -26.12 2.83
C VAL G 113 -17.16 -26.94 4.01
N ALA G 114 -17.91 -27.97 4.39
CA ALA G 114 -17.50 -28.80 5.53
C ALA G 114 -16.18 -29.52 5.25
N ASP G 115 -15.92 -29.86 3.98
CA ASP G 115 -14.63 -30.45 3.60
C ASP G 115 -13.46 -29.58 4.03
N GLY G 116 -13.65 -28.26 4.08
CA GLY G 116 -12.60 -27.40 4.60
C GLY G 116 -12.19 -27.74 6.02
N ALA G 117 -13.17 -28.12 6.86
CA ALA G 117 -12.88 -28.51 8.24
C ALA G 117 -12.37 -29.95 8.32
N SER G 118 -13.02 -30.84 7.58
CA SER G 118 -12.59 -32.23 7.57
C SER G 118 -11.12 -32.36 7.13
N GLU G 119 -10.70 -31.55 6.16
CA GLU G 119 -9.32 -31.60 5.69
C GLU G 119 -8.35 -31.15 6.77
N ILE G 120 -8.70 -30.13 7.56
CA ILE G 120 -7.85 -29.79 8.69
C ILE G 120 -7.74 -30.96 9.65
N LEU G 121 -8.87 -31.63 9.93
CA LEU G 121 -8.82 -32.76 10.86
C LEU G 121 -7.89 -33.85 10.33
N TYR G 122 -8.05 -34.19 9.05
CA TYR G 122 -7.22 -35.25 8.47
C TYR G 122 -5.75 -34.85 8.46
N GLU G 123 -5.44 -33.64 7.98
CA GLU G 123 -4.05 -33.23 7.88
C GLU G 123 -3.38 -33.14 9.23
N ILE G 124 -4.12 -32.83 10.29
CA ILE G 124 -3.43 -32.66 11.55
C ILE G 124 -3.42 -33.94 12.39
N LEU G 125 -4.48 -34.76 12.29
CA LEU G 125 -4.63 -35.93 13.15
C LEU G 125 -4.36 -37.26 12.46
N GLY G 126 -4.15 -37.29 11.15
CA GLY G 126 -3.91 -38.54 10.47
C GLY G 126 -5.19 -39.15 9.89
N SER G 127 -4.97 -40.12 9.00
CA SER G 127 -6.08 -40.80 8.33
C SER G 127 -6.88 -41.66 9.28
N ASP G 128 -6.30 -42.04 10.43
CA ASP G 128 -6.99 -42.86 11.42
C ASP G 128 -7.69 -42.01 12.48
N THR G 129 -6.90 -41.34 13.32
CA THR G 129 -7.44 -40.53 14.41
C THR G 129 -8.31 -39.39 13.89
N GLY G 130 -8.13 -39.00 12.65
CA GLY G 130 -8.92 -37.95 12.04
C GLY G 130 -10.28 -38.34 11.56
N GLN G 131 -10.74 -39.58 11.75
CA GLN G 131 -12.09 -39.92 11.31
C GLN G 131 -13.09 -39.23 12.24
N HIS G 132 -14.20 -38.78 11.65
CA HIS G 132 -15.20 -38.01 12.38
C HIS G 132 -16.52 -38.12 11.63
N THR G 133 -17.62 -38.11 12.38
CA THR G 133 -18.92 -37.85 11.77
C THR G 133 -19.16 -36.36 11.72
N ARG G 134 -20.11 -35.97 10.86
CA ARG G 134 -20.33 -34.57 10.65
C ARG G 134 -21.74 -34.34 10.11
N THR G 135 -22.26 -33.17 10.38
CA THR G 135 -23.47 -32.69 9.76
C THR G 135 -23.20 -31.27 9.29
N SER G 136 -23.78 -30.90 8.15
CA SER G 136 -23.52 -29.61 7.55
C SER G 136 -24.80 -29.02 6.99
N VAL G 137 -25.27 -27.91 7.56
CA VAL G 137 -26.51 -27.31 7.10
C VAL G 137 -26.35 -25.80 6.93
N SER G 138 -27.24 -25.21 6.14
CA SER G 138 -27.27 -23.75 5.99
C SER G 138 -28.23 -23.11 7.01
N VAL G 139 -27.77 -22.05 7.66
CA VAL G 139 -28.57 -21.25 8.57
C VAL G 139 -28.69 -19.83 8.02
N CYS G 140 -29.61 -19.06 8.62
CA CYS G 140 -29.93 -17.73 8.12
C CYS G 140 -28.93 -16.69 8.60
N GLN G 141 -28.32 -16.91 9.75
CA GLN G 141 -27.38 -15.94 10.30
C GLN G 141 -26.66 -16.62 11.44
N LEU G 142 -25.58 -15.98 11.85
CA LEU G 142 -24.64 -16.47 12.85
C LEU G 142 -24.23 -15.26 13.67
N PRO G 143 -23.72 -15.48 14.87
CA PRO G 143 -23.19 -14.35 15.66
C PRO G 143 -22.21 -13.52 14.86
N LYS G 144 -22.28 -12.19 15.02
CA LYS G 144 -21.31 -11.27 14.40
C LYS G 144 -21.25 -11.43 12.89
N ASN G 145 -22.35 -11.82 12.27
CA ASN G 145 -22.43 -11.94 10.81
C ASN G 145 -21.39 -12.94 10.28
N ALA G 146 -20.98 -13.92 11.08
CA ALA G 146 -20.02 -14.92 10.65
C ALA G 146 -20.56 -15.77 9.49
N SER G 147 -19.63 -16.37 8.74
CA SER G 147 -20.06 -17.23 7.63
C SER G 147 -20.14 -18.70 8.00
N VAL G 148 -19.40 -19.15 9.02
CA VAL G 148 -19.37 -20.56 9.41
C VAL G 148 -19.27 -20.62 10.94
N GLU G 149 -19.97 -21.57 11.54
CA GLU G 149 -19.82 -21.86 12.95
C GLU G 149 -19.86 -23.37 13.12
N ILE G 150 -18.97 -23.89 13.96
CA ILE G 150 -18.75 -25.32 14.06
C ILE G 150 -18.62 -25.69 15.52
N ASN G 151 -19.34 -26.74 15.95
CA ASN G 151 -19.07 -27.27 17.27
C ASN G 151 -18.62 -28.72 17.17
N PHE G 152 -18.02 -29.20 18.26
CA PHE G 152 -17.33 -30.47 18.28
C PHE G 152 -17.63 -31.20 19.58
N ILE G 153 -17.66 -32.53 19.47
CA ILE G 153 -17.49 -33.45 20.58
C ILE G 153 -16.28 -34.31 20.27
N VAL G 154 -15.32 -34.33 21.19
CA VAL G 154 -14.01 -34.92 20.97
C VAL G 154 -13.74 -35.97 22.04
N ALA G 155 -13.36 -37.18 21.63
CA ALA G 155 -12.93 -38.18 22.59
C ALA G 155 -11.47 -37.94 22.96
N LEU G 156 -11.17 -38.06 24.25
CA LEU G 156 -9.84 -37.83 24.80
C LEU G 156 -9.22 -39.15 25.26
N LYS G 157 -7.89 -39.20 25.20
CA LYS G 157 -7.13 -40.30 25.80
C LYS G 157 -7.05 -40.11 27.31
N GLN G 158 -7.00 -41.23 28.03
CA GLN G 158 -7.09 -41.22 29.50
C GLN G 158 -5.76 -41.16 30.22
N MET H 1 8.90 1.40 33.55
CA MET H 1 9.63 0.15 33.41
C MET H 1 10.04 -0.12 31.95
N ASN H 2 9.41 0.57 30.98
CA ASN H 2 9.80 0.44 29.56
C ASN H 2 9.77 1.79 28.83
N ARG H 3 10.72 2.66 29.19
CA ARG H 3 10.73 4.00 28.61
C ARG H 3 11.16 3.96 27.14
N ASP H 4 12.13 3.09 26.81
CA ASP H 4 12.58 2.98 25.42
C ASP H 4 11.45 2.61 24.47
N ASP H 5 10.50 1.77 24.91
CA ASP H 5 9.41 1.42 24.02
C ASP H 5 8.41 2.56 23.89
N ALA H 6 8.16 3.29 24.98
CA ALA H 6 7.34 4.50 24.90
C ALA H 6 7.97 5.52 23.96
N PHE H 7 9.29 5.69 24.07
CA PHE H 7 10.02 6.56 23.17
C PHE H 7 9.77 6.17 21.73
N LEU H 8 9.95 4.89 21.43
CA LEU H 8 9.75 4.37 20.08
C LEU H 8 8.34 4.68 19.61
N THR H 9 7.36 4.54 20.50
CA THR H 9 5.98 4.84 20.15
C THR H 9 5.83 6.29 19.71
N VAL H 10 6.45 7.21 20.46
CA VAL H 10 6.31 8.63 20.11
C VAL H 10 7.05 8.93 18.81
N GLN H 11 8.24 8.38 18.64
CA GLN H 11 8.99 8.56 17.39
C GLN H 11 8.17 8.08 16.19
N ALA H 12 7.54 6.91 16.31
CA ALA H 12 6.73 6.39 15.22
C ALA H 12 5.52 7.27 14.95
N ARG H 13 4.84 7.72 15.98
CA ARG H 13 3.64 8.52 15.71
C ARG H 13 3.98 9.90 15.15
N LEU H 14 5.11 10.48 15.57
CA LEU H 14 5.49 11.80 15.08
C LEU H 14 5.97 11.75 13.64
N GLY H 15 6.36 10.58 13.14
CA GLY H 15 6.76 10.49 11.76
C GLY H 15 8.15 10.98 11.48
N TYR H 16 9.02 11.00 12.49
CA TYR H 16 10.41 11.40 12.38
C TYR H 16 11.26 10.27 12.94
N ASP H 17 12.55 10.27 12.59
CA ASP H 17 13.45 9.22 13.06
C ASP H 17 14.57 9.90 13.84
N PHE H 18 14.47 9.88 15.17
CA PHE H 18 15.46 10.51 16.04
C PHE H 18 16.63 9.58 16.27
N SER H 19 17.82 10.02 15.84
CA SER H 19 19.01 9.17 15.84
C SER H 19 19.82 9.25 17.13
N GLY H 20 19.74 10.36 17.85
CA GLY H 20 20.51 10.53 19.08
C GLY H 20 21.97 10.87 18.92
N ASP H 21 22.42 11.24 17.72
CA ASP H 21 23.84 11.46 17.50
C ASP H 21 24.33 12.67 18.29
N MET H 22 25.55 12.57 18.81
CA MET H 22 26.14 13.59 19.66
C MET H 22 26.54 14.82 18.85
N THR H 29 29.99 19.88 22.32
CA THR H 29 29.47 18.66 22.92
C THR H 29 27.96 18.76 23.23
N SER H 30 27.23 17.68 22.95
CA SER H 30 25.80 17.69 23.19
C SER H 30 25.46 17.41 24.65
N LEU H 31 26.27 16.62 25.34
CA LEU H 31 25.95 16.15 26.68
C LEU H 31 27.24 15.98 27.45
N ILE H 32 27.24 16.41 28.71
CA ILE H 32 28.38 16.21 29.60
C ILE H 32 27.89 15.81 30.99
N GLU H 33 28.50 14.78 31.55
CA GLU H 33 28.16 14.30 32.87
C GLU H 33 29.19 14.71 33.91
N HIS H 34 28.69 15.03 35.10
CA HIS H 34 29.51 15.34 36.27
C HIS H 34 28.67 15.11 37.52
N ALA H 35 29.21 14.34 38.47
CA ALA H 35 28.57 14.09 39.78
C ALA H 35 27.13 13.59 39.67
N GLY H 36 26.87 12.74 38.70
CA GLY H 36 25.52 12.22 38.58
C GLY H 36 24.54 13.09 37.84
N LEU H 37 25.00 14.18 37.25
CA LEU H 37 24.16 15.05 36.44
C LEU H 37 24.61 15.07 34.99
N ALA H 38 23.66 15.01 34.08
CA ALA H 38 23.88 15.21 32.66
C ALA H 38 23.40 16.61 32.28
N TYR H 39 24.33 17.45 31.82
CA TYR H 39 24.04 18.75 31.25
C TYR H 39 23.89 18.59 29.76
N MET H 40 22.85 19.21 29.18
CA MET H 40 22.56 19.06 27.75
C MET H 40 22.51 20.41 27.05
N SER H 41 23.18 20.51 25.90
CA SER H 41 23.15 21.71 25.09
C SER H 41 21.73 21.99 24.60
N GLY H 42 21.44 23.26 24.32
CA GLY H 42 20.14 23.61 23.77
C GLY H 42 19.88 22.89 22.45
N GLN H 43 18.65 22.46 22.26
CA GLN H 43 18.24 21.67 21.09
C GLN H 43 17.17 22.44 20.34
N ILE H 44 17.42 22.69 19.05
CA ILE H 44 16.41 23.30 18.19
C ILE H 44 15.67 22.15 17.51
N PRO H 45 14.48 22.35 16.94
CA PRO H 45 13.74 21.18 16.41
C PRO H 45 14.30 20.69 15.07
N ARG H 46 15.48 20.10 15.13
CA ARG H 46 16.16 19.54 13.95
C ARG H 46 16.12 18.01 14.01
N VAL H 47 15.48 17.40 13.02
CA VAL H 47 15.50 15.95 12.89
C VAL H 47 15.98 15.70 11.46
N GLU H 48 16.44 14.47 11.20
CA GLU H 48 17.36 14.26 10.08
C GLU H 48 18.31 15.47 9.94
N ASP H 49 18.33 16.21 8.80
CA ASP H 49 19.22 17.37 8.67
C ASP H 49 18.54 18.73 8.73
N LYS H 50 17.21 18.81 8.54
CA LYS H 50 16.54 20.11 8.45
C LYS H 50 15.83 20.46 9.76
N VAL H 51 15.81 21.76 10.04
CA VAL H 51 15.04 22.33 11.14
C VAL H 51 13.57 22.34 10.76
N GLN H 52 12.74 21.72 11.58
CA GLN H 52 11.39 21.35 11.16
C GLN H 52 10.40 22.52 11.21
N VAL H 53 10.45 23.34 12.24
CA VAL H 53 9.47 24.41 12.44
C VAL H 53 10.22 25.71 12.61
N CYS H 54 10.53 26.38 11.51
CA CYS H 54 11.25 27.63 11.58
C CYS H 54 10.27 28.78 11.54
N GLY H 55 10.63 29.89 12.18
CA GLY H 55 9.82 31.08 12.10
C GLY H 55 9.48 31.64 13.46
N LYS H 56 8.70 32.69 13.44
CA LYS H 56 8.40 33.47 14.64
C LYS H 56 7.02 33.10 15.16
N VAL H 57 6.99 32.51 16.36
CA VAL H 57 5.72 32.12 16.98
C VAL H 57 4.86 33.36 17.14
N GLY H 58 3.61 33.25 16.71
CA GLY H 58 2.73 34.41 16.64
C GLY H 58 2.76 35.14 15.31
N PHE H 59 3.56 34.68 14.36
CA PHE H 59 3.57 35.27 13.03
C PHE H 59 3.60 34.17 11.96
N ASP H 60 4.74 33.49 11.83
CA ASP H 60 4.91 32.40 10.88
C ASP H 60 4.47 31.07 11.44
N VAL H 61 4.39 30.95 12.77
CA VAL H 61 4.24 29.70 13.47
C VAL H 61 3.20 29.90 14.55
N ASP H 62 2.17 29.07 14.58
CA ASP H 62 1.11 29.24 15.58
C ASP H 62 1.40 28.31 16.75
N LEU H 63 0.49 28.33 17.74
CA LEU H 63 0.72 27.60 18.99
C LEU H 63 0.91 26.11 18.74
N SER H 64 0.07 25.51 17.88
CA SER H 64 0.15 24.07 17.66
C SER H 64 1.52 23.70 17.10
N GLN H 65 2.00 24.50 16.15
CA GLN H 65 3.30 24.24 15.56
C GLN H 65 4.41 24.44 16.57
N ALA H 66 4.27 25.42 17.47
CA ALA H 66 5.26 25.64 18.51
C ALA H 66 5.32 24.46 19.47
N GLN H 67 4.16 23.90 19.83
CA GLN H 67 4.14 22.72 20.68
C GLN H 67 4.79 21.53 19.99
N LEU H 68 4.53 21.38 18.68
CA LEU H 68 5.23 20.34 17.94
C LEU H 68 6.74 20.57 17.96
N ALA H 69 7.19 21.81 17.78
CA ALA H 69 8.62 22.10 17.81
C ALA H 69 9.23 21.73 19.15
N ALA H 70 8.55 22.08 20.25
CA ALA H 70 9.05 21.73 21.58
C ALA H 70 9.12 20.23 21.76
N SER H 71 8.12 19.51 21.24
CA SER H 71 8.15 18.05 21.29
C SER H 71 9.35 17.51 20.54
N ILE H 72 9.63 18.08 19.37
CA ILE H 72 10.77 17.63 18.59
C ILE H 72 12.07 17.86 19.34
N SER H 73 12.25 19.05 19.93
CA SER H 73 13.46 19.34 20.71
C SER H 73 13.63 18.36 21.87
N THR H 74 12.54 18.08 22.58
CA THR H 74 12.62 17.17 23.71
C THR H 74 12.93 15.74 23.25
N MET H 75 12.31 15.30 22.17
CA MET H 75 12.59 13.98 21.62
C MET H 75 14.06 13.87 21.24
N ARG H 76 14.62 14.94 20.67
CA ARG H 76 16.06 14.96 20.37
C ARG H 76 16.88 14.80 21.63
N ALA H 77 16.54 15.54 22.68
CA ALA H 77 17.29 15.42 23.93
C ALA H 77 17.22 14.01 24.50
N LEU H 78 16.02 13.42 24.50
CA LEU H 78 15.85 12.03 24.95
C LEU H 78 16.64 11.04 24.10
N ALA H 79 16.61 11.21 22.77
CA ALA H 79 17.37 10.31 21.91
C ALA H 79 18.85 10.42 22.21
N ILE H 80 19.32 11.63 22.50
CA ILE H 80 20.72 11.83 22.83
C ILE H 80 21.07 11.10 24.12
N LEU H 81 20.22 11.22 25.13
CA LEU H 81 20.42 10.47 26.38
C LEU H 81 20.46 8.97 26.12
N LYS H 82 19.50 8.46 25.35
CA LYS H 82 19.44 7.02 25.10
C LYS H 82 20.69 6.56 24.36
N GLN H 83 21.15 7.35 23.38
CA GLN H 83 22.35 6.94 22.65
C GLN H 83 23.55 6.93 23.59
N HIS H 84 23.63 7.91 24.49
CA HIS H 84 24.79 7.97 25.35
C HIS H 84 24.78 6.93 26.47
N TYR H 85 23.61 6.51 26.93
CA TYR H 85 23.59 5.59 28.04
C TYR H 85 22.98 4.26 27.71
N GLY H 86 22.48 4.08 26.51
CA GLY H 86 21.91 2.81 26.13
C GLY H 86 20.44 2.71 26.40
N THR H 87 19.96 3.28 27.51
CA THR H 87 18.56 3.20 27.89
C THR H 87 18.10 4.43 28.66
N LEU H 88 16.84 4.81 28.47
CA LEU H 88 16.26 5.90 29.26
C LEU H 88 16.05 5.54 30.73
N GLN H 89 16.36 4.31 31.15
CA GLN H 89 16.25 3.94 32.56
C GLN H 89 17.24 4.66 33.44
N VAL H 90 18.30 5.25 32.87
CA VAL H 90 19.30 5.94 33.69
C VAL H 90 18.76 7.24 34.26
N VAL H 91 17.69 7.78 33.68
CA VAL H 91 17.17 9.07 34.10
C VAL H 91 16.47 8.90 35.44
N GLU H 92 16.97 9.57 36.48
CA GLU H 92 16.26 9.64 37.75
C GLU H 92 15.35 10.85 37.80
N LYS H 93 15.81 11.99 37.29
CA LYS H 93 14.95 13.14 37.39
C LYS H 93 15.40 14.18 36.38
N VAL H 94 14.43 14.84 35.77
CA VAL H 94 14.70 15.96 34.87
C VAL H 94 14.69 17.20 35.76
N LEU H 95 15.88 17.60 36.22
CA LEU H 95 15.96 18.67 37.20
C LEU H 95 15.51 19.99 36.61
N GLN H 96 15.90 20.29 35.37
CA GLN H 96 15.62 21.61 34.85
C GLN H 96 15.44 21.56 33.35
N MET H 97 14.45 22.29 32.86
CA MET H 97 14.18 22.42 31.43
C MET H 97 13.99 23.90 31.13
N ASN H 98 14.83 24.45 30.25
CA ASN H 98 14.74 25.86 29.86
C ASN H 98 14.25 25.95 28.43
N VAL H 99 13.16 26.68 28.24
CA VAL H 99 12.47 26.78 26.96
C VAL H 99 12.58 28.22 26.48
N PHE H 100 13.22 28.40 25.33
CA PHE H 100 13.39 29.71 24.71
C PHE H 100 12.58 29.71 23.41
N ILE H 101 11.67 30.67 23.28
CA ILE H 101 10.68 30.67 22.20
C ILE H 101 10.88 31.91 21.34
N HIS H 102 11.14 31.70 20.05
CA HIS H 102 11.27 32.76 19.04
C HIS H 102 9.86 33.24 18.70
N SER H 103 9.46 34.41 19.20
CA SER H 103 8.07 34.82 19.07
C SER H 103 7.94 36.33 18.87
N THR H 104 6.71 36.75 18.60
CA THR H 104 6.41 38.17 18.50
C THR H 104 6.36 38.79 19.90
N ALA H 105 6.24 40.12 19.92
CA ALA H 105 6.10 40.86 21.17
C ALA H 105 4.68 40.84 21.70
N ASP H 106 3.77 40.11 21.05
CA ASP H 106 2.39 39.97 21.48
C ASP H 106 2.09 38.61 22.09
N PHE H 107 2.97 37.63 21.91
CA PHE H 107 2.71 36.25 22.30
C PHE H 107 2.86 36.08 23.80
N THR H 108 1.84 35.52 24.46
CA THR H 108 1.84 35.40 25.91
C THR H 108 1.63 33.96 26.38
N GLN H 109 1.71 33.00 25.47
CA GLN H 109 1.41 31.61 25.75
C GLN H 109 2.66 30.74 25.79
N GLN H 110 3.72 31.26 26.41
CA GLN H 110 4.95 30.49 26.55
C GLN H 110 4.71 29.20 27.34
N SER H 111 3.84 29.27 28.35
CA SER H 111 3.57 28.10 29.18
C SER H 111 2.95 26.97 28.37
N GLU H 112 2.04 27.31 27.45
CA GLU H 112 1.42 26.27 26.64
C GLU H 112 2.43 25.67 25.64
N VAL H 113 3.37 26.47 25.14
CA VAL H 113 4.42 25.91 24.30
C VAL H 113 5.25 24.93 25.09
N ALA H 114 5.64 25.31 26.31
CA ALA H 114 6.45 24.42 27.14
C ALA H 114 5.72 23.13 27.46
N ASP H 115 4.38 23.19 27.55
CA ASP H 115 3.59 21.98 27.75
C ASP H 115 3.85 20.95 26.66
N GLY H 116 4.18 21.41 25.45
CA GLY H 116 4.53 20.47 24.39
C GLY H 116 5.69 19.56 24.77
N ALA H 117 6.69 20.11 25.44
CA ALA H 117 7.80 19.30 25.90
C ALA H 117 7.41 18.47 27.12
N SER H 118 6.70 19.10 28.06
CA SER H 118 6.35 18.41 29.30
C SER H 118 5.52 17.16 29.05
N GLU H 119 4.58 17.20 28.08
CA GLU H 119 3.69 16.05 27.90
C GLU H 119 4.47 14.83 27.41
N ILE H 120 5.35 15.02 26.43
CA ILE H 120 6.15 13.89 26.00
C ILE H 120 7.06 13.42 27.13
N LEU H 121 7.61 14.35 27.92
CA LEU H 121 8.42 13.91 29.06
C LEU H 121 7.61 13.00 29.98
N TYR H 122 6.36 13.38 30.29
CA TYR H 122 5.55 12.55 31.15
C TYR H 122 5.24 11.22 30.49
N GLU H 123 4.83 11.23 29.23
CA GLU H 123 4.44 9.97 28.58
C GLU H 123 5.59 8.98 28.51
N ILE H 124 6.82 9.46 28.35
CA ILE H 124 7.92 8.53 28.17
C ILE H 124 8.59 8.20 29.50
N LEU H 125 8.70 9.14 30.43
CA LEU H 125 9.45 8.85 31.64
C LEU H 125 8.56 8.56 32.83
N GLY H 126 7.26 8.79 32.76
CA GLY H 126 6.42 8.68 33.92
C GLY H 126 6.41 10.01 34.67
N SER H 127 5.36 10.20 35.45
CA SER H 127 5.21 11.46 36.18
C SER H 127 6.25 11.64 37.28
N ASP H 128 6.91 10.57 37.70
CA ASP H 128 7.92 10.70 38.75
C ASP H 128 9.24 11.15 38.15
N THR H 129 9.87 10.30 37.34
CA THR H 129 11.11 10.68 36.71
C THR H 129 10.91 11.86 35.76
N GLY H 130 9.70 12.01 35.21
CA GLY H 130 9.49 13.10 34.29
C GLY H 130 9.17 14.44 34.92
N GLN H 131 9.11 14.55 36.25
CA GLN H 131 8.88 15.86 36.85
C GLN H 131 10.09 16.75 36.66
N HIS H 132 9.82 18.04 36.51
CA HIS H 132 10.86 18.97 36.15
C HIS H 132 10.46 20.39 36.57
N THR H 133 11.47 21.17 36.91
CA THR H 133 11.26 22.61 36.94
C THR H 133 11.50 23.18 35.54
N ARG H 134 10.98 24.38 35.30
CA ARG H 134 11.06 24.89 33.94
C ARG H 134 10.96 26.42 33.97
N THR H 135 11.57 27.04 32.96
CA THR H 135 11.45 28.47 32.68
C THR H 135 11.18 28.62 31.19
N SER H 136 10.29 29.53 30.82
CA SER H 136 9.83 29.70 29.45
C SER H 136 9.80 31.18 29.11
N VAL H 137 10.65 31.61 28.21
CA VAL H 137 10.71 33.02 27.87
C VAL H 137 10.72 33.14 26.35
N SER H 138 10.31 34.30 25.87
CA SER H 138 10.36 34.61 24.45
C SER H 138 11.67 35.33 24.17
N VAL H 139 12.39 34.90 23.15
CA VAL H 139 13.64 35.53 22.78
C VAL H 139 13.45 36.19 21.43
N CYS H 140 14.44 36.98 21.06
CA CYS H 140 14.35 37.80 19.86
C CYS H 140 14.69 37.01 18.59
N GLN H 141 15.46 35.93 18.71
CA GLN H 141 15.83 35.08 17.58
C GLN H 141 16.50 33.84 18.13
N LEU H 142 16.64 32.84 17.27
CA LEU H 142 17.22 31.55 17.64
C LEU H 142 18.09 31.06 16.49
N PRO H 143 19.01 30.13 16.77
CA PRO H 143 19.84 29.57 15.70
C PRO H 143 19.01 29.09 14.51
N LYS H 144 19.47 29.42 13.30
CA LYS H 144 18.86 28.97 12.06
C LYS H 144 17.39 29.37 11.97
N ASN H 145 17.02 30.48 12.62
CA ASN H 145 15.65 30.98 12.60
C ASN H 145 14.67 29.96 13.19
N ALA H 146 15.15 29.12 14.11
CA ALA H 146 14.32 28.13 14.77
C ALA H 146 13.19 28.79 15.57
N SER H 147 12.16 28.01 15.84
CA SER H 147 10.99 28.47 16.57
C SER H 147 11.09 28.23 18.07
N VAL H 148 11.83 27.21 18.49
CA VAL H 148 11.96 26.83 19.90
C VAL H 148 13.35 26.24 20.11
N GLU H 149 13.94 26.50 21.27
CA GLU H 149 15.17 25.83 21.67
C GLU H 149 15.06 25.50 23.16
N ILE H 150 15.51 24.31 23.54
CA ILE H 150 15.31 23.81 24.91
C ILE H 150 16.61 23.17 25.39
N ASN H 151 17.02 23.52 26.61
CA ASN H 151 18.12 22.78 27.24
C ASN H 151 17.65 22.13 28.54
N PHE H 152 18.47 21.23 29.07
CA PHE H 152 18.12 20.37 30.18
C PHE H 152 19.29 20.15 31.11
N ILE H 153 18.94 19.97 32.38
CA ILE H 153 19.80 19.33 33.38
C ILE H 153 19.03 18.12 33.93
N VAL H 154 19.68 16.96 33.90
CA VAL H 154 19.05 15.67 34.19
C VAL H 154 19.83 14.97 35.30
N ALA H 155 19.13 14.48 36.33
CA ALA H 155 19.77 13.65 37.34
C ALA H 155 19.83 12.19 36.87
N LEU H 156 20.94 11.53 37.15
CA LEU H 156 21.14 10.14 36.76
C LEU H 156 21.15 9.23 37.98
N LYS H 157 20.68 8.00 37.77
CA LYS H 157 20.77 6.94 38.76
C LYS H 157 22.17 6.33 38.78
N GLN H 158 22.61 5.94 39.98
CA GLN H 158 23.97 5.45 40.23
C GLN H 158 24.46 4.30 39.31
N ASN I 2 -4.27 13.84 20.58
CA ASN I 2 -4.95 12.60 20.23
C ASN I 2 -4.77 11.57 21.37
N ARG I 3 -5.88 11.31 22.07
CA ARG I 3 -5.84 10.57 23.33
C ARG I 3 -5.55 9.09 23.15
N ASP I 4 -6.15 8.45 22.16
CA ASP I 4 -5.92 7.02 21.94
C ASP I 4 -4.42 6.73 21.74
N ASP I 5 -3.70 7.66 21.08
CA ASP I 5 -2.26 7.51 20.87
C ASP I 5 -1.43 7.72 22.13
N ALA I 6 -1.81 8.68 22.96
CA ALA I 6 -1.18 8.79 24.27
C ALA I 6 -1.39 7.51 25.08
N PHE I 7 -2.60 6.94 25.03
CA PHE I 7 -2.86 5.68 25.73
C PHE I 7 -1.88 4.63 25.28
N LEU I 8 -1.70 4.49 23.98
CA LEU I 8 -0.74 3.50 23.49
C LEU I 8 0.67 3.77 24.05
N THR I 9 1.09 5.04 24.10
CA THR I 9 2.42 5.36 24.62
C THR I 9 2.55 4.95 26.09
N VAL I 10 1.54 5.28 26.90
CA VAL I 10 1.58 4.94 28.33
C VAL I 10 1.53 3.44 28.52
N GLN I 11 0.70 2.75 27.74
CA GLN I 11 0.67 1.28 27.78
C GLN I 11 2.05 0.69 27.53
N ALA I 12 2.78 1.21 26.54
CA ALA I 12 4.15 0.72 26.33
C ALA I 12 5.06 1.05 27.51
N ARG I 13 4.93 2.25 28.10
CA ARG I 13 5.84 2.59 29.19
C ARG I 13 5.62 1.70 30.40
N LEU I 14 4.37 1.36 30.70
CA LEU I 14 4.10 0.52 31.87
C LEU I 14 4.47 -0.94 31.64
N GLY I 15 4.55 -1.39 30.39
CA GLY I 15 5.00 -2.74 30.12
C GLY I 15 3.94 -3.80 30.31
N TYR I 16 2.68 -3.42 30.25
CA TYR I 16 1.57 -4.35 30.35
C TYR I 16 0.69 -4.16 29.14
N ASP I 17 -0.14 -5.17 28.87
CA ASP I 17 -1.01 -5.16 27.68
C ASP I 17 -2.45 -5.20 28.16
N PHE I 18 -3.10 -4.04 28.16
CA PHE I 18 -4.47 -3.93 28.63
C PHE I 18 -5.48 -4.28 27.55
N SER I 19 -5.10 -4.17 26.29
CA SER I 19 -5.95 -4.55 25.16
C SER I 19 -5.86 -6.06 24.85
N TYR I 28 -20.88 -9.54 37.68
CA TYR I 28 -21.31 -8.16 37.49
C TYR I 28 -20.78 -7.58 36.17
N THR I 29 -21.25 -6.36 35.88
CA THR I 29 -20.88 -5.59 34.71
C THR I 29 -19.71 -4.65 35.03
N SER I 30 -18.83 -4.45 34.04
CA SER I 30 -17.73 -3.52 34.23
C SER I 30 -18.18 -2.08 34.07
N LEU I 31 -19.15 -1.84 33.19
CA LEU I 31 -19.53 -0.50 32.80
C LEU I 31 -21.01 -0.50 32.44
N ILE I 32 -21.72 0.54 32.87
CA ILE I 32 -23.12 0.71 32.51
C ILE I 32 -23.33 2.17 32.17
N GLU I 33 -24.01 2.43 31.06
CA GLU I 33 -24.27 3.81 30.66
C GLU I 33 -25.71 4.18 31.01
N HIS I 34 -25.89 5.44 31.41
CA HIS I 34 -27.23 5.99 31.63
C HIS I 34 -27.15 7.50 31.50
N ALA I 35 -28.03 8.08 30.66
CA ALA I 35 -28.14 9.53 30.48
C ALA I 35 -26.80 10.21 30.20
N GLY I 36 -25.96 9.56 29.40
CA GLY I 36 -24.69 10.14 29.05
C GLY I 36 -23.58 9.96 30.06
N LEU I 37 -23.80 9.18 31.12
CA LEU I 37 -22.78 8.88 32.10
C LEU I 37 -22.43 7.40 32.04
N ALA I 38 -21.13 7.10 32.13
CA ALA I 38 -20.66 5.73 32.26
C ALA I 38 -20.27 5.50 33.72
N TYR I 39 -20.98 4.60 34.39
CA TYR I 39 -20.64 4.16 35.73
C TYR I 39 -19.74 2.95 35.58
N MET I 40 -18.63 2.95 36.30
CA MET I 40 -17.63 1.90 36.19
C MET I 40 -17.41 1.25 37.54
N SER I 41 -17.41 -0.08 37.56
CA SER I 41 -17.08 -0.88 38.72
C SER I 41 -15.66 -0.63 39.20
N GLY I 42 -15.41 -0.97 40.47
CA GLY I 42 -14.07 -0.88 41.00
C GLY I 42 -13.09 -1.73 40.22
N GLN I 43 -11.89 -1.19 40.02
CA GLN I 43 -10.84 -1.83 39.24
C GLN I 43 -9.63 -2.07 40.12
N ILE I 44 -9.22 -3.33 40.25
CA ILE I 44 -7.96 -3.69 40.91
C ILE I 44 -6.88 -3.79 39.83
N PRO I 45 -5.60 -3.77 40.18
CA PRO I 45 -4.57 -3.76 39.11
C PRO I 45 -4.33 -5.14 38.51
N ARG I 46 -5.29 -5.66 37.75
CA ARG I 46 -5.13 -6.96 37.12
C ARG I 46 -4.87 -6.72 35.64
N VAL I 47 -3.84 -7.37 35.10
CA VAL I 47 -3.55 -7.30 33.67
C VAL I 47 -3.52 -8.70 33.12
N GLU I 48 -4.42 -8.97 32.18
CA GLU I 48 -4.79 -10.32 31.79
C GLU I 48 -4.73 -11.31 32.93
N ASP I 49 -3.52 -11.68 33.31
CA ASP I 49 -3.22 -12.63 34.37
C ASP I 49 -3.73 -12.27 35.77
N LYS I 50 -2.79 -12.02 36.68
CA LYS I 50 -3.08 -11.88 38.08
C LYS I 50 -3.14 -10.40 38.48
N VAL I 51 -3.29 -10.17 39.77
CA VAL I 51 -3.20 -8.83 40.34
C VAL I 51 -1.74 -8.46 40.44
N GLN I 52 -1.39 -7.30 39.88
CA GLN I 52 0.01 -6.97 39.63
C GLN I 52 0.73 -6.49 40.89
N VAL I 53 0.07 -5.69 41.73
CA VAL I 53 0.69 -5.09 42.91
C VAL I 53 -0.15 -5.47 44.13
N CYS I 54 0.15 -6.62 44.74
CA CYS I 54 -0.57 -7.11 45.90
C CYS I 54 0.13 -6.72 47.20
N GLY I 55 -0.66 -6.54 48.24
CA GLY I 55 -0.13 -6.34 49.57
C GLY I 55 -0.67 -5.08 50.21
N LYS I 56 -0.19 -4.83 51.41
CA LYS I 56 -0.69 -3.75 52.26
C LYS I 56 0.28 -2.60 52.12
N VAL I 57 -0.19 -1.50 51.52
CA VAL I 57 0.64 -0.31 51.32
C VAL I 57 1.12 0.20 52.66
N GLY I 58 2.42 0.46 52.78
CA GLY I 58 3.01 0.84 54.04
C GLY I 58 3.51 -0.32 54.86
N PHE I 59 3.42 -1.55 54.33
CA PHE I 59 3.91 -2.72 55.05
C PHE I 59 4.79 -3.50 54.08
N ASP I 60 4.20 -4.23 53.13
CA ASP I 60 4.95 -4.89 52.06
C ASP I 60 4.97 -4.12 50.75
N VAL I 61 4.25 -3.01 50.66
CA VAL I 61 4.09 -2.26 49.40
C VAL I 61 4.39 -0.80 49.70
N ASP I 62 5.34 -0.22 48.96
CA ASP I 62 5.77 1.15 49.21
C ASP I 62 5.04 2.12 48.26
N LEU I 63 5.36 3.41 48.39
CA LEU I 63 4.62 4.45 47.68
C LEU I 63 4.69 4.26 46.16
N SER I 64 5.88 3.99 45.61
CA SER I 64 6.03 3.86 44.17
C SER I 64 5.21 2.70 43.64
N GLN I 65 5.22 1.58 44.36
CA GLN I 65 4.44 0.42 43.93
C GLN I 65 2.93 0.69 44.05
N ALA I 66 2.52 1.42 45.08
CA ALA I 66 1.11 1.77 45.21
C ALA I 66 0.68 2.69 44.07
N GLN I 67 1.56 3.61 43.67
CA GLN I 67 1.25 4.50 42.55
C GLN I 67 1.17 3.73 41.25
N LEU I 68 2.05 2.73 41.07
CA LEU I 68 1.93 1.87 39.89
C LEU I 68 0.59 1.14 39.90
N ALA I 69 0.19 0.63 41.06
CA ALA I 69 -1.10 -0.05 41.17
C ALA I 69 -2.25 0.88 40.76
N ALA I 70 -2.21 2.13 41.23
CA ALA I 70 -3.23 3.09 40.85
C ALA I 70 -3.22 3.35 39.34
N SER I 71 -2.02 3.44 38.75
CA SER I 71 -1.89 3.62 37.30
C SER I 71 -2.49 2.45 36.54
N ILE I 72 -2.23 1.24 36.99
CA ILE I 72 -2.76 0.07 36.31
C ILE I 72 -4.28 0.03 36.41
N SER I 73 -4.83 0.32 37.59
CA SER I 73 -6.29 0.35 37.72
C SER I 73 -6.89 1.36 36.75
N THR I 74 -6.27 2.54 36.64
CA THR I 74 -6.80 3.56 35.74
C THR I 74 -6.68 3.14 34.28
N MET I 75 -5.52 2.61 33.87
CA MET I 75 -5.35 2.13 32.49
C MET I 75 -6.40 1.08 32.16
N ARG I 76 -6.66 0.17 33.11
CA ARG I 76 -7.70 -0.83 32.90
C ARG I 76 -9.06 -0.19 32.68
N ALA I 77 -9.41 0.83 33.48
CA ALA I 77 -10.71 1.50 33.28
C ALA I 77 -10.78 2.17 31.91
N LEU I 78 -9.70 2.88 31.53
CA LEU I 78 -9.66 3.53 30.22
C LEU I 78 -9.76 2.51 29.09
N ALA I 79 -9.09 1.37 29.24
CA ALA I 79 -9.16 0.33 28.21
C ALA I 79 -10.57 -0.19 28.07
N ILE I 80 -11.27 -0.36 29.19
CA ILE I 80 -12.67 -0.78 29.13
C ILE I 80 -13.49 0.26 28.38
N LEU I 81 -13.26 1.54 28.68
CA LEU I 81 -13.94 2.63 27.95
C LEU I 81 -13.68 2.54 26.45
N LYS I 82 -12.40 2.40 26.08
CA LYS I 82 -12.05 2.35 24.66
C LYS I 82 -12.68 1.16 23.98
N GLN I 83 -12.64 0.01 24.64
CA GLN I 83 -13.19 -1.18 24.05
C GLN I 83 -14.69 -1.06 23.87
N HIS I 84 -15.36 -0.36 24.78
CA HIS I 84 -16.80 -0.26 24.71
C HIS I 84 -17.23 0.77 23.68
N TYR I 85 -16.43 1.82 23.45
CA TYR I 85 -16.83 2.89 22.56
C TYR I 85 -15.89 3.12 21.38
N GLY I 86 -14.82 2.35 21.26
CA GLY I 86 -13.91 2.47 20.14
C GLY I 86 -12.77 3.48 20.28
N THR I 87 -13.05 4.64 20.89
CA THR I 87 -12.04 5.68 21.03
C THR I 87 -12.25 6.46 22.33
N LEU I 88 -11.14 6.90 22.92
CA LEU I 88 -11.18 7.76 24.10
C LEU I 88 -11.66 9.16 23.79
N GLN I 89 -11.96 9.48 22.53
CA GLN I 89 -12.58 10.76 22.22
C GLN I 89 -13.99 10.87 22.80
N VAL I 90 -14.60 9.76 23.19
CA VAL I 90 -15.94 9.80 23.77
C VAL I 90 -15.93 10.43 25.15
N VAL I 91 -14.78 10.49 25.82
CA VAL I 91 -14.76 10.97 27.19
C VAL I 91 -14.92 12.48 27.17
N GLU I 92 -15.97 12.99 27.82
CA GLU I 92 -16.07 14.42 27.97
C GLU I 92 -15.44 14.90 29.26
N LYS I 93 -15.63 14.17 30.34
CA LYS I 93 -15.09 14.58 31.62
C LYS I 93 -15.13 13.35 32.52
N VAL I 94 -14.14 13.23 33.40
CA VAL I 94 -14.16 12.17 34.42
C VAL I 94 -14.78 12.81 35.66
N LEU I 95 -16.09 12.60 35.87
CA LEU I 95 -16.79 13.32 36.93
C LEU I 95 -16.30 12.91 38.31
N GLN I 96 -16.05 11.63 38.52
CA GLN I 96 -15.72 11.20 39.86
C GLN I 96 -14.77 10.00 39.81
N MET I 97 -13.79 10.02 40.71
CA MET I 97 -12.86 8.92 40.85
C MET I 97 -12.69 8.61 42.34
N ASN I 98 -13.05 7.41 42.75
CA ASN I 98 -12.89 6.99 44.14
C ASN I 98 -11.77 5.96 44.24
N VAL I 99 -10.78 6.26 45.08
CA VAL I 99 -9.55 5.48 45.24
C VAL I 99 -9.54 4.88 46.63
N PHE I 100 -9.51 3.55 46.72
CA PHE I 100 -9.44 2.82 47.99
C PHE I 100 -8.08 2.16 48.08
N ILE I 101 -7.36 2.41 49.17
CA ILE I 101 -5.97 1.98 49.32
C ILE I 101 -5.87 1.03 50.50
N HIS I 102 -5.41 -0.20 50.23
CA HIS I 102 -5.17 -1.25 51.21
C HIS I 102 -3.86 -0.90 51.91
N SER I 103 -3.94 -0.41 53.14
CA SER I 103 -2.77 0.16 53.78
C SER I 103 -2.77 -0.12 55.28
N THR I 104 -1.66 0.23 55.91
CA THR I 104 -1.54 0.20 57.36
C THR I 104 -2.33 1.35 57.98
N ALA I 105 -2.41 1.34 59.30
CA ALA I 105 -3.03 2.44 60.05
C ALA I 105 -2.06 3.62 60.24
N ASP I 106 -0.85 3.54 59.67
CA ASP I 106 0.17 4.58 59.71
C ASP I 106 0.33 5.35 58.42
N PHE I 107 -0.21 4.82 57.34
CA PHE I 107 -0.01 5.41 56.04
C PHE I 107 -0.86 6.67 55.93
N THR I 108 -0.24 7.78 55.57
CA THR I 108 -0.91 9.07 55.48
C THR I 108 -0.76 9.71 54.12
N GLN I 109 -0.25 8.97 53.14
CA GLN I 109 0.02 9.50 51.81
C GLN I 109 -0.98 8.98 50.77
N GLN I 110 -2.26 8.95 51.15
CA GLN I 110 -3.31 8.52 50.24
C GLN I 110 -3.34 9.39 48.99
N SER I 111 -3.09 10.69 49.16
CA SER I 111 -3.12 11.61 48.04
C SER I 111 -2.02 11.31 47.03
N GLU I 112 -0.85 10.94 47.51
CA GLU I 112 0.25 10.63 46.60
C GLU I 112 -0.03 9.33 45.85
N VAL I 113 -0.74 8.39 46.49
CA VAL I 113 -1.18 7.19 45.77
C VAL I 113 -2.16 7.57 44.68
N ALA I 114 -3.16 8.38 45.02
CA ALA I 114 -4.18 8.77 44.05
C ALA I 114 -3.58 9.54 42.87
N ASP I 115 -2.48 10.27 43.12
CA ASP I 115 -1.77 10.93 42.02
C ASP I 115 -1.33 9.95 40.94
N GLY I 116 -1.07 8.69 41.30
CA GLY I 116 -0.79 7.70 40.27
C GLY I 116 -1.93 7.57 39.26
N ALA I 117 -3.17 7.65 39.72
CA ALA I 117 -4.30 7.57 38.80
C ALA I 117 -4.51 8.89 38.08
N SER I 118 -4.48 9.98 38.86
CA SER I 118 -4.71 11.30 38.26
C SER I 118 -3.72 11.58 37.14
N GLU I 119 -2.46 11.19 37.31
CA GLU I 119 -1.46 11.49 36.28
C GLU I 119 -1.71 10.68 35.01
N ILE I 120 -2.16 9.43 35.13
CA ILE I 120 -2.56 8.66 33.94
C ILE I 120 -3.67 9.41 33.22
N LEU I 121 -4.64 9.90 33.98
CA LEU I 121 -5.72 10.66 33.35
C LEU I 121 -5.17 11.89 32.63
N TYR I 122 -4.30 12.65 33.29
CA TYR I 122 -3.81 13.87 32.66
C TYR I 122 -2.98 13.57 31.41
N GLU I 123 -2.04 12.62 31.51
CA GLU I 123 -1.20 12.28 30.36
C GLU I 123 -2.02 11.79 29.17
N ILE I 124 -3.13 11.07 29.41
CA ILE I 124 -3.85 10.53 28.26
C ILE I 124 -4.97 11.47 27.79
N LEU I 125 -5.67 12.16 28.70
CA LEU I 125 -6.82 12.95 28.28
C LEU I 125 -6.58 14.46 28.25
N GLY I 126 -5.47 14.98 28.79
CA GLY I 126 -5.29 16.43 28.84
C GLY I 126 -5.85 17.02 30.13
N SER I 127 -5.45 18.26 30.40
CA SER I 127 -5.98 18.95 31.60
C SER I 127 -7.45 19.33 31.47
N ASP I 128 -8.05 19.28 30.29
CA ASP I 128 -9.47 19.63 30.15
C ASP I 128 -10.33 18.41 30.47
N THR I 129 -10.32 17.43 29.57
CA THR I 129 -11.09 16.21 29.76
C THR I 129 -10.62 15.40 30.97
N GLY I 130 -9.37 15.57 31.38
CA GLY I 130 -8.88 14.82 32.51
C GLY I 130 -9.19 15.37 33.88
N GLN I 131 -9.89 16.50 33.99
CA GLN I 131 -10.23 16.96 35.33
C GLN I 131 -11.25 16.06 35.96
N HIS I 132 -11.13 15.93 37.27
CA HIS I 132 -11.94 14.98 38.02
C HIS I 132 -11.98 15.41 39.47
N THR I 133 -13.12 15.13 40.10
CA THR I 133 -13.19 15.16 41.55
C THR I 133 -12.69 13.81 42.06
N ARG I 134 -12.35 13.75 43.34
CA ARG I 134 -11.59 12.61 43.84
C ARG I 134 -11.82 12.41 45.33
N THR I 135 -11.83 11.14 45.74
CA THR I 135 -11.79 10.78 47.15
C THR I 135 -10.79 9.66 47.30
N SER I 136 -10.02 9.72 48.39
CA SER I 136 -8.90 8.81 48.59
C SER I 136 -8.87 8.42 50.06
N VAL I 137 -9.13 7.13 50.35
CA VAL I 137 -9.19 6.63 51.71
C VAL I 137 -8.45 5.30 51.80
N SER I 138 -8.05 4.95 53.02
CA SER I 138 -7.39 3.69 53.32
C SER I 138 -8.40 2.65 53.78
N VAL I 139 -8.33 1.46 53.19
CA VAL I 139 -9.19 0.36 53.62
C VAL I 139 -8.31 -0.74 54.18
N CYS I 140 -8.92 -1.67 54.90
CA CYS I 140 -8.12 -2.67 55.58
C CYS I 140 -7.78 -3.85 54.69
N GLN I 141 -8.54 -4.08 53.62
CA GLN I 141 -8.22 -5.16 52.70
C GLN I 141 -9.08 -4.98 51.44
N LEU I 142 -8.69 -5.65 50.36
CA LEU I 142 -9.29 -5.51 49.04
C LEU I 142 -9.40 -6.87 48.38
N PRO I 143 -10.22 -7.00 47.33
CA PRO I 143 -10.29 -8.28 46.59
C PRO I 143 -8.92 -8.79 46.17
N LYS I 144 -8.69 -10.09 46.37
CA LYS I 144 -7.46 -10.77 45.96
C LYS I 144 -6.21 -10.12 46.54
N ASN I 145 -6.34 -9.51 47.72
CA ASN I 145 -5.23 -8.87 48.41
C ASN I 145 -4.61 -7.74 47.58
N ALA I 146 -5.37 -7.13 46.67
CA ALA I 146 -4.87 -6.00 45.89
C ALA I 146 -4.50 -4.84 46.80
N SER I 147 -3.66 -3.96 46.28
CA SER I 147 -3.20 -2.81 47.03
C SER I 147 -4.04 -1.56 46.79
N VAL I 148 -4.72 -1.46 45.64
CA VAL I 148 -5.53 -0.31 45.29
C VAL I 148 -6.75 -0.78 44.51
N GLU I 149 -7.89 -0.10 44.71
CA GLU I 149 -9.05 -0.31 43.87
C GLU I 149 -9.70 1.04 43.59
N ILE I 150 -10.12 1.25 42.34
CA ILE I 150 -10.58 2.55 41.91
C ILE I 150 -11.85 2.40 41.08
N ASN I 151 -12.88 3.20 41.40
CA ASN I 151 -14.03 3.27 40.52
C ASN I 151 -14.20 4.68 39.99
N PHE I 152 -15.03 4.81 38.94
CA PHE I 152 -15.15 6.03 38.17
C PHE I 152 -16.60 6.28 37.78
N ILE I 153 -16.94 7.56 37.68
CA ILE I 153 -18.09 8.02 36.92
C ILE I 153 -17.59 8.99 35.86
N VAL I 154 -17.92 8.71 34.60
CA VAL I 154 -17.35 9.40 33.46
C VAL I 154 -18.46 9.98 32.62
N ALA I 155 -18.38 11.26 32.31
CA ALA I 155 -19.35 11.86 31.40
C ALA I 155 -18.96 11.60 29.96
N LEU I 156 -19.95 11.34 29.10
CA LEU I 156 -19.72 11.05 27.70
C LEU I 156 -20.12 12.24 26.83
N LYS I 157 -19.45 12.36 25.69
CA LYS I 157 -19.79 13.33 24.66
C LYS I 157 -21.00 12.87 23.84
N GLN I 158 -21.82 13.84 23.44
CA GLN I 158 -22.95 13.58 22.54
C GLN I 158 -22.48 12.98 21.22
#